data_4KCA
#
_entry.id   4KCA
#
_cell.length_a   99.909
_cell.length_b   114.318
_cell.length_c   167.201
_cell.angle_alpha   90.00
_cell.angle_beta   90.00
_cell.angle_gamma   90.00
#
_symmetry.space_group_name_H-M   'P 21 21 21'
#
loop_
_entity.id
_entity.type
_entity.pdbx_description
1 polymer Endo-1,5-alpha-L-arabinanase
2 non-polymer 'IODIDE ION'
3 non-polymer GLYCEROL
4 non-polymer 'SODIUM ION'
5 water water
#
_entity_poly.entity_id   1
_entity_poly.type   'polypeptide(L)'
_entity_poly.pdbx_seq_one_letter_code
;MSDKIIHLTDDSFDTDVLKADGAILVDFWAEWCGPCKMIAPILDEIADEYQGKLTVAKLNIDQNPGTAPKYGIRGIPTLL
LFKNGEVAATKVGALSKGQLKEFLDANLAGSGSGPSTYELKRVSVHDPSIVWDPSSKTYYIFGSHRAAAKTTDLMSWTAF
TAPWKTATSNNAANNVAFETPAVKKVKKGGVDVDFPAFSATKWSAKGGSGYSVDGNMWAPDVIYNKVLKKWCMYLSINGN
AWYSSIILLTADNIEGPYLYQGPVVIGGFKNGTEYKETDFELVLGPQSSLPERYATGGKWGDRYPNNIDPCVFYDEEGKL
WMTYGSWSGGIWMIELDENTGLRDYDVTYELTGSGNGITVDPYFGKKIAGGYYVSGEASYIEYIGGYYFLFVTYGGLAAG
GVASDYNNGGYQMRVFRSEKPDGPYLDARGTDAVFASYKLDFGPDANDNRGVNIFGAYGDWGNQTKGKNSERSQGHNSII
AAEDGRTYLVYHTRFQNRGEEHEVRVHQVFQNEDGWLVAAPFEYTGETVKSADIATSQQVPTNKIAGSYKLLTHPFKLDH
RVKELAKPVDIELNADGTITGSTTGTWSVKEGTSYITINLDKEYKGVIVEQTLEPTSDKAFVFTALNRNGVTIWGYKPIE
STGIRDAKAGIQQAERIYDLSGRLVTTPLQKGIYIRNGKKYVHPLEHHHHHH
;
_entity_poly.pdbx_strand_id   A,B
#
loop_
_chem_comp.id
_chem_comp.type
_chem_comp.name
_chem_comp.formula
GOL non-polymer GLYCEROL 'C3 H8 O3'
IOD non-polymer 'IODIDE ION' 'I -1'
NA non-polymer 'SODIUM ION' 'Na 1'
#
# COMPACT_ATOMS: atom_id res chain seq x y z
N ILE A 5 65.09 7.37 3.18
CA ILE A 5 65.27 7.37 1.70
C ILE A 5 66.39 6.43 1.33
N ILE A 6 66.10 5.53 0.38
CA ILE A 6 67.08 4.57 -0.11
C ILE A 6 67.93 5.17 -1.24
N HIS A 7 69.20 5.45 -0.97
CA HIS A 7 70.04 5.98 -2.04
C HIS A 7 70.64 4.82 -2.87
N LEU A 8 70.01 4.56 -4.02
CA LEU A 8 70.30 3.46 -4.97
C LEU A 8 71.62 3.57 -5.75
N THR A 9 71.94 2.49 -6.48
CA THR A 9 72.97 2.46 -7.54
C THR A 9 72.39 1.68 -8.72
N ASP A 10 73.10 1.59 -9.83
CA ASP A 10 72.51 0.98 -11.03
C ASP A 10 72.46 -0.55 -10.96
N ASP A 11 73.41 -1.14 -10.25
CA ASP A 11 73.42 -2.59 -10.01
C ASP A 11 72.31 -2.97 -9.01
N SER A 12 72.20 -2.16 -7.95
CA SER A 12 71.19 -2.31 -6.88
C SER A 12 69.72 -1.99 -7.30
N PHE A 13 69.54 -1.56 -8.55
CA PHE A 13 68.24 -1.10 -9.05
C PHE A 13 67.28 -2.28 -9.29
N ASP A 14 67.82 -3.39 -9.80
CA ASP A 14 67.00 -4.54 -10.14
C ASP A 14 66.33 -5.16 -8.90
N THR A 15 67.08 -5.30 -7.80
CA THR A 15 66.48 -5.79 -6.55
C THR A 15 65.60 -4.72 -5.90
N ASP A 16 66.18 -3.55 -5.62
CA ASP A 16 65.52 -2.51 -4.84
C ASP A 16 64.26 -1.86 -5.44
N VAL A 17 64.04 -2.04 -6.73
CA VAL A 17 62.99 -1.29 -7.43
C VAL A 17 62.11 -2.19 -8.29
N LEU A 18 62.73 -3.03 -9.11
CA LEU A 18 61.94 -3.97 -9.91
C LEU A 18 61.45 -5.20 -9.07
N LYS A 19 62.17 -5.55 -8.01
CA LYS A 19 61.76 -6.59 -7.05
C LYS A 19 61.32 -5.94 -5.74
N ALA A 20 60.34 -5.05 -5.83
CA ALA A 20 59.86 -4.36 -4.65
C ALA A 20 58.42 -4.76 -4.38
N ASP A 21 58.10 -4.87 -3.10
CA ASP A 21 56.71 -5.02 -2.65
C ASP A 21 56.25 -3.64 -2.17
N GLY A 22 55.17 -3.13 -2.77
CA GLY A 22 54.70 -1.78 -2.48
C GLY A 22 55.20 -0.80 -3.53
N ALA A 23 54.58 0.38 -3.59
CA ALA A 23 54.96 1.37 -4.59
C ALA A 23 56.31 2.02 -4.27
N ILE A 24 57.12 2.21 -5.31
CA ILE A 24 58.40 2.89 -5.12
C ILE A 24 58.46 4.17 -5.97
N LEU A 25 58.79 5.30 -5.34
CA LEU A 25 58.95 6.59 -6.05
C LEU A 25 60.44 6.86 -6.29
N VAL A 26 60.87 6.80 -7.53
CA VAL A 26 62.30 7.05 -7.79
C VAL A 26 62.57 8.49 -8.26
N ASP A 27 63.58 9.13 -7.65
CA ASP A 27 64.10 10.46 -8.05
C ASP A 27 65.46 10.34 -8.76
N PHE A 28 65.44 10.56 -10.08
CA PHE A 28 66.65 10.57 -10.89
C PHE A 28 67.19 12.02 -10.89
N TRP A 29 68.39 12.22 -10.36
CA TRP A 29 68.90 13.56 -10.12
C TRP A 29 70.38 13.64 -10.51
N ALA A 30 70.93 14.86 -10.57
CA ALA A 30 72.37 15.00 -10.81
C ALA A 30 72.89 16.24 -10.13
N GLU A 31 74.20 16.37 -10.08
CA GLU A 31 74.86 17.44 -9.34
C GLU A 31 74.62 18.85 -9.90
N TRP A 32 74.68 19.00 -11.23
CA TRP A 32 74.55 20.34 -11.83
C TRP A 32 73.11 20.62 -12.17
N CYS A 33 72.26 20.60 -11.16
CA CYS A 33 70.85 20.75 -11.36
C CYS A 33 70.25 21.47 -10.14
N GLY A 34 70.02 22.78 -10.28
CA GLY A 34 69.33 23.57 -9.25
C GLY A 34 68.00 22.96 -8.81
N PRO A 35 67.11 22.61 -9.76
CA PRO A 35 65.81 22.05 -9.40
C PRO A 35 65.90 20.71 -8.60
N CYS A 36 66.95 19.92 -8.82
CA CYS A 36 67.13 18.65 -8.06
C CYS A 36 67.33 18.97 -6.58
N LYS A 37 68.14 19.98 -6.30
CA LYS A 37 68.34 20.47 -4.95
C LYS A 37 67.09 21.13 -4.31
N MET A 38 66.22 21.77 -5.12
CA MET A 38 64.96 22.35 -4.61
C MET A 38 64.06 21.21 -4.07
N ILE A 39 63.99 20.09 -4.80
CA ILE A 39 63.05 19.02 -4.49
C ILE A 39 63.58 18.10 -3.38
N ALA A 40 64.89 18.14 -3.12
CA ALA A 40 65.50 17.20 -2.17
C ALA A 40 64.81 17.19 -0.77
N PRO A 41 64.73 18.36 -0.10
CA PRO A 41 63.99 18.43 1.18
C PRO A 41 62.48 18.07 1.11
N ILE A 42 61.87 18.25 -0.05
CA ILE A 42 60.44 17.90 -0.19
C ILE A 42 60.30 16.39 -0.18
N LEU A 43 61.23 15.70 -0.85
CA LEU A 43 61.30 14.24 -0.85
C LEU A 43 61.56 13.64 0.54
N ASP A 44 62.33 14.35 1.35
CA ASP A 44 62.58 13.99 2.74
C ASP A 44 61.26 13.88 3.49
N GLU A 45 60.53 14.99 3.51
CA GLU A 45 59.25 15.08 4.20
C GLU A 45 58.24 14.06 3.70
N ILE A 46 58.16 13.86 2.38
CA ILE A 46 57.26 12.86 1.78
C ILE A 46 57.58 11.43 2.24
N ALA A 47 58.86 11.14 2.43
CA ALA A 47 59.29 9.83 2.98
C ALA A 47 58.72 9.60 4.40
N ASP A 48 58.63 10.66 5.20
CA ASP A 48 58.04 10.61 6.56
C ASP A 48 56.52 10.45 6.53
N GLU A 49 55.84 11.37 5.86
CA GLU A 49 54.38 11.42 5.78
C GLU A 49 53.79 10.21 5.02
N TYR A 50 54.54 9.62 4.11
CA TYR A 50 54.02 8.45 3.36
C TYR A 50 54.59 7.07 3.74
N GLN A 51 55.27 6.99 4.89
CA GLN A 51 55.85 5.72 5.40
C GLN A 51 55.02 4.47 5.17
N GLY A 52 53.71 4.57 5.45
CA GLY A 52 52.80 3.43 5.37
C GLY A 52 52.70 2.77 4.00
N LYS A 53 52.65 3.58 2.95
CA LYS A 53 52.24 3.10 1.63
C LYS A 53 53.28 3.23 0.49
N LEU A 54 54.46 3.79 0.79
CA LEU A 54 55.41 4.10 -0.28
C LEU A 54 56.87 4.10 0.17
N THR A 55 57.76 3.64 -0.70
CA THR A 55 59.19 3.83 -0.46
C THR A 55 59.73 4.91 -1.42
N VAL A 56 60.57 5.81 -0.88
CA VAL A 56 61.22 6.86 -1.70
C VAL A 56 62.70 6.52 -1.95
N ALA A 57 63.08 6.40 -3.23
CA ALA A 57 64.47 6.12 -3.61
C ALA A 57 65.09 7.20 -4.55
N LYS A 58 66.43 7.32 -4.51
CA LYS A 58 67.18 8.27 -5.36
C LYS A 58 68.27 7.58 -6.17
N LEU A 59 68.39 7.93 -7.44
CA LEU A 59 69.48 7.48 -8.29
C LEU A 59 70.22 8.71 -8.85
N ASN A 60 71.42 8.98 -8.33
CA ASN A 60 72.29 9.99 -8.93
C ASN A 60 72.79 9.49 -10.27
N ILE A 61 72.31 10.14 -11.34
CA ILE A 61 72.61 9.67 -12.69
C ILE A 61 74.07 9.92 -13.13
N ASP A 62 74.83 10.70 -12.38
CA ASP A 62 76.25 10.94 -12.73
C ASP A 62 77.12 9.71 -12.43
N GLN A 63 76.86 9.08 -11.29
CA GLN A 63 77.48 7.79 -10.94
C GLN A 63 76.90 6.63 -11.71
N ASN A 64 75.63 6.76 -12.08
CA ASN A 64 74.85 5.64 -12.52
C ASN A 64 74.23 5.84 -13.90
N PRO A 65 75.08 5.80 -14.94
CA PRO A 65 74.65 6.04 -16.33
C PRO A 65 73.76 4.96 -16.95
N GLY A 66 73.68 3.79 -16.30
CA GLY A 66 72.98 2.63 -16.85
C GLY A 66 71.47 2.75 -16.82
N THR A 67 70.93 3.04 -15.63
CA THR A 67 69.47 2.95 -15.39
C THR A 67 68.58 3.87 -16.24
N ALA A 68 68.88 5.17 -16.20
CA ALA A 68 68.01 6.21 -16.79
C ALA A 68 67.65 6.06 -18.28
N PRO A 69 68.63 5.73 -19.15
CA PRO A 69 68.24 5.71 -20.57
C PRO A 69 67.21 4.60 -20.94
N LYS A 70 67.06 3.60 -20.07
CA LYS A 70 66.08 2.54 -20.28
C LYS A 70 64.65 3.06 -20.09
N TYR A 71 64.52 4.05 -19.21
CA TYR A 71 63.21 4.62 -18.90
C TYR A 71 62.92 5.92 -19.65
N GLY A 72 63.76 6.26 -20.62
CA GLY A 72 63.54 7.43 -21.48
C GLY A 72 63.67 8.74 -20.71
N ILE A 73 64.43 8.73 -19.61
CA ILE A 73 64.61 9.91 -18.78
C ILE A 73 65.42 10.97 -19.51
N ARG A 74 64.88 12.18 -19.48
CA ARG A 74 65.43 13.32 -20.17
C ARG A 74 65.62 14.46 -19.18
N GLY A 75 64.61 15.32 -19.02
CA GLY A 75 64.71 16.44 -18.07
C GLY A 75 64.85 15.92 -16.66
N ILE A 76 65.60 16.62 -15.84
CA ILE A 76 65.73 16.22 -14.44
C ILE A 76 65.36 17.37 -13.45
N PRO A 77 64.91 17.06 -12.21
CA PRO A 77 64.73 15.71 -11.64
C PRO A 77 63.56 15.04 -12.35
N THR A 78 63.61 13.72 -12.49
CA THR A 78 62.45 12.98 -12.98
C THR A 78 62.03 12.07 -11.84
N LEU A 79 60.73 12.06 -11.58
CA LEU A 79 60.15 11.22 -10.55
C LEU A 79 59.40 10.10 -11.22
N LEU A 80 59.79 8.86 -10.93
CA LEU A 80 59.12 7.68 -11.46
C LEU A 80 58.44 6.91 -10.31
N LEU A 81 57.15 6.62 -10.46
CA LEU A 81 56.47 5.78 -9.47
C LEU A 81 56.42 4.37 -10.07
N PHE A 82 57.13 3.43 -9.44
CA PHE A 82 57.07 2.01 -9.85
C PHE A 82 56.05 1.22 -9.02
N LYS A 83 55.30 0.38 -9.71
CA LYS A 83 54.36 -0.56 -9.08
C LYS A 83 54.78 -2.01 -9.36
N ASN A 84 55.40 -2.66 -8.37
CA ASN A 84 55.97 -4.01 -8.52
C ASN A 84 56.95 -4.10 -9.69
N GLY A 85 57.77 -3.07 -9.88
CA GLY A 85 58.73 -3.06 -10.99
C GLY A 85 58.19 -2.82 -12.40
N GLU A 86 57.12 -2.04 -12.51
CA GLU A 86 56.78 -1.37 -13.78
C GLU A 86 56.42 0.12 -13.49
N VAL A 87 56.40 0.97 -14.51
CA VAL A 87 56.20 2.42 -14.31
C VAL A 87 54.71 2.75 -14.30
N ALA A 88 54.21 3.11 -13.12
CA ALA A 88 52.79 3.48 -12.98
C ALA A 88 52.52 4.91 -13.44
N ALA A 89 53.42 5.84 -13.12
CA ALA A 89 53.25 7.26 -13.49
C ALA A 89 54.60 7.95 -13.52
N THR A 90 54.70 9.04 -14.27
CA THR A 90 55.95 9.82 -14.26
C THR A 90 55.69 11.34 -14.10
N LYS A 91 56.59 12.06 -13.42
CA LYS A 91 56.56 13.54 -13.35
C LYS A 91 57.99 14.07 -13.47
N VAL A 92 58.13 15.21 -14.15
CA VAL A 92 59.45 15.84 -14.38
C VAL A 92 59.45 17.24 -13.73
N GLY A 93 60.46 17.54 -12.93
CA GLY A 93 60.70 18.89 -12.46
C GLY A 93 60.54 19.05 -10.95
N ALA A 94 60.84 20.24 -10.44
CA ALA A 94 60.86 20.50 -9.01
C ALA A 94 59.44 20.78 -8.54
N LEU A 95 58.64 19.73 -8.41
CA LEU A 95 57.28 19.90 -7.87
C LEU A 95 57.30 20.52 -6.46
N SER A 96 56.23 21.25 -6.13
CA SER A 96 56.00 21.66 -4.75
C SER A 96 55.48 20.47 -3.94
N LYS A 97 55.64 20.55 -2.62
CA LYS A 97 55.00 19.58 -1.71
C LYS A 97 53.54 19.28 -2.10
N GLY A 98 52.76 20.33 -2.35
CA GLY A 98 51.33 20.20 -2.67
C GLY A 98 51.09 19.39 -3.94
N GLN A 99 51.88 19.68 -4.98
CA GLN A 99 51.75 18.97 -6.25
C GLN A 99 52.17 17.50 -6.14
N LEU A 100 53.22 17.21 -5.36
CA LEU A 100 53.70 15.85 -5.13
C LEU A 100 52.64 14.99 -4.41
N LYS A 101 52.13 15.54 -3.31
CA LYS A 101 50.98 14.95 -2.58
C LYS A 101 49.78 14.69 -3.47
N GLU A 102 49.38 15.67 -4.27
CA GLU A 102 48.29 15.44 -5.24
C GLU A 102 48.60 14.32 -6.21
N PHE A 103 49.85 14.28 -6.67
CA PHE A 103 50.32 13.26 -7.61
C PHE A 103 50.28 11.87 -6.98
N LEU A 104 50.74 11.78 -5.73
CA LEU A 104 50.81 10.49 -5.04
C LEU A 104 49.39 10.03 -4.68
N ASP A 105 48.58 10.92 -4.13
CA ASP A 105 47.20 10.60 -3.75
C ASP A 105 46.40 10.02 -4.94
N ALA A 106 46.59 10.59 -6.14
CA ALA A 106 45.91 10.13 -7.35
C ALA A 106 46.44 8.80 -7.91
N ASN A 107 47.65 8.38 -7.52
CA ASN A 107 48.26 7.19 -8.10
C ASN A 107 48.48 6.05 -7.12
N LEU A 108 48.21 6.31 -5.84
CA LEU A 108 48.25 5.25 -4.83
C LEU A 108 46.80 4.82 -4.55
N ALA A 109 46.54 3.52 -4.40
CA ALA A 109 45.18 3.08 -4.05
C ALA A 109 44.93 3.37 -2.57
N GLY A 110 43.66 3.52 -2.20
CA GLY A 110 43.32 3.74 -0.79
C GLY A 110 43.26 5.18 -0.31
N SER A 111 43.25 6.15 -1.25
CA SER A 111 43.18 7.60 -0.91
C SER A 111 41.76 8.15 -0.73
N GLY A 112 40.74 7.35 -1.06
CA GLY A 112 39.36 7.79 -0.92
C GLY A 112 38.87 8.66 -2.08
N SER A 113 37.75 9.36 -1.84
CA SER A 113 37.08 10.20 -2.84
C SER A 113 37.77 11.54 -3.20
N GLY A 114 38.67 12.05 -2.34
CA GLY A 114 39.39 13.32 -2.56
C GLY A 114 39.96 13.54 -3.97
N PRO A 115 40.84 12.63 -4.43
CA PRO A 115 41.51 12.76 -5.74
C PRO A 115 40.59 12.53 -6.96
N SER A 116 39.37 12.04 -6.73
CA SER A 116 38.46 11.80 -7.85
C SER A 116 38.10 13.11 -8.56
N THR A 117 37.97 13.06 -9.89
CA THR A 117 37.65 14.25 -10.66
C THR A 117 36.21 14.23 -11.17
N TYR A 118 35.36 13.40 -10.59
CA TYR A 118 33.93 13.46 -10.90
C TYR A 118 33.22 13.60 -9.58
N GLU A 119 31.93 13.90 -9.61
CA GLU A 119 31.11 14.01 -8.40
C GLU A 119 29.77 13.29 -8.65
N LEU A 120 29.36 12.38 -7.76
CA LEU A 120 28.03 11.77 -7.89
C LEU A 120 27.10 12.57 -7.02
N LYS A 121 26.20 13.32 -7.63
CA LYS A 121 25.22 14.03 -6.83
C LYS A 121 23.93 13.29 -7.09
N ARG A 122 23.35 12.76 -6.02
CA ARG A 122 22.22 11.81 -6.13
C ARG A 122 20.91 12.52 -6.28
N VAL A 123 19.96 11.89 -6.95
CA VAL A 123 18.56 12.35 -6.93
C VAL A 123 17.65 11.14 -6.67
N SER A 124 16.45 11.40 -6.18
CA SER A 124 15.46 10.32 -5.94
C SER A 124 14.33 10.54 -6.95
N VAL A 125 14.33 9.75 -8.01
CA VAL A 125 13.30 9.86 -9.03
C VAL A 125 12.83 8.42 -9.13
N HIS A 126 11.61 8.14 -8.66
CA HIS A 126 11.14 6.77 -8.70
C HIS A 126 10.68 6.46 -10.15
N ASP A 127 10.99 5.26 -10.65
CA ASP A 127 10.63 4.84 -12.01
C ASP A 127 11.20 5.76 -13.12
N PRO A 128 12.54 6.00 -13.13
CA PRO A 128 13.17 6.96 -14.03
C PRO A 128 13.13 6.53 -15.52
N SER A 129 12.62 7.39 -16.41
CA SER A 129 12.74 7.18 -17.88
C SER A 129 13.68 8.20 -18.45
N ILE A 130 14.74 7.71 -19.08
CA ILE A 130 15.81 8.58 -19.59
C ILE A 130 15.51 9.05 -21.01
N VAL A 131 15.89 10.29 -21.32
CA VAL A 131 15.75 10.81 -22.69
C VAL A 131 16.82 11.87 -22.95
N TRP A 132 17.34 11.90 -24.17
CA TRP A 132 18.37 12.88 -24.55
C TRP A 132 17.73 14.09 -25.22
N ASP A 133 18.07 15.30 -24.75
CA ASP A 133 17.67 16.53 -25.48
C ASP A 133 18.88 17.04 -26.29
N PRO A 134 18.86 16.84 -27.61
CA PRO A 134 19.99 17.25 -28.45
C PRO A 134 20.19 18.79 -28.49
N SER A 135 19.13 19.56 -28.27
CA SER A 135 19.27 21.02 -28.28
C SER A 135 20.13 21.56 -27.14
N SER A 136 20.18 20.88 -26.00
CA SER A 136 20.98 21.39 -24.88
C SER A 136 22.09 20.41 -24.48
N LYS A 137 22.21 19.30 -25.21
CA LYS A 137 23.13 18.19 -24.92
C LYS A 137 22.97 17.79 -23.44
N THR A 138 21.74 17.55 -23.04
CA THR A 138 21.45 17.26 -21.64
C THR A 138 20.57 16.01 -21.60
N TYR A 139 20.79 15.15 -20.59
CA TYR A 139 19.94 13.98 -20.41
C TYR A 139 18.93 14.37 -19.34
N TYR A 140 17.72 13.88 -19.52
CA TYR A 140 16.61 14.13 -18.58
C TYR A 140 16.07 12.78 -18.11
N ILE A 141 15.63 12.72 -16.86
CA ILE A 141 14.80 11.58 -16.49
C ILE A 141 13.51 12.09 -15.95
N PHE A 142 12.43 11.36 -16.21
CA PHE A 142 11.14 11.68 -15.64
C PHE A 142 10.65 10.47 -14.89
N GLY A 143 10.05 10.70 -13.72
CA GLY A 143 9.58 9.60 -12.91
C GLY A 143 8.17 9.82 -12.36
N SER A 144 7.77 8.92 -11.48
CA SER A 144 6.46 9.05 -10.84
C SER A 144 6.36 10.29 -9.95
N HIS A 145 5.13 10.67 -9.66
CA HIS A 145 4.83 11.77 -8.73
C HIS A 145 5.48 13.11 -9.20
N ARG A 146 5.59 13.28 -10.51
CA ARG A 146 6.15 14.47 -11.14
C ARG A 146 7.63 14.75 -10.83
N ALA A 147 8.32 13.73 -10.37
CA ALA A 147 9.77 13.82 -10.14
C ALA A 147 10.46 13.91 -11.50
N ALA A 148 11.50 14.74 -11.60
CA ALA A 148 12.26 14.84 -12.88
C ALA A 148 13.66 15.36 -12.53
N ALA A 149 14.65 15.08 -13.36
CA ALA A 149 16.01 15.57 -13.05
C ALA A 149 16.76 15.63 -14.34
N LYS A 150 17.91 16.32 -14.32
CA LYS A 150 18.68 16.44 -15.55
C LYS A 150 20.15 16.38 -15.22
N THR A 151 20.94 16.02 -16.20
CA THR A 151 22.40 15.93 -16.01
C THR A 151 23.10 16.08 -17.36
N THR A 152 24.35 16.50 -17.34
CA THR A 152 25.11 16.47 -18.58
C THR A 152 26.16 15.38 -18.54
N ASP A 153 26.41 14.77 -17.39
CA ASP A 153 27.49 13.78 -17.31
C ASP A 153 27.06 12.41 -16.78
N LEU A 154 25.78 12.27 -16.42
CA LEU A 154 25.16 11.04 -15.89
C LEU A 154 25.63 10.68 -14.47
N MET A 155 26.26 11.65 -13.80
CA MET A 155 26.81 11.43 -12.49
C MET A 155 26.24 12.44 -11.52
N SER A 156 26.16 13.71 -11.92
CA SER A 156 25.62 14.78 -11.06
C SER A 156 24.26 15.18 -11.62
N TRP A 157 23.20 14.95 -10.86
CA TRP A 157 21.89 15.24 -11.33
C TRP A 157 21.32 16.43 -10.58
N THR A 158 20.40 17.12 -11.23
CA THR A 158 19.72 18.25 -10.62
C THR A 158 18.23 18.05 -10.83
N ALA A 159 17.48 18.06 -9.74
CA ALA A 159 16.06 17.84 -9.77
C ALA A 159 15.28 19.13 -10.14
N PHE A 160 14.14 18.97 -10.81
CA PHE A 160 13.27 20.10 -11.12
C PHE A 160 11.85 19.55 -11.31
N THR A 161 10.86 20.43 -11.47
CA THR A 161 9.48 19.98 -11.79
C THR A 161 9.02 20.61 -13.12
N ALA A 162 8.44 19.82 -14.02
CA ALA A 162 7.81 20.36 -15.24
C ALA A 162 6.36 20.78 -14.95
N PRO A 163 6.00 22.06 -15.21
CA PRO A 163 4.61 22.46 -14.94
C PRO A 163 3.60 21.81 -15.91
N TRP A 164 2.34 21.72 -15.47
CA TRP A 164 1.25 21.46 -16.37
C TRP A 164 0.66 22.77 -16.91
N LYS A 165 0.17 22.67 -18.13
CA LYS A 165 -0.54 23.78 -18.81
C LYS A 165 -2.02 23.35 -19.00
N THR A 166 -2.95 24.30 -18.89
CA THR A 166 -4.33 24.07 -19.36
C THR A 166 -4.70 25.25 -20.26
N ALA A 167 -5.93 25.26 -20.79
CA ALA A 167 -6.42 26.43 -21.56
C ALA A 167 -6.19 27.76 -20.85
N THR A 168 -6.36 27.79 -19.53
CA THR A 168 -6.27 29.04 -18.78
C THR A 168 -5.14 29.19 -17.76
N SER A 169 -4.16 28.29 -17.72
CA SER A 169 -3.04 28.46 -16.79
C SER A 169 -1.79 27.86 -17.37
N ASN A 170 -0.64 28.48 -17.09
CA ASN A 170 0.64 27.89 -17.45
C ASN A 170 1.29 27.09 -16.35
N ASN A 171 0.59 26.92 -15.24
CA ASN A 171 1.11 26.20 -14.10
C ASN A 171 -0.09 25.58 -13.40
N ALA A 172 -0.78 24.66 -14.07
CA ALA A 172 -2.07 24.17 -13.56
C ALA A 172 -1.96 23.14 -12.42
N ALA A 173 -3.02 23.04 -11.61
CA ALA A 173 -3.12 22.05 -10.51
C ALA A 173 -3.28 20.63 -11.11
N ASN A 174 -2.83 19.60 -10.38
CA ASN A 174 -3.04 18.20 -10.82
C ASN A 174 -4.51 17.90 -11.04
N ASN A 175 -5.38 18.47 -10.20
CA ASN A 175 -6.78 18.05 -10.29
C ASN A 175 -7.55 18.71 -11.45
N VAL A 176 -6.88 19.56 -12.21
CA VAL A 176 -7.49 20.11 -13.41
C VAL A 176 -6.69 19.75 -14.70
N ALA A 177 -5.46 19.26 -14.53
CA ALA A 177 -4.54 19.05 -15.69
C ALA A 177 -4.96 17.91 -16.66
N PHE A 178 -5.78 16.98 -16.19
CA PHE A 178 -6.10 15.78 -17.01
C PHE A 178 -7.58 15.61 -17.24
N GLU A 179 -8.32 16.70 -17.25
CA GLU A 179 -9.78 16.64 -17.33
C GLU A 179 -10.36 16.77 -18.74
N THR A 180 -9.75 17.60 -19.56
CA THR A 180 -10.28 17.96 -20.91
C THR A 180 -9.21 17.82 -21.98
N PRO A 181 -9.33 16.79 -22.85
CA PRO A 181 -8.36 16.60 -23.94
C PRO A 181 -8.32 17.82 -24.86
N ALA A 182 -7.13 18.23 -25.28
CA ALA A 182 -6.96 19.27 -26.31
C ALA A 182 -7.43 18.71 -27.67
N VAL A 183 -7.31 17.40 -27.87
CA VAL A 183 -7.71 16.78 -29.14
C VAL A 183 -9.22 16.47 -29.18
N LYS A 184 -9.90 16.90 -30.25
CA LYS A 184 -11.38 16.77 -30.35
C LYS A 184 -11.80 15.74 -31.41
N LYS A 185 -10.90 15.47 -32.35
CA LYS A 185 -11.15 14.58 -33.48
C LYS A 185 -9.84 13.83 -33.75
N VAL A 186 -9.96 12.58 -34.15
CA VAL A 186 -8.78 11.82 -34.65
C VAL A 186 -9.14 11.29 -36.04
N LYS A 187 -8.14 10.79 -36.76
CA LYS A 187 -8.39 10.21 -38.07
C LYS A 187 -8.65 8.71 -37.99
N LYS A 188 -9.68 8.25 -38.68
CA LYS A 188 -9.87 6.81 -38.82
C LYS A 188 -10.48 6.59 -40.20
N GLY A 189 -9.80 5.82 -41.04
CA GLY A 189 -10.31 5.64 -42.40
C GLY A 189 -10.28 6.71 -43.49
N GLY A 190 -9.27 7.56 -43.67
CA GLY A 190 -8.82 8.61 -42.83
C GLY A 190 -9.77 9.83 -43.04
N VAL A 191 -10.87 9.79 -42.27
CA VAL A 191 -11.76 10.95 -42.05
C VAL A 191 -11.79 11.21 -40.55
N ASP A 192 -12.27 12.37 -40.17
CA ASP A 192 -12.31 12.81 -38.80
C ASP A 192 -13.40 12.02 -38.11
N VAL A 193 -13.11 11.61 -36.89
CA VAL A 193 -14.11 10.93 -36.03
C VAL A 193 -14.01 11.61 -34.66
N ASP A 194 -15.15 11.75 -33.97
CA ASP A 194 -15.22 12.41 -32.66
C ASP A 194 -14.35 11.60 -31.67
N PHE A 195 -13.51 12.30 -30.92
CA PHE A 195 -12.60 11.67 -29.95
C PHE A 195 -13.23 11.99 -28.58
N PRO A 196 -13.31 11.02 -27.65
CA PRO A 196 -14.04 11.27 -26.39
C PRO A 196 -13.47 12.41 -25.55
N ALA A 197 -14.34 13.18 -24.88
CA ALA A 197 -13.89 14.22 -23.94
C ALA A 197 -13.56 13.50 -22.61
N PHE A 198 -12.48 12.71 -22.63
CA PHE A 198 -12.18 11.81 -21.53
C PHE A 198 -11.47 12.51 -20.37
N SER A 199 -12.07 12.46 -19.18
CA SER A 199 -11.39 12.95 -17.97
C SER A 199 -10.65 11.77 -17.30
N ALA A 200 -9.32 11.79 -17.32
CA ALA A 200 -8.58 10.66 -16.78
C ALA A 200 -8.81 10.51 -15.28
N THR A 201 -9.03 11.61 -14.57
CA THR A 201 -9.19 11.49 -13.13
C THR A 201 -10.59 11.06 -12.76
N LYS A 202 -11.59 11.49 -13.51
CA LYS A 202 -12.95 10.96 -13.26
C LYS A 202 -12.98 9.43 -13.51
N TRP A 203 -12.30 9.00 -14.56
CA TRP A 203 -12.28 7.56 -14.87
C TRP A 203 -11.62 6.74 -13.72
N SER A 204 -10.44 7.17 -13.27
CA SER A 204 -9.73 6.38 -12.20
C SER A 204 -10.49 6.43 -10.93
N ALA A 205 -11.28 7.50 -10.73
CA ALA A 205 -12.09 7.62 -9.49
C ALA A 205 -13.17 6.55 -9.41
N LYS A 206 -13.47 5.90 -10.53
CA LYS A 206 -14.55 4.86 -10.56
C LYS A 206 -14.13 3.64 -9.76
N GLY A 207 -12.84 3.47 -9.57
CA GLY A 207 -12.34 2.30 -8.84
C GLY A 207 -12.49 2.35 -7.32
N GLY A 208 -12.90 3.49 -6.78
CA GLY A 208 -12.88 3.59 -5.32
C GLY A 208 -13.72 4.72 -4.80
N SER A 209 -13.44 5.12 -3.55
CA SER A 209 -14.12 6.25 -2.91
C SER A 209 -13.07 7.28 -2.49
N GLY A 210 -13.39 8.56 -2.57
CA GLY A 210 -12.46 9.63 -2.13
C GLY A 210 -11.16 9.66 -2.95
N TYR A 211 -11.28 9.45 -4.24
CA TYR A 211 -10.11 9.41 -5.11
C TYR A 211 -9.31 10.74 -5.13
N SER A 212 -7.98 10.66 -5.10
CA SER A 212 -7.18 11.85 -5.42
C SER A 212 -6.08 11.46 -6.40
N VAL A 213 -5.90 12.27 -7.47
CA VAL A 213 -4.80 11.96 -8.44
C VAL A 213 -3.38 12.20 -7.86
N ASP A 214 -3.29 12.88 -6.73
CA ASP A 214 -1.97 13.34 -6.28
C ASP A 214 -0.93 12.24 -6.08
N GLY A 215 -1.35 11.07 -5.61
CA GLY A 215 -0.41 9.93 -5.49
C GLY A 215 -0.52 8.89 -6.60
N ASN A 216 -1.18 9.26 -7.69
CA ASN A 216 -1.53 8.33 -8.80
C ASN A 216 -1.00 8.72 -10.20
N MET A 217 0.00 9.61 -10.23
CA MET A 217 0.62 10.01 -11.51
C MET A 217 1.88 9.21 -11.61
N TRP A 218 1.87 8.14 -12.43
CA TRP A 218 2.95 7.15 -12.32
C TRP A 218 3.72 6.99 -13.61
N ALA A 219 5.02 6.79 -13.48
CA ALA A 219 5.86 6.13 -14.50
C ALA A 219 5.74 6.71 -15.92
N PRO A 220 5.98 8.03 -16.08
CA PRO A 220 5.87 8.63 -17.41
C PRO A 220 6.99 8.11 -18.32
N ASP A 221 6.77 8.17 -19.61
CA ASP A 221 7.87 8.07 -20.59
C ASP A 221 7.82 9.33 -21.49
N VAL A 222 8.98 9.91 -21.80
CA VAL A 222 9.02 11.17 -22.52
C VAL A 222 9.82 10.90 -23.79
N ILE A 223 9.31 11.35 -24.94
CA ILE A 223 9.96 11.10 -26.23
C ILE A 223 9.68 12.31 -27.13
N TYR A 224 10.64 12.63 -27.99
CA TYR A 224 10.46 13.67 -28.98
C TYR A 224 9.74 13.09 -30.20
N ASN A 225 8.57 13.65 -30.53
CA ASN A 225 7.85 13.24 -31.69
C ASN A 225 8.36 14.07 -32.88
N LYS A 226 8.97 13.37 -33.81
CA LYS A 226 9.66 13.95 -34.96
C LYS A 226 8.74 14.75 -35.90
N VAL A 227 7.51 14.28 -36.07
CA VAL A 227 6.52 14.96 -36.97
C VAL A 227 5.87 16.16 -36.31
N LEU A 228 5.45 16.01 -35.05
CA LEU A 228 4.90 17.14 -34.30
C LEU A 228 5.95 18.19 -33.95
N LYS A 229 7.22 17.80 -33.91
CA LYS A 229 8.28 18.62 -33.26
C LYS A 229 7.88 19.03 -31.83
N LYS A 230 7.34 18.08 -31.04
CA LYS A 230 6.92 18.33 -29.64
C LYS A 230 7.53 17.25 -28.78
N TRP A 231 7.87 17.61 -27.55
CA TRP A 231 8.17 16.61 -26.54
C TRP A 231 6.85 15.98 -26.04
N CYS A 232 6.78 14.65 -26.02
CA CYS A 232 5.53 13.97 -25.66
C CYS A 232 5.72 13.24 -24.33
N MET A 233 4.84 13.48 -23.36
CA MET A 233 4.92 12.74 -22.11
C MET A 233 3.76 11.76 -22.10
N TYR A 234 4.09 10.47 -21.99
CA TYR A 234 3.05 9.44 -21.82
C TYR A 234 2.98 9.13 -20.30
N LEU A 235 1.84 9.37 -19.67
CA LEU A 235 1.77 9.34 -18.22
C LEU A 235 0.70 8.35 -17.81
N SER A 236 0.94 7.54 -16.79
CA SER A 236 -0.14 6.68 -16.27
C SER A 236 -0.93 7.44 -15.22
N ILE A 237 -2.24 7.35 -15.31
CA ILE A 237 -3.13 7.87 -14.25
C ILE A 237 -3.74 6.60 -13.67
N ASN A 238 -3.39 6.28 -12.44
CA ASN A 238 -3.73 5.02 -11.83
C ASN A 238 -5.01 5.11 -11.05
N GLY A 239 -5.83 4.07 -11.15
CA GLY A 239 -6.96 3.92 -10.22
C GLY A 239 -7.02 2.49 -9.70
N ASN A 240 -7.86 2.25 -8.70
CA ASN A 240 -8.12 0.88 -8.23
C ASN A 240 -9.01 0.14 -9.21
N ALA A 241 -9.02 -1.19 -9.09
CA ALA A 241 -9.92 -2.07 -9.85
C ALA A 241 -9.74 -1.90 -11.35
N TRP A 242 -8.48 -1.64 -11.74
CA TRP A 242 -8.08 -1.54 -13.13
C TRP A 242 -8.61 -0.33 -13.90
N TYR A 243 -9.22 0.65 -13.20
CA TYR A 243 -9.59 1.92 -13.80
C TYR A 243 -8.38 2.81 -13.91
N SER A 244 -7.58 2.57 -14.93
CA SER A 244 -6.34 3.29 -15.11
C SER A 244 -6.26 3.62 -16.58
N SER A 245 -5.46 4.64 -16.93
CA SER A 245 -5.29 4.96 -18.36
C SER A 245 -3.90 5.46 -18.58
N ILE A 246 -3.42 5.36 -19.81
CA ILE A 246 -2.23 6.10 -20.21
C ILE A 246 -2.68 7.29 -21.07
N ILE A 247 -2.18 8.49 -20.76
CA ILE A 247 -2.55 9.70 -21.46
C ILE A 247 -1.34 10.36 -22.08
N LEU A 248 -1.58 11.15 -23.12
CA LEU A 248 -0.49 11.87 -23.83
C LEU A 248 -0.59 13.36 -23.42
N LEU A 249 0.54 13.96 -23.00
CA LEU A 249 0.64 15.40 -22.84
C LEU A 249 1.80 15.88 -23.70
N THR A 250 1.75 17.12 -24.21
CA THR A 250 2.85 17.60 -25.12
C THR A 250 3.35 19.01 -24.71
N ALA A 251 4.59 19.35 -25.08
CA ALA A 251 5.20 20.62 -24.69
C ALA A 251 6.19 20.99 -25.80
N ASP A 252 6.34 22.29 -26.02
CA ASP A 252 7.36 22.76 -26.97
C ASP A 252 8.76 22.51 -26.44
N ASN A 253 8.89 22.56 -25.12
CA ASN A 253 10.20 22.45 -24.49
C ASN A 253 10.13 21.29 -23.53
N ILE A 254 11.22 20.53 -23.42
CA ILE A 254 11.22 19.30 -22.58
C ILE A 254 10.90 19.58 -21.11
N GLU A 255 11.24 20.78 -20.61
CA GLU A 255 10.91 21.18 -19.25
C GLU A 255 9.47 21.63 -19.03
N GLY A 256 8.67 21.69 -20.09
CA GLY A 256 7.24 22.00 -20.00
C GLY A 256 6.94 23.45 -20.44
N PRO A 257 5.72 23.94 -20.22
CA PRO A 257 4.64 23.18 -19.55
C PRO A 257 3.98 22.16 -20.49
N TYR A 258 3.40 21.10 -19.93
CA TYR A 258 2.83 19.99 -20.74
C TYR A 258 1.35 20.11 -20.74
N LEU A 259 0.75 19.93 -21.93
CA LEU A 259 -0.69 20.14 -22.11
C LEU A 259 -1.34 18.81 -22.50
N TYR A 260 -2.41 18.44 -21.81
CA TYR A 260 -3.07 17.14 -22.02
C TYR A 260 -3.74 17.09 -23.40
N GLN A 261 -3.28 16.15 -24.25
CA GLN A 261 -3.84 15.89 -25.58
C GLN A 261 -4.99 14.91 -25.56
N GLY A 262 -4.86 13.85 -24.78
CA GLY A 262 -5.92 12.83 -24.64
C GLY A 262 -5.37 11.47 -24.24
N PRO A 263 -6.28 10.50 -24.00
CA PRO A 263 -5.91 9.16 -23.65
C PRO A 263 -5.35 8.39 -24.83
N VAL A 264 -4.44 7.47 -24.53
CA VAL A 264 -3.86 6.57 -25.52
C VAL A 264 -4.49 5.20 -25.37
N VAL A 265 -4.68 4.72 -24.14
CA VAL A 265 -5.33 3.43 -23.92
C VAL A 265 -5.96 3.48 -22.52
N ILE A 266 -7.12 2.86 -22.38
CA ILE A 266 -7.91 3.05 -21.14
C ILE A 266 -8.31 1.64 -20.67
N GLY A 267 -8.30 1.38 -19.35
CA GLY A 267 -8.57 0.02 -18.84
C GLY A 267 -9.76 -0.04 -17.91
N GLY A 268 -10.21 -1.27 -17.65
CA GLY A 268 -11.07 -1.57 -16.49
C GLY A 268 -12.55 -1.55 -16.75
N PHE A 269 -12.94 -1.39 -18.01
CA PHE A 269 -14.36 -1.10 -18.40
C PHE A 269 -15.24 -2.36 -18.36
N LYS A 270 -15.14 -3.09 -17.25
CA LYS A 270 -15.77 -4.40 -17.13
C LYS A 270 -17.28 -4.31 -16.81
N ASN A 271 -17.78 -3.14 -16.43
CA ASN A 271 -19.13 -3.04 -15.85
C ASN A 271 -20.13 -2.33 -16.77
N GLY A 272 -21.18 -3.02 -17.23
CA GLY A 272 -22.31 -2.30 -17.88
C GLY A 272 -21.89 -1.62 -19.17
N THR A 273 -22.24 -0.36 -19.36
CA THR A 273 -21.92 0.32 -20.61
C THR A 273 -20.89 1.41 -20.37
N GLU A 274 -20.05 1.27 -19.34
CA GLU A 274 -19.04 2.31 -19.07
C GLU A 274 -18.02 2.45 -20.20
N TYR A 275 -17.92 1.44 -21.06
CA TYR A 275 -17.08 1.55 -22.27
C TYR A 275 -17.44 2.72 -23.20
N LYS A 276 -18.69 3.17 -23.13
CA LYS A 276 -19.17 4.26 -23.98
C LYS A 276 -18.43 5.57 -23.63
N GLU A 277 -17.87 5.66 -22.40
CA GLU A 277 -17.06 6.83 -22.00
C GLU A 277 -15.61 6.77 -22.52
N THR A 278 -15.24 5.70 -23.21
CA THR A 278 -13.86 5.54 -23.63
C THR A 278 -13.70 5.68 -25.15
N ASP A 279 -12.53 5.32 -25.68
CA ASP A 279 -12.34 5.18 -27.12
C ASP A 279 -12.61 3.78 -27.64
N PHE A 280 -13.22 2.93 -26.81
CA PHE A 280 -13.45 1.51 -27.14
C PHE A 280 -14.12 1.40 -28.53
N GLU A 281 -15.15 2.21 -28.75
CA GLU A 281 -15.91 2.15 -30.02
C GLU A 281 -15.16 2.77 -31.20
N LEU A 282 -14.24 3.69 -30.93
CA LEU A 282 -13.34 4.18 -31.98
C LEU A 282 -12.50 3.02 -32.47
N VAL A 283 -12.08 2.14 -31.56
CA VAL A 283 -11.26 1.00 -31.94
C VAL A 283 -12.08 -0.09 -32.59
N LEU A 284 -13.21 -0.45 -31.99
CA LEU A 284 -13.99 -1.60 -32.44
C LEU A 284 -15.22 -1.30 -33.31
N GLY A 285 -15.57 -0.04 -33.47
CA GLY A 285 -16.86 0.30 -34.09
C GLY A 285 -17.94 0.34 -33.02
N PRO A 286 -19.11 0.94 -33.34
CA PRO A 286 -20.23 1.00 -32.40
C PRO A 286 -20.55 -0.38 -31.84
N GLN A 287 -20.79 -0.45 -30.53
CA GLN A 287 -21.10 -1.69 -29.82
C GLN A 287 -22.35 -1.51 -28.98
N SER A 288 -23.34 -2.36 -29.23
CA SER A 288 -24.62 -2.27 -28.51
C SER A 288 -24.54 -2.77 -27.08
N SER A 289 -23.63 -3.72 -26.81
CA SER A 289 -23.35 -4.17 -25.45
C SER A 289 -21.87 -4.54 -25.32
N LEU A 290 -21.41 -4.70 -24.09
CA LEU A 290 -19.96 -4.99 -23.89
C LEU A 290 -19.70 -6.41 -24.33
N PRO A 291 -18.71 -6.64 -25.24
CA PRO A 291 -18.42 -8.05 -25.57
C PRO A 291 -18.11 -8.87 -24.33
N GLU A 292 -18.56 -10.14 -24.29
CA GLU A 292 -18.53 -10.87 -23.00
C GLU A 292 -17.10 -11.13 -22.45
N ARG A 293 -16.10 -11.20 -23.33
CA ARG A 293 -14.71 -11.38 -22.85
C ARG A 293 -14.23 -10.33 -21.88
N TYR A 294 -14.82 -9.13 -21.91
CA TYR A 294 -14.44 -8.06 -21.00
C TYR A 294 -15.23 -8.06 -19.71
N ALA A 295 -16.32 -8.83 -19.66
CA ALA A 295 -17.20 -8.78 -18.47
C ALA A 295 -16.64 -9.80 -17.48
N THR A 296 -15.48 -9.49 -16.91
CA THR A 296 -14.72 -10.42 -16.12
C THR A 296 -15.01 -10.32 -14.62
N GLY A 297 -15.73 -9.29 -14.19
CA GLY A 297 -15.79 -8.99 -12.73
C GLY A 297 -14.41 -8.86 -12.12
N GLY A 298 -14.22 -9.37 -10.90
CA GLY A 298 -12.93 -9.17 -10.20
C GLY A 298 -11.83 -10.07 -10.77
N LYS A 299 -12.14 -10.85 -11.82
CA LYS A 299 -11.15 -11.75 -12.43
C LYS A 299 -10.43 -11.08 -13.62
N TRP A 300 -10.64 -9.76 -13.75
CA TRP A 300 -10.05 -9.00 -14.87
C TRP A 300 -8.56 -9.27 -15.02
N GLY A 301 -7.86 -9.35 -13.89
CA GLY A 301 -6.38 -9.40 -13.95
C GLY A 301 -5.79 -10.75 -14.32
N ASP A 302 -6.63 -11.79 -14.41
CA ASP A 302 -6.19 -13.06 -15.01
C ASP A 302 -6.11 -12.97 -16.53
N ARG A 303 -6.66 -11.89 -17.09
CA ARG A 303 -6.88 -11.79 -18.54
C ARG A 303 -6.29 -10.54 -19.20
N TYR A 304 -6.50 -9.40 -18.55
CA TYR A 304 -6.29 -8.11 -19.19
C TYR A 304 -5.40 -7.21 -18.34
N PRO A 305 -4.80 -6.17 -18.96
CA PRO A 305 -3.75 -5.43 -18.26
C PRO A 305 -4.26 -4.41 -17.24
N ASN A 306 -3.36 -4.01 -16.35
CA ASN A 306 -3.52 -2.79 -15.61
C ASN A 306 -2.80 -1.73 -16.45
N ASN A 307 -3.52 -0.67 -16.86
CA ASN A 307 -2.97 0.23 -17.89
C ASN A 307 -2.04 1.29 -17.32
N ILE A 308 -0.83 0.88 -16.98
CA ILE A 308 0.14 1.81 -16.42
C ILE A 308 1.53 1.45 -17.00
N ASP A 309 2.55 2.22 -16.65
CA ASP A 309 3.94 1.89 -17.04
C ASP A 309 4.16 1.85 -18.58
N PRO A 310 3.92 2.97 -19.30
CA PRO A 310 4.15 2.99 -20.74
C PRO A 310 5.62 3.07 -21.09
N CYS A 311 6.00 2.47 -22.22
CA CYS A 311 7.30 2.75 -22.87
C CYS A 311 6.92 3.08 -24.33
N VAL A 312 7.35 4.24 -24.84
CA VAL A 312 6.97 4.58 -26.26
C VAL A 312 8.28 4.72 -27.02
N PHE A 313 8.36 4.18 -28.24
CA PHE A 313 9.64 4.20 -28.95
C PHE A 313 9.39 4.08 -30.44
N TYR A 314 10.34 4.60 -31.22
CA TYR A 314 10.30 4.37 -32.69
C TYR A 314 11.15 3.16 -32.96
N ASP A 315 10.62 2.22 -33.76
CA ASP A 315 11.43 1.09 -34.13
C ASP A 315 12.40 1.48 -35.24
N GLU A 316 13.18 0.52 -35.73
CA GLU A 316 14.22 0.82 -36.72
C GLU A 316 13.71 1.23 -38.11
N GLU A 317 12.42 1.02 -38.35
CA GLU A 317 11.77 1.44 -39.60
C GLU A 317 11.00 2.75 -39.41
N GLY A 318 11.17 3.36 -38.24
CA GLY A 318 10.50 4.62 -37.92
C GLY A 318 9.05 4.46 -37.53
N LYS A 319 8.60 3.24 -37.18
CA LYS A 319 7.22 3.07 -36.68
C LYS A 319 7.17 3.36 -35.18
N LEU A 320 6.10 4.01 -34.73
CA LEU A 320 6.00 4.39 -33.31
C LEU A 320 5.09 3.37 -32.60
N TRP A 321 5.54 2.85 -31.44
CA TRP A 321 4.86 1.77 -30.73
C TRP A 321 4.78 2.14 -29.26
N MET A 322 3.81 1.56 -28.55
CA MET A 322 3.80 1.67 -27.08
C MET A 322 3.62 0.28 -26.46
N THR A 323 4.38 -0.01 -25.39
CA THR A 323 4.13 -1.16 -24.55
C THR A 323 3.63 -0.64 -23.20
N TYR A 324 2.87 -1.44 -22.49
CA TYR A 324 2.34 -0.98 -21.21
C TYR A 324 1.90 -2.20 -20.41
N GLY A 325 1.65 -2.01 -19.12
CA GLY A 325 1.08 -3.08 -18.32
C GLY A 325 1.88 -3.31 -17.05
N SER A 326 1.22 -3.93 -16.07
CA SER A 326 1.84 -4.22 -14.78
C SER A 326 1.06 -5.38 -14.12
N TRP A 327 1.75 -6.50 -13.84
CA TRP A 327 1.15 -7.74 -13.29
C TRP A 327 -0.14 -8.00 -14.10
N SER A 328 -1.21 -8.45 -13.44
CA SER A 328 -2.50 -8.68 -14.11
C SER A 328 -2.35 -9.46 -15.40
N GLY A 329 -2.99 -9.03 -16.49
CA GLY A 329 -2.94 -9.84 -17.71
C GLY A 329 -1.65 -9.64 -18.50
N GLY A 330 -0.67 -8.94 -17.94
CA GLY A 330 0.63 -8.86 -18.58
C GLY A 330 0.93 -7.55 -19.34
N ILE A 331 1.94 -7.66 -20.22
CA ILE A 331 2.50 -6.54 -20.94
C ILE A 331 1.97 -6.64 -22.36
N TRP A 332 1.34 -5.57 -22.79
CA TRP A 332 0.72 -5.48 -24.14
C TRP A 332 1.34 -4.35 -24.98
N MET A 333 1.11 -4.41 -26.27
CA MET A 333 1.73 -3.51 -27.18
C MET A 333 0.70 -3.10 -28.24
N ILE A 334 0.67 -1.81 -28.54
CA ILE A 334 -0.19 -1.25 -29.59
C ILE A 334 0.61 -0.30 -30.50
N GLU A 335 0.19 -0.20 -31.77
CA GLU A 335 0.77 0.83 -32.64
C GLU A 335 0.20 2.20 -32.37
N LEU A 336 1.08 3.21 -32.39
CA LEU A 336 0.66 4.61 -32.32
C LEU A 336 0.77 5.30 -33.66
N ASP A 337 0.04 6.40 -33.81
CA ASP A 337 0.10 7.22 -35.04
C ASP A 337 1.34 8.12 -34.97
N GLU A 338 2.22 8.00 -35.95
CA GLU A 338 3.48 8.78 -35.97
C GLU A 338 3.23 10.29 -36.01
N ASN A 339 2.11 10.70 -36.63
CA ASN A 339 1.86 12.14 -36.74
C ASN A 339 1.01 12.76 -35.64
N THR A 340 0.49 11.97 -34.69
CA THR A 340 -0.20 12.57 -33.55
C THR A 340 0.34 12.10 -32.18
N GLY A 341 0.94 10.92 -32.12
CA GLY A 341 1.34 10.33 -30.82
C GLY A 341 0.20 9.63 -30.10
N LEU A 342 -1.01 9.68 -30.64
CA LEU A 342 -2.15 8.95 -30.03
C LEU A 342 -2.24 7.57 -30.69
N ARG A 343 -3.21 6.76 -30.29
CA ARG A 343 -3.31 5.42 -30.87
C ARG A 343 -3.55 5.49 -32.37
N ASP A 344 -3.02 4.53 -33.14
CA ASP A 344 -3.31 4.40 -34.56
C ASP A 344 -4.59 3.60 -34.72
N TYR A 345 -5.69 4.29 -34.98
CA TYR A 345 -7.00 3.65 -35.03
C TYR A 345 -7.23 2.83 -36.30
N ASP A 346 -6.34 2.92 -37.26
CA ASP A 346 -6.44 2.11 -38.48
C ASP A 346 -5.86 0.70 -38.34
N VAL A 347 -5.13 0.46 -37.26
CA VAL A 347 -4.58 -0.88 -37.03
C VAL A 347 -5.63 -1.82 -36.42
N THR A 348 -5.84 -2.97 -37.05
CA THR A 348 -6.75 -3.99 -36.55
C THR A 348 -5.96 -5.11 -35.84
N TYR A 349 -6.43 -5.46 -34.63
CA TYR A 349 -5.87 -6.61 -33.90
C TYR A 349 -6.94 -7.69 -33.92
N GLU A 350 -6.60 -8.85 -34.48
CA GLU A 350 -7.54 -9.98 -34.57
C GLU A 350 -7.55 -10.82 -33.27
N LEU A 351 -8.74 -11.05 -32.70
CA LEU A 351 -8.83 -11.84 -31.46
C LEU A 351 -8.16 -13.20 -31.61
N THR A 352 -7.20 -13.51 -30.74
CA THR A 352 -6.43 -14.75 -30.82
C THR A 352 -6.37 -15.34 -29.43
N GLY A 353 -6.76 -16.60 -29.34
CA GLY A 353 -6.87 -17.26 -28.02
C GLY A 353 -8.27 -16.98 -27.50
N SER A 354 -8.61 -17.54 -26.34
CA SER A 354 -9.92 -17.27 -25.74
C SER A 354 -9.78 -17.26 -24.21
N GLY A 355 -10.70 -16.60 -23.51
CA GLY A 355 -10.63 -16.53 -22.05
C GLY A 355 -9.29 -15.95 -21.58
N ASN A 356 -8.75 -16.48 -20.48
CA ASN A 356 -7.47 -15.99 -19.98
C ASN A 356 -6.29 -16.35 -20.89
N GLY A 357 -6.53 -17.17 -21.92
CA GLY A 357 -5.52 -17.49 -22.90
C GLY A 357 -5.45 -16.55 -24.11
N ILE A 358 -6.13 -15.41 -24.04
CA ILE A 358 -6.15 -14.45 -25.14
C ILE A 358 -4.76 -13.85 -25.27
N THR A 359 -4.18 -13.88 -26.47
CA THR A 359 -2.82 -13.36 -26.66
C THR A 359 -2.82 -12.17 -27.61
N VAL A 360 -3.92 -11.96 -28.32
CA VAL A 360 -4.12 -10.78 -29.10
C VAL A 360 -5.56 -10.36 -28.90
N ASP A 361 -5.76 -9.12 -28.48
CA ASP A 361 -7.12 -8.63 -28.22
C ASP A 361 -7.43 -7.42 -29.11
N PRO A 362 -8.64 -7.38 -29.74
CA PRO A 362 -8.96 -6.23 -30.59
C PRO A 362 -8.73 -4.83 -29.97
N TYR A 363 -8.97 -4.70 -28.65
CA TYR A 363 -8.74 -3.44 -27.97
C TYR A 363 -7.28 -3.34 -27.40
N PHE A 364 -6.86 -4.30 -26.56
CA PHE A 364 -5.60 -4.12 -25.82
C PHE A 364 -4.34 -4.38 -26.64
N GLY A 365 -4.52 -5.03 -27.80
CA GLY A 365 -3.42 -5.19 -28.77
C GLY A 365 -2.73 -6.54 -28.62
N LYS A 366 -1.41 -6.57 -28.70
CA LYS A 366 -0.70 -7.84 -28.71
C LYS A 366 0.00 -8.04 -27.36
N LYS A 367 -0.19 -9.21 -26.75
CA LYS A 367 0.52 -9.52 -25.52
C LYS A 367 1.98 -9.92 -25.82
N ILE A 368 2.92 -9.25 -25.15
CA ILE A 368 4.34 -9.59 -25.38
C ILE A 368 5.07 -10.15 -24.12
N ALA A 369 4.43 -10.09 -22.96
CA ALA A 369 5.03 -10.73 -21.78
C ALA A 369 3.96 -10.88 -20.72
N GLY A 370 4.25 -11.74 -19.72
CA GLY A 370 3.40 -11.91 -18.58
C GLY A 370 2.13 -12.67 -18.90
N GLY A 371 1.10 -12.38 -18.12
CA GLY A 371 -0.19 -13.11 -18.29
C GLY A 371 -0.57 -13.81 -16.97
N TYR A 372 -1.85 -14.09 -16.80
CA TYR A 372 -2.29 -14.92 -15.66
C TYR A 372 -1.93 -14.36 -14.26
N TYR A 373 -1.80 -13.03 -14.17
CA TYR A 373 -1.45 -12.34 -12.94
C TYR A 373 -0.08 -12.75 -12.39
N VAL A 374 0.82 -13.21 -13.26
CA VAL A 374 2.23 -13.35 -12.80
C VAL A 374 2.88 -11.96 -12.62
N SER A 375 3.95 -11.86 -11.83
CA SER A 375 4.56 -10.52 -11.60
C SER A 375 5.29 -10.10 -12.87
N GLY A 376 5.41 -8.80 -13.04
CA GLY A 376 6.17 -8.26 -14.17
C GLY A 376 5.53 -6.93 -14.55
N GLU A 377 6.33 -5.85 -14.53
CA GLU A 377 5.82 -4.52 -14.87
C GLU A 377 6.95 -3.71 -15.48
N ALA A 378 6.69 -2.43 -15.77
CA ALA A 378 7.74 -1.51 -16.23
C ALA A 378 8.44 -1.98 -17.46
N SER A 379 7.67 -2.41 -18.44
CA SER A 379 8.27 -2.89 -19.67
C SER A 379 9.01 -1.77 -20.38
N TYR A 380 10.09 -2.14 -21.04
CA TYR A 380 10.86 -1.13 -21.75
C TYR A 380 11.58 -1.83 -22.91
N ILE A 381 11.53 -1.24 -24.10
CA ILE A 381 12.24 -1.83 -25.27
C ILE A 381 13.24 -0.83 -25.81
N GLU A 382 14.43 -1.31 -26.19
CA GLU A 382 15.42 -0.44 -26.83
C GLU A 382 16.14 -1.31 -27.85
N TYR A 383 16.41 -0.77 -29.03
CA TYR A 383 17.19 -1.51 -30.02
C TYR A 383 18.67 -1.27 -29.77
N ILE A 384 19.44 -2.35 -29.61
CA ILE A 384 20.87 -2.27 -29.30
C ILE A 384 21.57 -3.36 -30.14
N GLY A 385 22.57 -2.96 -30.90
CA GLY A 385 23.44 -3.90 -31.59
C GLY A 385 22.72 -4.99 -32.34
N GLY A 386 21.67 -4.65 -33.07
CA GLY A 386 21.05 -5.67 -33.92
C GLY A 386 19.82 -6.36 -33.36
N TYR A 387 19.45 -6.11 -32.11
CA TYR A 387 18.24 -6.75 -31.55
C TYR A 387 17.39 -5.71 -30.81
N TYR A 388 16.10 -5.96 -30.70
CA TYR A 388 15.28 -5.25 -29.72
C TYR A 388 15.37 -6.00 -28.41
N PHE A 389 15.68 -5.29 -27.32
CA PHE A 389 15.73 -5.90 -26.00
C PHE A 389 14.55 -5.41 -25.20
N LEU A 390 13.84 -6.33 -24.57
CA LEU A 390 12.75 -6.01 -23.69
C LEU A 390 13.18 -6.23 -22.23
N PHE A 391 12.98 -5.23 -21.35
CA PHE A 391 13.23 -5.35 -19.91
C PHE A 391 11.86 -5.43 -19.24
N VAL A 392 11.72 -6.31 -18.26
CA VAL A 392 10.53 -6.40 -17.42
C VAL A 392 11.06 -6.49 -15.98
N THR A 393 10.47 -5.71 -15.07
CA THR A 393 10.85 -5.82 -13.69
C THR A 393 9.88 -6.77 -12.98
N TYR A 394 10.39 -7.86 -12.39
CA TYR A 394 9.56 -8.79 -11.62
C TYR A 394 9.60 -8.41 -10.13
N GLY A 395 8.66 -8.94 -9.35
CA GLY A 395 8.68 -8.71 -7.93
C GLY A 395 8.09 -7.39 -7.44
N GLY A 396 8.27 -7.14 -6.15
CA GLY A 396 7.61 -5.95 -5.50
C GLY A 396 8.64 -4.84 -5.34
N LEU A 397 8.16 -3.59 -5.38
CA LEU A 397 9.05 -2.42 -5.35
C LEU A 397 9.70 -2.12 -4.00
N ALA A 398 9.13 -2.58 -2.87
CA ALA A 398 9.63 -2.13 -1.55
C ALA A 398 11.00 -2.75 -1.19
N ALA A 399 11.59 -2.30 -0.09
CA ALA A 399 12.95 -2.82 0.30
C ALA A 399 12.96 -4.34 0.60
N GLY A 400 11.83 -4.86 1.12
CA GLY A 400 11.75 -6.25 1.57
C GLY A 400 12.01 -6.33 3.07
N GLY A 401 12.30 -7.53 3.56
CA GLY A 401 12.63 -7.68 4.98
C GLY A 401 11.43 -7.97 5.84
N VAL A 402 10.30 -8.22 5.23
CA VAL A 402 9.13 -8.65 5.99
C VAL A 402 8.85 -10.13 5.75
N ALA A 403 9.24 -10.91 6.75
CA ALA A 403 9.40 -12.33 6.63
C ALA A 403 8.09 -12.95 6.25
N SER A 404 6.98 -12.30 6.60
CA SER A 404 5.64 -12.79 6.31
C SER A 404 4.86 -12.19 5.10
N ASP A 405 5.51 -11.36 4.26
CA ASP A 405 4.82 -10.77 3.11
C ASP A 405 5.68 -10.98 1.86
N TYR A 406 5.33 -11.96 1.04
CA TYR A 406 6.16 -12.32 -0.13
C TYR A 406 6.18 -11.17 -1.13
N ASN A 407 5.11 -10.37 -1.19
CA ASN A 407 5.00 -9.32 -2.19
C ASN A 407 5.66 -7.98 -1.79
N ASN A 408 6.17 -7.93 -0.57
CA ASN A 408 6.92 -6.76 -0.10
C ASN A 408 8.35 -6.99 -0.54
N GLY A 409 8.80 -6.30 -1.60
CA GLY A 409 10.18 -6.46 -2.02
C GLY A 409 10.36 -7.47 -3.15
N GLY A 410 11.61 -7.65 -3.54
CA GLY A 410 11.92 -8.66 -4.55
C GLY A 410 12.15 -8.09 -5.93
N TYR A 411 12.07 -6.77 -6.10
CA TYR A 411 12.16 -6.12 -7.44
C TYR A 411 13.45 -6.57 -8.13
N GLN A 412 13.34 -7.06 -9.36
CA GLN A 412 14.53 -7.52 -10.04
C GLN A 412 14.29 -7.54 -11.57
N MET A 413 15.29 -7.10 -12.33
CA MET A 413 15.04 -6.82 -13.75
C MET A 413 15.41 -8.05 -14.57
N ARG A 414 14.60 -8.33 -15.57
CA ARG A 414 14.77 -9.50 -16.46
C ARG A 414 14.83 -9.00 -17.89
N VAL A 415 15.68 -9.61 -18.71
CA VAL A 415 15.87 -9.14 -20.08
C VAL A 415 15.55 -10.28 -21.09
N PHE A 416 14.91 -9.90 -22.20
CA PHE A 416 14.54 -10.81 -23.31
C PHE A 416 14.92 -10.11 -24.60
N ARG A 417 14.92 -10.80 -25.75
CA ARG A 417 15.22 -10.08 -26.96
C ARG A 417 14.46 -10.62 -28.13
N SER A 418 14.45 -9.84 -29.19
CA SER A 418 13.69 -10.20 -30.37
C SER A 418 14.36 -9.57 -31.58
N GLU A 419 14.22 -10.19 -32.74
CA GLU A 419 14.54 -9.51 -34.01
C GLU A 419 13.46 -8.51 -34.47
N LYS A 420 12.24 -8.60 -33.95
CA LYS A 420 11.17 -7.67 -34.37
C LYS A 420 10.69 -6.88 -33.16
N PRO A 421 10.24 -5.61 -33.36
CA PRO A 421 9.84 -4.77 -32.22
C PRO A 421 8.69 -5.34 -31.42
N ASP A 422 7.78 -6.06 -32.09
CA ASP A 422 6.63 -6.66 -31.43
C ASP A 422 6.77 -8.16 -31.13
N GLY A 423 8.01 -8.64 -31.05
CA GLY A 423 8.24 -9.97 -30.53
C GLY A 423 8.21 -11.08 -31.56
N PRO A 424 8.19 -12.33 -31.10
CA PRO A 424 8.16 -12.74 -29.67
C PRO A 424 9.49 -12.49 -28.97
N TYR A 425 9.42 -12.12 -27.70
CA TYR A 425 10.61 -11.82 -26.90
C TYR A 425 11.00 -13.07 -26.14
N LEU A 426 12.25 -13.51 -26.36
CA LEU A 426 12.74 -14.74 -25.80
C LEU A 426 13.95 -14.46 -24.95
N ASP A 427 14.18 -15.34 -23.97
CA ASP A 427 15.41 -15.23 -23.16
C ASP A 427 16.52 -16.04 -23.78
N ALA A 428 17.62 -16.19 -23.05
CA ALA A 428 18.86 -16.74 -23.60
C ALA A 428 18.77 -18.27 -23.78
N ARG A 429 17.73 -18.89 -23.26
CA ARG A 429 17.50 -20.29 -23.61
C ARG A 429 16.19 -20.50 -24.35
N GLY A 430 15.65 -19.42 -24.93
CA GLY A 430 14.54 -19.54 -25.88
C GLY A 430 13.17 -19.55 -25.26
N THR A 431 13.07 -19.24 -23.98
CA THR A 431 11.75 -19.17 -23.34
C THR A 431 11.09 -17.80 -23.58
N ASP A 432 9.78 -17.81 -23.92
CA ASP A 432 9.02 -16.59 -24.20
C ASP A 432 8.76 -15.80 -22.90
N ALA A 433 8.80 -14.47 -22.98
CA ALA A 433 8.38 -13.62 -21.85
C ALA A 433 6.90 -13.79 -21.53
N VAL A 434 6.11 -14.19 -22.52
CA VAL A 434 4.69 -14.53 -22.27
C VAL A 434 4.51 -15.87 -21.49
N PHE A 435 3.65 -15.87 -20.46
CA PHE A 435 3.35 -17.04 -19.64
C PHE A 435 2.10 -17.76 -20.14
N ALA A 436 2.17 -19.09 -20.21
CA ALA A 436 1.02 -19.90 -20.64
C ALA A 436 0.04 -20.31 -19.50
N SER A 437 0.42 -20.10 -18.23
CA SER A 437 -0.44 -20.32 -17.03
C SER A 437 0.20 -19.56 -15.89
N TYR A 438 -0.47 -19.43 -14.73
CA TYR A 438 0.16 -18.79 -13.55
C TYR A 438 1.41 -19.53 -13.03
N LYS A 439 2.52 -18.82 -12.83
CA LYS A 439 3.72 -19.35 -12.12
C LYS A 439 4.15 -18.25 -11.11
N LEU A 440 4.79 -18.65 -10.03
CA LEU A 440 5.39 -17.68 -9.15
C LEU A 440 6.76 -17.42 -9.74
N ASP A 441 6.95 -16.22 -10.31
CA ASP A 441 8.12 -16.01 -11.16
C ASP A 441 9.34 -15.35 -10.57
N PHE A 442 9.31 -15.12 -9.26
CA PHE A 442 10.39 -14.40 -8.59
C PHE A 442 10.47 -14.86 -7.14
N GLY A 443 11.61 -14.66 -6.54
CA GLY A 443 11.72 -14.91 -5.10
C GLY A 443 12.08 -16.39 -4.74
N PRO A 444 12.20 -16.66 -3.44
CA PRO A 444 12.75 -17.93 -2.98
C PRO A 444 11.84 -19.14 -3.23
N ASP A 445 10.54 -18.93 -3.46
CA ASP A 445 9.61 -20.03 -3.75
C ASP A 445 9.24 -20.08 -5.26
N ALA A 446 10.00 -19.36 -6.10
CA ALA A 446 9.66 -19.28 -7.51
C ALA A 446 9.61 -20.70 -8.09
N ASN A 447 8.63 -20.98 -8.95
CA ASN A 447 8.63 -22.21 -9.71
C ASN A 447 8.87 -21.93 -11.20
N ASP A 448 9.44 -20.75 -11.51
CA ASP A 448 9.82 -20.40 -12.88
C ASP A 448 10.94 -19.38 -12.88
N ASN A 449 12.01 -19.63 -13.66
CA ASN A 449 13.07 -18.62 -13.87
C ASN A 449 13.10 -18.41 -15.36
N ARG A 450 12.71 -17.22 -15.84
CA ARG A 450 12.92 -16.92 -17.26
C ARG A 450 13.39 -15.49 -17.40
N GLY A 451 14.02 -15.17 -18.51
CA GLY A 451 14.63 -13.87 -18.65
C GLY A 451 16.07 -13.91 -18.16
N VAL A 452 16.90 -13.01 -18.66
CA VAL A 452 18.27 -12.90 -18.16
C VAL A 452 18.23 -12.05 -16.91
N ASN A 453 18.82 -12.56 -15.83
CA ASN A 453 18.83 -11.85 -14.51
C ASN A 453 20.05 -10.96 -14.55
N ILE A 454 19.84 -9.77 -15.11
CA ILE A 454 20.94 -8.83 -15.45
C ILE A 454 21.82 -8.55 -14.22
N PHE A 455 21.17 -8.37 -13.07
CA PHE A 455 21.83 -8.43 -11.76
C PHE A 455 20.73 -8.34 -10.73
N GLY A 456 21.06 -8.69 -9.50
CA GLY A 456 20.01 -8.62 -8.45
C GLY A 456 20.58 -7.89 -7.29
N ALA A 457 20.02 -8.12 -6.12
CA ALA A 457 20.50 -7.44 -4.88
C ALA A 457 21.92 -7.91 -4.47
N TYR A 458 22.80 -7.00 -4.10
CA TYR A 458 24.17 -7.40 -3.75
C TYR A 458 24.81 -6.40 -2.80
N GLY A 459 25.85 -6.85 -2.08
CA GLY A 459 26.60 -6.00 -1.19
C GLY A 459 28.03 -6.49 -1.07
N ASP A 460 28.77 -5.92 -0.12
CA ASP A 460 30.22 -6.21 0.03
C ASP A 460 30.99 -6.11 -1.31
N TRP A 461 30.67 -5.09 -2.09
CA TRP A 461 31.13 -5.02 -3.47
C TRP A 461 31.70 -3.65 -3.77
N GLY A 462 33.01 -3.57 -3.94
CA GLY A 462 33.63 -2.28 -4.24
C GLY A 462 33.61 -1.32 -3.06
N ASN A 463 33.67 -0.01 -3.35
CA ASN A 463 33.75 1.01 -2.29
C ASN A 463 32.41 1.65 -1.94
N GLN A 464 31.36 1.37 -2.74
CA GLN A 464 30.06 2.06 -2.58
C GLN A 464 28.93 1.11 -2.10
N THR A 465 28.74 0.01 -2.83
CA THR A 465 27.65 -0.97 -2.52
C THR A 465 28.08 -1.95 -1.43
N LYS A 466 28.08 -1.44 -0.19
CA LYS A 466 28.46 -2.21 0.98
C LYS A 466 27.79 -1.66 2.21
N GLY A 467 27.60 -2.51 3.23
CA GLY A 467 26.97 -2.05 4.50
C GLY A 467 25.53 -1.67 4.23
N LYS A 468 25.10 -0.57 4.84
CA LYS A 468 23.71 -0.16 4.72
C LYS A 468 23.44 0.30 3.30
N ASN A 469 24.49 0.62 2.54
CA ASN A 469 24.38 1.10 1.15
C ASN A 469 24.43 -0.02 0.10
N SER A 470 24.31 -1.27 0.54
CA SER A 470 24.19 -2.41 -0.38
C SER A 470 22.86 -2.18 -1.09
N GLU A 471 22.77 -2.60 -2.36
CA GLU A 471 21.65 -2.20 -3.22
C GLU A 471 20.73 -3.36 -3.44
N ARG A 472 19.43 -3.09 -3.53
CA ARG A 472 18.45 -4.16 -3.64
C ARG A 472 17.16 -3.52 -4.19
N SER A 473 16.18 -4.34 -4.60
CA SER A 473 14.94 -3.85 -5.23
C SER A 473 15.22 -2.90 -6.40
N GLN A 474 16.28 -3.18 -7.16
CA GLN A 474 16.64 -2.35 -8.31
C GLN A 474 15.66 -2.68 -9.42
N GLY A 475 15.18 -1.66 -10.11
CA GLY A 475 14.21 -1.92 -11.18
C GLY A 475 13.51 -0.71 -11.71
N HIS A 476 12.47 -1.00 -12.49
CA HIS A 476 11.76 -0.02 -13.25
C HIS A 476 12.68 0.86 -14.09
N ASN A 477 13.42 0.22 -14.97
CA ASN A 477 14.52 0.84 -15.65
C ASN A 477 14.12 1.44 -17.00
N SER A 478 15.02 2.26 -17.52
CA SER A 478 14.99 2.64 -18.93
C SER A 478 16.41 2.42 -19.42
N ILE A 479 16.66 2.58 -20.71
CA ILE A 479 18.01 2.23 -21.20
C ILE A 479 18.13 3.03 -22.49
N ILE A 480 19.33 3.51 -22.82
CA ILE A 480 19.46 4.32 -24.01
C ILE A 480 20.75 3.94 -24.66
N ALA A 481 20.69 3.59 -25.94
CA ALA A 481 21.89 3.45 -26.78
C ALA A 481 22.14 4.89 -27.25
N ALA A 482 23.04 5.58 -26.58
CA ALA A 482 23.14 7.04 -26.72
C ALA A 482 23.95 7.49 -27.91
N GLU A 483 23.80 8.78 -28.24
CA GLU A 483 24.50 9.40 -29.36
C GLU A 483 26.02 9.39 -29.14
N ASP A 484 26.48 9.25 -27.90
CA ASP A 484 27.95 9.20 -27.66
C ASP A 484 28.56 7.83 -27.95
N GLY A 485 27.76 6.90 -28.48
CA GLY A 485 28.26 5.55 -28.69
C GLY A 485 28.34 4.61 -27.50
N ARG A 486 27.67 4.93 -26.37
CA ARG A 486 27.64 4.05 -25.18
C ARG A 486 26.18 3.71 -24.86
N THR A 487 25.94 2.62 -24.16
CA THR A 487 24.54 2.25 -23.80
C THR A 487 24.49 2.43 -22.30
N TYR A 488 23.46 3.13 -21.82
CA TYR A 488 23.34 3.38 -20.38
C TYR A 488 22.01 2.81 -19.88
N LEU A 489 22.09 2.05 -18.80
CA LEU A 489 20.93 1.46 -18.13
C LEU A 489 20.66 2.36 -16.94
N VAL A 490 19.42 2.81 -16.79
CA VAL A 490 19.14 3.83 -15.78
C VAL A 490 17.96 3.25 -14.97
N TYR A 491 18.08 3.21 -13.65
CA TYR A 491 17.05 2.52 -12.83
C TYR A 491 17.04 3.17 -11.46
N HIS A 492 16.03 2.85 -10.66
CA HIS A 492 16.12 3.27 -9.26
C HIS A 492 16.50 2.07 -8.37
N THR A 493 17.06 2.35 -7.19
CA THR A 493 17.46 1.26 -6.31
C THR A 493 17.03 1.60 -4.88
N ARG A 494 16.72 0.58 -4.08
CA ARG A 494 16.65 0.75 -2.62
C ARG A 494 17.88 0.18 -1.99
N PHE A 495 17.91 0.13 -0.68
CA PHE A 495 19.20 -0.20 0.01
C PHE A 495 18.94 -1.19 1.11
N GLN A 496 20.04 -1.75 1.67
CA GLN A 496 19.93 -2.78 2.69
C GLN A 496 19.40 -2.24 4.03
N ASN A 497 19.80 -1.04 4.38
CA ASN A 497 19.37 -0.48 5.67
C ASN A 497 19.15 1.04 5.67
N ARG A 498 18.23 1.52 4.83
CA ARG A 498 17.88 2.91 4.71
C ARG A 498 16.39 3.02 4.54
N GLY A 499 15.63 2.18 5.23
CA GLY A 499 14.18 2.28 5.11
C GLY A 499 13.73 2.06 3.69
N GLU A 500 12.82 2.92 3.21
CA GLU A 500 12.36 2.87 1.83
C GLU A 500 13.02 3.95 0.93
N GLU A 501 14.18 4.50 1.35
CA GLU A 501 14.93 5.49 0.57
C GLU A 501 15.28 4.88 -0.79
N HIS A 502 15.24 5.67 -1.84
CA HIS A 502 15.62 5.19 -3.19
C HIS A 502 16.41 6.24 -3.90
N GLU A 503 17.28 5.84 -4.85
CA GLU A 503 18.06 6.81 -5.63
C GLU A 503 18.27 6.26 -7.03
N VAL A 504 18.65 7.13 -7.96
CA VAL A 504 18.84 6.74 -9.38
C VAL A 504 20.27 6.23 -9.53
N ARG A 505 20.45 5.21 -10.39
CA ARG A 505 21.77 4.68 -10.68
C ARG A 505 21.89 4.56 -12.19
N VAL A 506 23.11 4.68 -12.71
CA VAL A 506 23.33 4.54 -14.15
C VAL A 506 24.51 3.58 -14.31
N HIS A 507 24.35 2.51 -15.10
CA HIS A 507 25.49 1.60 -15.36
C HIS A 507 25.64 1.52 -16.88
N GLN A 508 26.89 1.47 -17.36
CA GLN A 508 27.09 1.26 -18.79
C GLN A 508 26.76 -0.20 -19.08
N VAL A 509 26.41 -0.52 -20.34
CA VAL A 509 26.01 -1.88 -20.74
C VAL A 509 26.75 -2.24 -22.04
N PHE A 510 27.17 -3.50 -22.15
CA PHE A 510 27.87 -4.01 -23.32
C PHE A 510 27.14 -5.22 -23.88
N GLN A 511 27.54 -5.65 -25.08
CA GLN A 511 27.08 -6.95 -25.55
C GLN A 511 28.21 -7.95 -25.56
N ASN A 512 27.89 -9.20 -25.21
CA ASN A 512 28.89 -10.31 -25.26
C ASN A 512 28.91 -10.86 -26.71
N GLU A 513 29.72 -11.88 -26.94
CA GLU A 513 29.98 -12.36 -28.31
C GLU A 513 28.70 -12.96 -28.94
N ASP A 514 27.71 -13.32 -28.14
CA ASP A 514 26.44 -13.83 -28.70
C ASP A 514 25.39 -12.74 -28.78
N GLY A 515 25.78 -11.51 -28.47
CA GLY A 515 24.93 -10.37 -28.65
C GLY A 515 23.99 -10.12 -27.49
N TRP A 516 24.18 -10.82 -26.37
CA TRP A 516 23.39 -10.52 -25.15
C TRP A 516 23.96 -9.38 -24.33
N LEU A 517 23.07 -8.67 -23.64
CA LEU A 517 23.48 -7.59 -22.76
C LEU A 517 24.14 -8.10 -21.50
N VAL A 518 25.26 -7.44 -21.15
CA VAL A 518 25.95 -7.65 -19.85
C VAL A 518 26.23 -6.24 -19.23
N ALA A 519 25.87 -6.02 -17.96
CA ALA A 519 25.98 -4.71 -17.34
C ALA A 519 27.36 -4.53 -16.73
N ALA A 520 27.89 -3.32 -16.79
CA ALA A 520 29.13 -3.03 -16.08
C ALA A 520 28.82 -3.16 -14.57
N PRO A 521 29.74 -3.74 -13.81
CA PRO A 521 29.51 -4.03 -12.40
C PRO A 521 29.62 -2.82 -11.48
N PHE A 522 30.01 -1.65 -12.02
CA PHE A 522 30.09 -0.39 -11.24
C PHE A 522 29.36 0.71 -11.98
N GLU A 523 28.93 1.75 -11.24
CA GLU A 523 28.25 2.88 -11.80
C GLU A 523 29.15 3.56 -12.82
N TYR A 524 28.51 4.17 -13.78
CA TYR A 524 29.19 4.92 -14.86
C TYR A 524 29.92 6.11 -14.27
N THR A 525 31.26 6.10 -14.41
CA THR A 525 32.05 7.20 -13.83
C THR A 525 32.95 7.89 -14.90
N GLY A 526 32.45 7.93 -16.13
CA GLY A 526 33.08 8.69 -17.21
C GLY A 526 34.06 7.85 -18.00
N GLU A 527 33.97 6.53 -17.93
CA GLU A 527 34.79 5.65 -18.78
C GLU A 527 34.71 6.00 -20.25
N THR A 528 35.84 5.91 -20.97
CA THR A 528 35.88 6.34 -22.36
C THR A 528 35.46 5.21 -23.35
N VAL A 529 35.51 3.96 -22.91
CA VAL A 529 35.16 2.82 -23.79
C VAL A 529 33.76 2.93 -24.40
N LYS A 530 33.66 2.59 -25.68
CA LYS A 530 32.38 2.70 -26.39
C LYS A 530 31.85 1.30 -26.73
N SER A 531 30.53 1.18 -26.95
CA SER A 531 29.99 -0.14 -27.27
C SER A 531 30.76 -0.84 -28.38
N ALA A 532 31.05 -0.10 -29.45
CA ALA A 532 31.68 -0.67 -30.67
C ALA A 532 33.12 -1.08 -30.42
N ASP A 533 33.73 -0.57 -29.35
CA ASP A 533 35.12 -0.95 -29.02
C ASP A 533 35.23 -2.42 -28.57
N ILE A 534 34.16 -2.96 -27.99
CA ILE A 534 34.22 -4.33 -27.47
C ILE A 534 34.61 -5.35 -28.56
N ALA A 535 33.96 -5.27 -29.72
CA ALA A 535 34.21 -6.27 -30.79
C ALA A 535 35.47 -5.93 -31.53
N THR A 536 35.92 -4.68 -31.45
CA THR A 536 37.00 -4.26 -32.36
C THR A 536 38.33 -3.99 -31.70
N SER A 537 38.38 -4.07 -30.37
CA SER A 537 39.62 -3.78 -29.66
C SER A 537 39.72 -4.61 -28.39
N GLN A 538 40.92 -4.79 -27.87
CA GLN A 538 41.07 -5.45 -26.61
C GLN A 538 41.36 -4.42 -25.52
N GLN A 539 40.37 -4.15 -24.67
CA GLN A 539 40.55 -3.19 -23.56
C GLN A 539 41.58 -3.54 -22.49
N VAL A 540 41.68 -4.81 -22.10
CA VAL A 540 42.59 -5.23 -21.05
C VAL A 540 43.59 -6.19 -21.72
N PRO A 541 44.90 -5.82 -21.76
CA PRO A 541 45.89 -6.79 -22.34
C PRO A 541 45.87 -8.18 -21.64
N THR A 542 45.94 -9.25 -22.42
CA THR A 542 45.81 -10.55 -21.79
C THR A 542 46.84 -10.85 -20.70
N ASN A 543 48.06 -10.33 -20.83
CA ASN A 543 49.05 -10.62 -19.81
C ASN A 543 48.86 -9.78 -18.53
N LYS A 544 47.85 -8.91 -18.51
CA LYS A 544 47.51 -8.16 -17.31
C LYS A 544 46.28 -8.73 -16.61
N ILE A 545 45.65 -9.75 -17.20
CA ILE A 545 44.42 -10.31 -16.58
C ILE A 545 44.65 -11.11 -15.30
N ALA A 546 45.64 -12.00 -15.30
CA ALA A 546 45.83 -12.91 -14.17
C ALA A 546 45.97 -12.17 -12.83
N GLY A 547 45.38 -12.71 -11.76
CA GLY A 547 45.49 -12.05 -10.44
C GLY A 547 44.29 -12.42 -9.55
N SER A 548 44.11 -11.74 -8.42
CA SER A 548 43.08 -12.13 -7.42
C SER A 548 41.85 -11.31 -7.67
N TYR A 549 40.71 -11.99 -7.84
CA TYR A 549 39.47 -11.32 -8.19
C TYR A 549 38.46 -11.57 -7.09
N LYS A 550 37.49 -10.66 -6.96
CA LYS A 550 36.28 -10.92 -6.20
C LYS A 550 35.25 -11.31 -7.24
N LEU A 551 34.58 -12.46 -7.04
CA LEU A 551 33.57 -13.00 -7.95
C LEU A 551 32.19 -12.91 -7.31
N LEU A 552 31.25 -12.24 -8.00
CA LEU A 552 29.84 -12.12 -7.51
C LEU A 552 28.93 -12.84 -8.49
N THR A 553 28.08 -13.73 -7.98
CA THR A 553 27.13 -14.41 -8.86
C THR A 553 25.76 -13.84 -8.50
N HIS A 554 24.97 -13.53 -9.52
CA HIS A 554 23.59 -13.02 -9.30
C HIS A 554 22.60 -14.16 -9.59
N PRO A 555 22.20 -14.89 -8.54
CA PRO A 555 21.38 -16.09 -8.74
C PRO A 555 19.90 -15.74 -8.74
N PHE A 556 19.07 -16.60 -9.32
CA PHE A 556 17.63 -16.51 -9.14
C PHE A 556 17.27 -16.93 -7.71
N LYS A 557 16.08 -16.52 -7.25
CA LYS A 557 15.50 -17.00 -5.97
C LYS A 557 16.15 -16.47 -4.68
N LEU A 558 16.75 -15.27 -4.71
CA LEU A 558 17.21 -14.63 -3.44
C LEU A 558 16.00 -14.45 -2.54
N ASP A 559 16.20 -14.55 -1.21
CA ASP A 559 15.05 -14.42 -0.30
C ASP A 559 14.96 -12.95 0.18
N HIS A 560 14.18 -12.17 -0.53
CA HIS A 560 13.98 -10.75 -0.21
C HIS A 560 13.22 -10.58 1.10
N ARG A 561 12.60 -11.64 1.58
CA ARG A 561 11.84 -11.56 2.84
C ARG A 561 12.74 -11.37 4.06
N VAL A 562 13.99 -11.79 3.94
CA VAL A 562 15.01 -11.60 4.96
C VAL A 562 16.14 -10.74 4.36
N LYS A 563 15.83 -9.98 3.30
CA LYS A 563 16.78 -9.01 2.67
C LYS A 563 18.11 -9.71 2.33
N GLU A 564 18.00 -10.85 1.70
CA GLU A 564 19.19 -11.55 1.23
C GLU A 564 19.97 -10.72 0.20
N LEU A 565 21.32 -10.77 0.25
CA LEU A 565 22.14 -10.06 -0.75
C LEU A 565 23.09 -11.08 -1.36
N ALA A 566 23.40 -10.96 -2.64
CA ALA A 566 24.53 -11.74 -3.16
C ALA A 566 25.81 -11.06 -2.66
N LYS A 567 26.83 -11.84 -2.28
CA LYS A 567 28.11 -11.25 -1.84
C LYS A 567 29.22 -12.04 -2.52
N PRO A 568 30.37 -11.41 -2.73
CA PRO A 568 31.35 -12.08 -3.58
C PRO A 568 32.22 -13.12 -2.85
N VAL A 569 32.91 -13.95 -3.63
CA VAL A 569 33.89 -14.91 -3.10
C VAL A 569 35.26 -14.60 -3.72
N ASP A 570 36.34 -15.07 -3.11
CA ASP A 570 37.68 -14.81 -3.62
C ASP A 570 38.08 -15.91 -4.62
N ILE A 571 38.64 -15.53 -5.75
CA ILE A 571 39.12 -16.53 -6.73
C ILE A 571 40.44 -15.99 -7.28
N GLU A 572 41.20 -16.86 -7.92
CA GLU A 572 42.44 -16.37 -8.56
C GLU A 572 42.37 -16.75 -10.04
N LEU A 573 42.60 -15.81 -10.95
CA LEU A 573 42.75 -16.17 -12.36
C LEU A 573 44.25 -16.32 -12.54
N ASN A 574 44.65 -17.52 -12.93
CA ASN A 574 46.09 -17.77 -13.15
C ASN A 574 46.47 -17.59 -14.61
N ALA A 575 47.75 -17.30 -14.88
CA ALA A 575 48.20 -16.98 -16.24
C ALA A 575 47.96 -18.14 -17.23
N ASP A 576 47.90 -19.39 -16.74
CA ASP A 576 47.69 -20.52 -17.64
C ASP A 576 46.22 -20.73 -18.01
N GLY A 577 45.35 -19.80 -17.63
CA GLY A 577 43.91 -19.99 -17.94
C GLY A 577 43.12 -20.80 -16.91
N THR A 578 43.72 -21.12 -15.75
CA THR A 578 42.96 -21.85 -14.73
C THR A 578 42.39 -20.87 -13.69
N ILE A 579 41.30 -21.26 -13.05
CA ILE A 579 40.77 -20.49 -11.92
C ILE A 579 40.94 -21.37 -10.70
N THR A 580 41.42 -20.78 -9.60
CA THR A 580 41.52 -21.49 -8.32
C THR A 580 40.93 -20.61 -7.21
N GLY A 581 40.84 -21.16 -5.99
CA GLY A 581 40.36 -20.40 -4.83
C GLY A 581 39.04 -20.96 -4.35
N SER A 582 38.01 -20.11 -4.26
CA SER A 582 36.68 -20.53 -3.81
C SER A 582 35.99 -21.52 -4.70
N THR A 583 36.28 -21.47 -6.00
CA THR A 583 35.88 -22.54 -6.92
C THR A 583 36.97 -22.70 -7.94
N THR A 584 36.78 -23.67 -8.82
CA THR A 584 37.76 -24.07 -9.82
C THR A 584 37.13 -23.92 -11.19
N GLY A 585 37.96 -23.72 -12.19
CA GLY A 585 37.47 -23.57 -13.55
C GLY A 585 38.57 -23.03 -14.40
N THR A 586 38.17 -22.35 -15.48
CA THR A 586 39.09 -21.89 -16.48
C THR A 586 38.57 -20.59 -17.01
N TRP A 587 39.48 -19.84 -17.60
CA TRP A 587 39.11 -18.56 -18.24
C TRP A 587 39.90 -18.48 -19.54
N SER A 588 39.37 -17.74 -20.50
CA SER A 588 40.09 -17.48 -21.78
C SER A 588 39.50 -16.22 -22.45
N VAL A 589 40.25 -15.61 -23.36
CA VAL A 589 39.80 -14.39 -24.02
C VAL A 589 39.91 -14.58 -25.52
N LYS A 590 39.42 -13.62 -26.29
CA LYS A 590 39.53 -13.65 -27.73
C LYS A 590 40.46 -12.52 -28.15
N GLU A 591 41.70 -12.88 -28.53
CA GLU A 591 42.71 -11.87 -28.86
C GLU A 591 42.13 -10.78 -29.79
N GLY A 592 42.40 -9.50 -29.51
CA GLY A 592 42.01 -8.43 -30.42
C GLY A 592 40.59 -7.94 -30.13
N THR A 593 39.91 -8.62 -29.20
CA THR A 593 38.58 -8.20 -28.73
C THR A 593 38.56 -8.07 -27.21
N SER A 594 37.45 -7.56 -26.67
CA SER A 594 37.31 -7.46 -25.25
C SER A 594 36.45 -8.59 -24.66
N TYR A 595 36.25 -9.66 -25.43
CA TYR A 595 35.43 -10.79 -24.93
C TYR A 595 36.21 -11.70 -23.97
N ILE A 596 35.49 -12.32 -23.05
CA ILE A 596 36.06 -13.25 -22.11
C ILE A 596 35.05 -14.37 -21.92
N THR A 597 35.58 -15.56 -21.65
CA THR A 597 34.80 -16.73 -21.29
C THR A 597 35.32 -17.23 -19.97
N ILE A 598 34.39 -17.53 -19.08
CA ILE A 598 34.75 -18.03 -17.75
C ILE A 598 33.95 -19.33 -17.61
N ASN A 599 34.66 -20.43 -17.36
CA ASN A 599 34.00 -21.72 -17.17
C ASN A 599 34.07 -22.13 -15.71
N LEU A 600 32.97 -22.07 -15.00
CA LEU A 600 32.94 -22.53 -13.60
C LEU A 600 32.20 -23.88 -13.56
N ASP A 601 31.04 -23.95 -12.93
CA ASP A 601 30.18 -25.13 -13.09
C ASP A 601 29.53 -25.06 -14.45
N LYS A 602 29.40 -23.85 -15.00
CA LYS A 602 28.97 -23.72 -16.37
C LYS A 602 29.73 -22.62 -17.05
N GLU A 603 29.47 -22.43 -18.34
CA GLU A 603 30.20 -21.47 -19.19
C GLU A 603 29.50 -20.12 -19.17
N TYR A 604 30.25 -19.09 -18.79
CA TYR A 604 29.78 -17.68 -18.84
C TYR A 604 30.53 -16.91 -19.91
N LYS A 605 29.78 -16.25 -20.79
CA LYS A 605 30.37 -15.43 -21.87
C LYS A 605 30.16 -13.95 -21.59
N GLY A 606 31.23 -13.18 -21.63
CA GLY A 606 31.05 -11.76 -21.34
C GLY A 606 32.12 -10.86 -21.88
N VAL A 607 32.37 -9.78 -21.14
CA VAL A 607 33.40 -8.78 -21.56
C VAL A 607 34.28 -8.45 -20.37
N ILE A 608 35.50 -7.98 -20.65
CA ILE A 608 36.41 -7.52 -19.61
C ILE A 608 36.92 -6.12 -20.04
N VAL A 609 36.76 -5.15 -19.13
CA VAL A 609 37.02 -3.73 -19.37
C VAL A 609 37.59 -3.10 -18.09
N GLU A 610 38.04 -1.83 -18.16
CA GLU A 610 38.53 -1.13 -16.95
C GLU A 610 37.35 -0.39 -16.38
N GLN A 611 37.31 -0.21 -15.06
CA GLN A 611 36.23 0.54 -14.39
C GLN A 611 36.87 1.34 -13.30
N THR A 612 36.15 2.36 -12.84
CA THR A 612 36.60 3.16 -11.70
C THR A 612 35.69 2.78 -10.57
N LEU A 613 36.28 2.61 -9.39
CA LEU A 613 35.54 2.15 -8.22
C LEU A 613 34.97 3.33 -7.43
N GLU A 614 33.80 3.80 -7.83
CA GLU A 614 33.14 4.89 -7.08
C GLU A 614 33.10 4.68 -5.57
N PRO A 615 33.19 5.79 -4.80
CA PRO A 615 33.36 7.17 -5.23
C PRO A 615 34.87 7.55 -5.34
N THR A 616 35.75 6.55 -5.45
CA THR A 616 37.20 6.84 -5.48
C THR A 616 37.73 7.02 -6.91
N SER A 617 39.04 7.24 -7.06
CA SER A 617 39.67 7.30 -8.38
C SER A 617 40.40 5.97 -8.65
N ASP A 618 40.22 4.95 -7.81
CA ASP A 618 40.90 3.67 -7.97
C ASP A 618 40.30 2.90 -9.17
N LYS A 619 41.16 2.23 -9.91
CA LYS A 619 40.76 1.51 -11.13
C LYS A 619 40.79 0.01 -10.90
N ALA A 620 40.02 -0.70 -11.73
CA ALA A 620 39.95 -2.12 -11.65
C ALA A 620 39.77 -2.68 -13.02
N PHE A 621 40.23 -3.94 -13.22
CA PHE A 621 39.86 -4.70 -14.42
C PHE A 621 38.66 -5.49 -13.98
N VAL A 622 37.62 -5.49 -14.80
CA VAL A 622 36.39 -6.10 -14.32
C VAL A 622 35.71 -6.87 -15.42
N PHE A 623 35.18 -8.06 -15.10
CA PHE A 623 34.45 -8.84 -16.09
C PHE A 623 33.00 -8.93 -15.71
N THR A 624 32.16 -9.19 -16.71
CA THR A 624 30.74 -9.29 -16.52
C THR A 624 30.28 -10.27 -17.60
N ALA A 625 29.58 -11.34 -17.22
CA ALA A 625 29.35 -12.46 -18.14
C ALA A 625 28.04 -13.17 -17.82
N LEU A 626 27.59 -14.00 -18.75
CA LEU A 626 26.22 -14.54 -18.69
C LEU A 626 26.23 -16.00 -19.14
N ASN A 627 25.40 -16.85 -18.52
CA ASN A 627 25.12 -18.18 -19.05
C ASN A 627 23.71 -18.21 -19.64
N ARG A 628 23.44 -19.11 -20.58
CA ARG A 628 22.08 -19.26 -21.17
C ARG A 628 20.98 -19.47 -20.15
N ASN A 629 21.32 -19.90 -18.94
CA ASN A 629 20.24 -20.11 -17.93
C ASN A 629 19.81 -18.79 -17.30
N GLY A 630 20.45 -17.70 -17.75
CA GLY A 630 20.07 -16.31 -17.34
C GLY A 630 20.83 -15.81 -16.12
N VAL A 631 21.71 -16.65 -15.55
CA VAL A 631 22.57 -16.23 -14.43
C VAL A 631 23.78 -15.40 -14.90
N THR A 632 24.06 -14.30 -14.20
CA THR A 632 25.20 -13.45 -14.54
C THR A 632 26.29 -13.54 -13.47
N ILE A 633 27.54 -13.29 -13.88
CA ILE A 633 28.60 -13.17 -12.90
C ILE A 633 29.37 -11.90 -13.13
N TRP A 634 29.88 -11.33 -12.06
CA TRP A 634 30.71 -10.14 -12.19
C TRP A 634 32.02 -10.45 -11.44
N GLY A 635 33.10 -9.82 -11.83
CA GLY A 635 34.36 -10.07 -11.12
C GLY A 635 35.20 -8.81 -11.19
N TYR A 636 36.01 -8.48 -10.16
CA TYR A 636 36.96 -7.36 -10.32
C TYR A 636 38.27 -7.60 -9.59
N LYS A 637 39.32 -7.00 -10.13
CA LYS A 637 40.65 -7.00 -9.54
C LYS A 637 41.12 -5.55 -9.58
N PRO A 638 41.63 -5.00 -8.49
CA PRO A 638 42.30 -3.70 -8.54
C PRO A 638 43.50 -3.78 -9.47
N ILE A 639 43.78 -2.70 -10.15
CA ILE A 639 44.80 -2.66 -11.17
C ILE A 639 46.19 -2.56 -10.53
N ILE B 5 -65.56 -6.35 4.36
CA ILE B 5 -65.94 -5.83 5.73
C ILE B 5 -66.96 -6.76 6.38
N ILE B 6 -66.57 -7.38 7.48
CA ILE B 6 -67.45 -8.28 8.20
C ILE B 6 -68.47 -7.50 9.02
N HIS B 7 -69.74 -7.82 8.83
CA HIS B 7 -70.78 -7.15 9.59
C HIS B 7 -71.15 -7.96 10.84
N LEU B 8 -70.36 -7.77 11.88
CA LEU B 8 -70.42 -8.57 13.11
C LEU B 8 -71.73 -8.44 13.89
N THR B 9 -71.95 -9.41 14.80
CA THR B 9 -73.01 -9.35 15.82
C THR B 9 -72.41 -9.81 17.17
N ASP B 10 -73.16 -9.66 18.26
CA ASP B 10 -72.68 -10.04 19.62
C ASP B 10 -72.23 -11.49 19.68
N ASP B 11 -73.01 -12.38 19.06
CA ASP B 11 -72.69 -13.82 18.99
C ASP B 11 -71.49 -14.08 18.08
N SER B 12 -71.68 -13.73 16.80
CA SER B 12 -70.65 -13.82 15.75
C SER B 12 -69.25 -13.31 16.12
N PHE B 13 -69.17 -12.50 17.17
CA PHE B 13 -67.94 -11.82 17.54
C PHE B 13 -66.79 -12.79 17.83
N ASP B 14 -67.03 -13.78 18.69
CA ASP B 14 -66.00 -14.72 19.11
C ASP B 14 -65.33 -15.50 17.97
N THR B 15 -66.15 -16.00 17.05
CA THR B 15 -65.62 -16.75 15.90
C THR B 15 -64.95 -15.80 14.90
N ASP B 16 -65.65 -14.76 14.47
CA ASP B 16 -65.15 -13.84 13.45
C ASP B 16 -63.97 -12.97 13.88
N VAL B 17 -63.76 -12.82 15.19
CA VAL B 17 -62.75 -11.87 15.69
C VAL B 17 -61.68 -12.54 16.53
N LEU B 18 -62.11 -13.21 17.60
CA LEU B 18 -61.16 -13.80 18.55
C LEU B 18 -60.56 -15.11 18.01
N LYS B 19 -61.21 -15.70 17.02
CA LYS B 19 -60.74 -16.97 16.43
C LYS B 19 -59.98 -16.77 15.10
N ALA B 20 -60.42 -15.80 14.31
CA ALA B 20 -59.97 -15.65 12.91
C ALA B 20 -58.45 -15.54 12.68
N ASP B 21 -58.03 -15.85 11.46
CA ASP B 21 -56.63 -15.76 11.06
C ASP B 21 -56.28 -14.33 10.66
N GLY B 22 -55.17 -13.83 11.20
CA GLY B 22 -54.66 -12.51 10.83
C GLY B 22 -55.21 -11.37 11.67
N ALA B 23 -54.91 -10.15 11.21
CA ALA B 23 -55.29 -8.93 11.91
C ALA B 23 -56.70 -8.50 11.55
N ILE B 24 -57.49 -8.17 12.59
CA ILE B 24 -58.84 -7.65 12.38
C ILE B 24 -59.02 -6.26 13.03
N LEU B 25 -59.45 -5.29 12.22
CA LEU B 25 -59.70 -3.92 12.71
C LEU B 25 -61.20 -3.83 12.90
N VAL B 26 -61.64 -3.67 14.15
CA VAL B 26 -63.07 -3.63 14.46
C VAL B 26 -63.53 -2.19 14.78
N ASP B 27 -64.58 -1.73 14.10
CA ASP B 27 -65.17 -0.40 14.33
C ASP B 27 -66.52 -0.51 15.05
N PHE B 28 -66.52 -0.05 16.30
CA PHE B 28 -67.71 0.00 17.12
C PHE B 28 -68.38 1.33 16.83
N TRP B 29 -69.62 1.27 16.31
CA TRP B 29 -70.35 2.45 15.85
C TRP B 29 -71.80 2.42 16.32
N ALA B 30 -72.47 3.55 16.24
CA ALA B 30 -73.92 3.67 16.51
C ALA B 30 -74.56 4.69 15.57
N GLU B 31 -75.89 4.60 15.41
CA GLU B 31 -76.62 5.44 14.48
C GLU B 31 -76.61 6.95 14.80
N TRP B 32 -76.80 7.33 16.05
CA TRP B 32 -76.87 8.75 16.37
C TRP B 32 -75.49 9.35 16.59
N CYS B 33 -74.55 9.01 15.71
CA CYS B 33 -73.18 9.48 15.87
C CYS B 33 -72.65 9.99 14.54
N GLY B 34 -72.54 11.31 14.41
CA GLY B 34 -72.01 11.91 13.20
C GLY B 34 -70.61 11.42 12.90
N PRO B 35 -69.71 11.41 13.92
CA PRO B 35 -68.36 10.93 13.59
C PRO B 35 -68.29 9.49 13.06
N CYS B 36 -69.19 8.61 13.49
CA CYS B 36 -69.26 7.24 12.96
C CYS B 36 -69.55 7.25 11.44
N LYS B 37 -70.45 8.13 11.02
CA LYS B 37 -70.73 8.29 9.59
C LYS B 37 -69.58 8.90 8.78
N MET B 38 -68.75 9.74 9.41
CA MET B 38 -67.54 10.30 8.78
C MET B 38 -66.52 9.22 8.41
N ILE B 39 -66.39 8.19 9.23
CA ILE B 39 -65.36 7.19 8.97
C ILE B 39 -65.83 5.97 8.19
N ALA B 40 -67.15 5.82 8.01
CA ALA B 40 -67.70 4.69 7.26
C ALA B 40 -67.07 4.54 5.85
N PRO B 41 -67.05 5.63 5.04
CA PRO B 41 -66.43 5.44 3.73
C PRO B 41 -64.91 5.23 3.81
N ILE B 42 -64.25 5.93 4.72
CA ILE B 42 -62.82 5.78 4.94
C ILE B 42 -62.47 4.34 5.22
N LEU B 43 -63.30 3.66 6.02
CA LEU B 43 -63.06 2.26 6.30
C LEU B 43 -63.30 1.35 5.08
N ASP B 44 -64.19 1.75 4.18
CA ASP B 44 -64.37 1.03 2.91
C ASP B 44 -63.08 1.02 2.08
N GLU B 45 -62.46 2.20 1.94
CA GLU B 45 -61.20 2.37 1.20
C GLU B 45 -60.03 1.61 1.84
N ILE B 46 -60.05 1.47 3.16
CA ILE B 46 -59.02 0.73 3.87
C ILE B 46 -59.19 -0.78 3.69
N ALA B 47 -60.45 -1.23 3.64
CA ALA B 47 -60.76 -2.64 3.38
C ALA B 47 -60.20 -3.09 2.01
N ASP B 48 -60.31 -2.19 1.02
CA ASP B 48 -59.75 -2.41 -0.32
C ASP B 48 -58.22 -2.35 -0.33
N GLU B 49 -57.65 -1.23 0.14
CA GLU B 49 -56.21 -1.03 0.15
C GLU B 49 -55.43 -2.02 1.01
N TYR B 50 -56.09 -2.74 1.91
CA TYR B 50 -55.37 -3.60 2.87
C TYR B 50 -55.81 -5.07 2.88
N GLN B 51 -56.46 -5.54 1.81
CA GLN B 51 -56.77 -6.98 1.64
C GLN B 51 -55.52 -7.85 1.83
N GLY B 52 -54.37 -7.34 1.40
CA GLY B 52 -53.11 -8.05 1.56
C GLY B 52 -52.60 -8.23 2.99
N LYS B 53 -53.22 -7.56 3.97
CA LYS B 53 -52.70 -7.56 5.35
C LYS B 53 -53.74 -7.60 6.50
N LEU B 54 -55.01 -7.26 6.22
CA LEU B 54 -55.97 -6.94 7.29
C LEU B 54 -57.43 -7.22 6.94
N THR B 55 -58.22 -7.69 7.90
CA THR B 55 -59.68 -7.70 7.70
C THR B 55 -60.34 -6.59 8.56
N VAL B 56 -61.31 -5.91 7.98
CA VAL B 56 -62.03 -4.83 8.62
C VAL B 56 -63.44 -5.30 8.96
N ALA B 57 -63.89 -4.97 10.17
CA ALA B 57 -65.20 -5.40 10.66
C ALA B 57 -65.91 -4.29 11.44
N LYS B 58 -67.24 -4.19 11.27
CA LYS B 58 -68.06 -3.18 11.94
C LYS B 58 -68.98 -3.88 12.95
N LEU B 59 -69.11 -3.30 14.14
CA LEU B 59 -70.10 -3.80 15.09
C LEU B 59 -70.98 -2.67 15.56
N ASN B 60 -72.27 -2.83 15.36
CA ASN B 60 -73.22 -1.81 15.75
C ASN B 60 -73.64 -2.03 17.20
N ILE B 61 -73.16 -1.17 18.11
CA ILE B 61 -73.45 -1.29 19.55
C ILE B 61 -74.92 -1.14 19.95
N ASP B 62 -75.75 -0.56 19.09
CA ASP B 62 -77.20 -0.47 19.36
C ASP B 62 -77.93 -1.82 19.23
N GLN B 63 -77.54 -2.64 18.26
CA GLN B 63 -78.14 -3.99 18.17
C GLN B 63 -77.35 -4.95 19.03
N ASN B 64 -76.09 -4.62 19.29
CA ASN B 64 -75.19 -5.54 19.97
C ASN B 64 -74.59 -5.00 21.27
N PRO B 65 -75.40 -4.90 22.34
CA PRO B 65 -74.93 -4.23 23.56
C PRO B 65 -73.92 -4.97 24.44
N GLY B 66 -73.70 -6.26 24.19
CA GLY B 66 -72.87 -7.09 25.05
C GLY B 66 -71.37 -6.91 24.93
N THR B 67 -70.88 -6.75 23.70
CA THR B 67 -69.45 -6.78 23.44
C THR B 67 -68.69 -5.59 23.98
N ALA B 68 -69.22 -4.38 23.74
CA ALA B 68 -68.47 -3.15 23.96
C ALA B 68 -67.97 -2.95 25.38
N PRO B 69 -68.81 -3.25 26.39
CA PRO B 69 -68.30 -2.98 27.75
C PRO B 69 -67.22 -4.00 28.18
N LYS B 70 -67.11 -5.12 27.48
CA LYS B 70 -65.99 -6.07 27.69
C LYS B 70 -64.63 -5.41 27.40
N TYR B 71 -64.62 -4.45 26.50
CA TYR B 71 -63.37 -3.78 26.10
C TYR B 71 -63.27 -2.35 26.56
N GLY B 72 -64.22 -1.96 27.41
CA GLY B 72 -64.20 -0.66 28.07
C GLY B 72 -64.49 0.52 27.16
N ILE B 73 -65.21 0.25 26.08
CA ILE B 73 -65.52 1.25 25.06
C ILE B 73 -66.52 2.29 25.58
N ARG B 74 -66.21 3.55 25.33
CA ARG B 74 -67.00 4.68 25.82
C ARG B 74 -67.22 5.63 24.64
N GLY B 75 -66.28 6.53 24.37
CA GLY B 75 -66.36 7.40 23.20
C GLY B 75 -66.54 6.60 21.91
N ILE B 76 -67.42 7.02 21.02
CA ILE B 76 -67.49 6.39 19.70
C ILE B 76 -67.25 7.36 18.51
N PRO B 77 -66.79 6.85 17.35
CA PRO B 77 -66.41 5.46 17.07
C PRO B 77 -65.13 5.07 17.81
N THR B 78 -64.99 3.79 18.14
CA THR B 78 -63.70 3.28 18.64
C THR B 78 -63.26 2.28 17.62
N LEU B 79 -61.97 2.34 17.29
CA LEU B 79 -61.36 1.33 16.46
C LEU B 79 -60.40 0.52 17.32
N LEU B 80 -60.65 -0.80 17.33
CA LEU B 80 -59.81 -1.77 18.02
C LEU B 80 -59.09 -2.65 17.00
N LEU B 81 -57.77 -2.68 17.08
CA LEU B 81 -56.99 -3.63 16.26
C LEU B 81 -56.70 -4.93 17.03
N PHE B 82 -57.36 -6.03 16.63
CA PHE B 82 -57.12 -7.35 17.25
C PHE B 82 -56.07 -8.14 16.46
N LYS B 83 -55.08 -8.66 17.16
CA LYS B 83 -54.15 -9.62 16.54
C LYS B 83 -54.31 -10.94 17.25
N ASN B 84 -54.75 -11.96 16.50
CA ASN B 84 -54.96 -13.34 17.02
C ASN B 84 -55.45 -13.45 18.48
N GLY B 85 -56.58 -12.81 18.76
CA GLY B 85 -57.19 -12.96 20.08
C GLY B 85 -57.22 -11.75 20.97
N GLU B 86 -56.15 -10.96 21.02
CA GLU B 86 -56.16 -9.75 21.84
C GLU B 86 -55.97 -8.43 21.08
N VAL B 87 -56.43 -7.36 21.72
CA VAL B 87 -56.29 -5.99 21.25
C VAL B 87 -54.83 -5.56 21.30
N ALA B 88 -54.26 -5.40 20.12
CA ALA B 88 -52.91 -4.86 19.95
C ALA B 88 -52.86 -3.33 20.03
N ALA B 89 -53.90 -2.65 19.52
CA ALA B 89 -53.96 -1.18 19.55
C ALA B 89 -55.39 -0.61 19.49
N THR B 90 -55.52 0.67 19.87
CA THR B 90 -56.82 1.33 20.01
C THR B 90 -56.77 2.80 19.56
N LYS B 91 -57.85 3.30 18.95
CA LYS B 91 -58.02 4.72 18.66
C LYS B 91 -59.51 5.06 18.79
N VAL B 92 -59.81 6.28 19.18
CA VAL B 92 -61.19 6.73 19.41
C VAL B 92 -61.38 7.97 18.58
N GLY B 93 -62.44 7.97 17.78
CA GLY B 93 -62.84 9.18 17.06
C GLY B 93 -62.62 9.08 15.56
N ALA B 94 -63.22 10.01 14.82
CA ALA B 94 -63.15 10.10 13.36
C ALA B 94 -61.75 10.51 12.85
N LEU B 95 -60.88 9.51 12.70
CA LEU B 95 -59.54 9.75 12.14
C LEU B 95 -59.63 10.07 10.66
N SER B 96 -58.67 10.81 10.14
CA SER B 96 -58.62 11.01 8.69
C SER B 96 -58.08 9.71 8.10
N LYS B 97 -58.37 9.44 6.83
CA LYS B 97 -57.81 8.28 6.13
C LYS B 97 -56.28 8.24 6.31
N GLY B 98 -55.64 9.40 6.38
CA GLY B 98 -54.19 9.49 6.50
C GLY B 98 -53.73 9.11 7.89
N GLN B 99 -54.53 9.43 8.90
CA GLN B 99 -54.23 9.04 10.28
C GLN B 99 -54.45 7.55 10.45
N LEU B 100 -55.47 7.01 9.77
CA LEU B 100 -55.77 5.61 9.84
C LEU B 100 -54.65 4.81 9.17
N LYS B 101 -54.24 5.25 7.98
CA LYS B 101 -53.10 4.60 7.27
C LYS B 101 -51.83 4.57 8.13
N GLU B 102 -51.56 5.68 8.80
CA GLU B 102 -50.39 5.81 9.68
C GLU B 102 -50.49 4.83 10.87
N PHE B 103 -51.70 4.68 11.40
CA PHE B 103 -51.99 3.72 12.48
C PHE B 103 -51.75 2.27 12.07
N LEU B 104 -52.37 1.86 10.96
CA LEU B 104 -52.20 0.50 10.43
C LEU B 104 -50.74 0.22 10.04
N ASP B 105 -50.09 1.17 9.39
CA ASP B 105 -48.69 1.04 8.99
C ASP B 105 -47.71 0.93 10.17
N ALA B 106 -48.02 1.57 11.29
CA ALA B 106 -47.22 1.42 12.49
C ALA B 106 -47.56 0.17 13.33
N ASN B 107 -48.67 -0.51 13.03
CA ASN B 107 -49.12 -1.61 13.91
C ASN B 107 -49.36 -3.01 13.31
N LEU B 108 -49.40 -3.08 11.98
CA LEU B 108 -49.46 -4.34 11.27
C LEU B 108 -48.04 -4.92 11.09
N ALA B 109 -47.48 -5.44 12.19
CA ALA B 109 -46.12 -5.99 12.30
C ALA B 109 -45.57 -5.68 13.70
N GLY B 110 -46.42 -5.09 14.54
CA GLY B 110 -46.14 -5.00 15.98
C GLY B 110 -45.73 -3.66 16.54
N SER B 111 -45.54 -3.64 17.85
CA SER B 111 -45.02 -2.44 18.50
C SER B 111 -43.50 -2.45 18.37
N GLY B 112 -42.93 -1.33 17.94
CA GLY B 112 -43.69 -0.13 17.59
C GLY B 112 -42.94 1.14 17.93
N SER B 113 -43.58 2.28 17.66
CA SER B 113 -43.02 3.64 17.88
C SER B 113 -41.57 3.89 17.38
N GLY B 114 -41.02 2.94 16.63
CA GLY B 114 -39.83 3.18 15.78
C GLY B 114 -40.30 3.95 14.55
N PRO B 115 -39.38 4.61 13.83
CA PRO B 115 -39.88 5.54 12.81
C PRO B 115 -40.67 4.82 11.70
N SER B 116 -41.74 5.45 11.20
CA SER B 116 -42.46 4.90 10.04
C SER B 116 -41.71 5.15 8.72
N THR B 117 -40.74 6.09 8.73
CA THR B 117 -39.80 6.25 7.61
C THR B 117 -38.43 6.80 8.02
N TYR B 118 -37.47 6.61 7.13
CA TYR B 118 -36.09 6.96 7.38
C TYR B 118 -35.38 7.04 6.05
N GLU B 119 -34.19 7.63 6.02
CA GLU B 119 -33.41 7.65 4.79
C GLU B 119 -31.98 7.31 5.17
N LEU B 120 -31.39 6.36 4.45
CA LEU B 120 -29.97 6.05 4.67
C LEU B 120 -29.20 6.87 3.69
N LYS B 121 -28.48 7.88 4.17
CA LYS B 121 -27.69 8.64 3.25
C LYS B 121 -26.23 8.31 3.59
N ARG B 122 -25.53 7.72 2.64
CA ARG B 122 -24.19 7.16 2.81
C ARG B 122 -23.07 8.17 2.76
N VAL B 123 -21.99 7.90 3.50
CA VAL B 123 -20.75 8.65 3.36
C VAL B 123 -19.59 7.66 3.36
N SER B 124 -18.45 8.08 2.80
CA SER B 124 -17.27 7.23 2.75
C SER B 124 -16.24 7.92 3.65
N VAL B 125 -16.15 7.43 4.88
CA VAL B 125 -15.17 7.91 5.82
C VAL B 125 -14.38 6.64 6.19
N HIS B 126 -13.12 6.56 5.75
CA HIS B 126 -12.35 5.36 6.03
C HIS B 126 -11.85 5.45 7.47
N ASP B 127 -11.85 4.32 8.19
CA ASP B 127 -11.43 4.27 9.62
C ASP B 127 -12.25 5.23 10.54
N PRO B 128 -13.58 5.05 10.63
CA PRO B 128 -14.39 6.05 11.30
C PRO B 128 -14.36 5.92 12.84
N SER B 129 -14.09 7.01 13.57
CA SER B 129 -14.19 7.03 15.04
C SER B 129 -15.38 7.92 15.42
N ILE B 130 -16.36 7.34 16.13
CA ILE B 130 -17.59 8.01 16.48
C ILE B 130 -17.42 8.74 17.81
N VAL B 131 -18.09 9.89 17.95
CA VAL B 131 -18.09 10.60 19.23
C VAL B 131 -19.37 11.44 19.27
N TRP B 132 -19.88 11.65 20.47
CA TRP B 132 -21.13 12.40 20.64
C TRP B 132 -20.82 13.81 21.11
N ASP B 133 -21.42 14.79 20.46
CA ASP B 133 -21.32 16.17 20.95
C ASP B 133 -22.65 16.55 21.65
N PRO B 134 -22.62 16.59 22.99
CA PRO B 134 -23.84 16.88 23.79
C PRO B 134 -24.38 18.30 23.57
N SER B 135 -23.52 19.24 23.16
CA SER B 135 -23.94 20.64 23.00
C SER B 135 -24.85 20.79 21.78
N SER B 136 -24.64 19.99 20.74
CA SER B 136 -25.56 19.99 19.58
C SER B 136 -26.39 18.72 19.38
N LYS B 137 -26.31 17.75 20.31
CA LYS B 137 -26.99 16.45 20.19
C LYS B 137 -26.77 15.78 18.82
N THR B 138 -25.50 15.73 18.44
CA THR B 138 -25.13 15.25 17.12
C THR B 138 -23.94 14.29 17.27
N TYR B 139 -23.95 13.22 16.49
CA TYR B 139 -22.81 12.32 16.43
C TYR B 139 -21.87 12.74 15.31
N TYR B 140 -20.56 12.67 15.53
CA TYR B 140 -19.55 12.94 14.53
C TYR B 140 -18.73 11.68 14.32
N ILE B 141 -18.21 11.50 13.10
CA ILE B 141 -17.16 10.52 12.87
C ILE B 141 -16.00 11.24 12.22
N PHE B 142 -14.78 10.83 12.55
CA PHE B 142 -13.56 11.42 11.93
C PHE B 142 -12.77 10.20 11.43
N GLY B 143 -12.30 10.27 10.19
CA GLY B 143 -11.52 9.15 9.66
C GLY B 143 -10.24 9.63 9.00
N SER B 144 -9.62 8.73 8.24
CA SER B 144 -8.36 9.03 7.58
C SER B 144 -8.52 10.09 6.49
N HIS B 145 -7.40 10.69 6.12
CA HIS B 145 -7.35 11.63 5.00
C HIS B 145 -8.31 12.83 5.26
N ARG B 146 -8.49 13.22 6.52
CA ARG B 146 -9.33 14.34 6.91
C ARG B 146 -10.82 14.17 6.59
N ALA B 147 -11.26 12.94 6.36
CA ALA B 147 -12.69 12.70 6.12
C ALA B 147 -13.43 12.85 7.46
N ALA B 148 -14.63 13.48 7.46
CA ALA B 148 -15.43 13.62 8.67
C ALA B 148 -16.90 13.69 8.25
N ALA B 149 -17.81 13.33 9.14
CA ALA B 149 -19.24 13.42 8.82
C ALA B 149 -20.00 13.55 10.12
N LYS B 150 -21.29 13.92 10.06
CA LYS B 150 -22.07 14.04 11.24
C LYS B 150 -23.47 13.58 10.92
N THR B 151 -24.22 13.26 11.97
CA THR B 151 -25.61 12.76 11.86
C THR B 151 -26.31 12.99 13.18
N THR B 152 -27.63 13.14 13.14
CA THR B 152 -28.40 13.15 14.38
C THR B 152 -29.16 11.82 14.62
N ASP B 153 -29.23 10.97 13.59
CA ASP B 153 -30.06 9.77 13.65
C ASP B 153 -29.31 8.47 13.30
N LEU B 154 -28.02 8.59 12.98
CA LEU B 154 -27.14 7.45 12.65
C LEU B 154 -27.51 6.72 11.35
N MET B 155 -28.32 7.37 10.52
CA MET B 155 -28.75 6.81 9.24
C MET B 155 -28.39 7.71 8.07
N SER B 156 -28.60 9.01 8.29
CA SER B 156 -28.36 10.04 7.29
C SER B 156 -27.13 10.85 7.72
N TRP B 157 -26.08 10.72 6.96
CA TRP B 157 -24.80 11.34 7.30
C TRP B 157 -24.54 12.51 6.40
N THR B 158 -23.89 13.53 6.94
CA THR B 158 -23.43 14.64 6.13
C THR B 158 -21.91 14.84 6.27
N ALA B 159 -21.19 14.84 5.16
CA ALA B 159 -19.71 15.01 5.18
C ALA B 159 -19.24 16.47 5.25
N PHE B 160 -18.09 16.69 5.90
CA PHE B 160 -17.49 18.03 6.02
C PHE B 160 -16.00 17.87 6.31
N THR B 161 -15.26 18.96 6.29
CA THR B 161 -13.83 18.89 6.59
C THR B 161 -13.55 19.90 7.72
N ALA B 162 -12.81 19.47 8.72
CA ALA B 162 -12.40 20.32 9.85
C ALA B 162 -11.08 21.01 9.49
N PRO B 163 -11.01 22.35 9.61
CA PRO B 163 -9.76 23.03 9.21
C PRO B 163 -8.65 22.81 10.23
N TRP B 164 -7.40 23.05 9.82
CA TRP B 164 -6.27 23.10 10.74
C TRP B 164 -6.06 24.54 11.07
N LYS B 165 -5.62 24.80 12.31
CA LYS B 165 -5.19 26.14 12.73
C LYS B 165 -3.67 26.11 12.88
N THR B 166 -3.03 27.25 12.61
CA THR B 166 -1.61 27.48 12.84
C THR B 166 -1.55 28.83 13.59
N ALA B 167 -0.36 29.27 14.01
CA ALA B 167 -0.17 30.60 14.65
C ALA B 167 -0.65 31.71 13.74
N THR B 168 -0.51 31.52 12.43
CA THR B 168 -0.80 32.59 11.46
C THR B 168 -1.95 32.31 10.47
N SER B 169 -2.64 31.18 10.63
CA SER B 169 -3.78 30.83 9.76
C SER B 169 -4.86 30.04 10.50
N ASN B 170 -6.12 30.29 10.14
CA ASN B 170 -7.26 29.48 10.60
C ASN B 170 -7.69 28.40 9.61
N ASN B 171 -6.96 28.24 8.52
CA ASN B 171 -7.20 27.20 7.56
C ASN B 171 -5.88 26.77 6.94
N ALA B 172 -5.03 26.15 7.74
CA ALA B 172 -3.64 25.91 7.39
C ALA B 172 -3.47 24.71 6.48
N ALA B 173 -2.40 24.73 5.70
CA ALA B 173 -2.10 23.60 4.77
C ALA B 173 -1.59 22.40 5.58
N ASN B 174 -1.79 21.17 5.08
CA ASN B 174 -1.28 19.98 5.77
C ASN B 174 0.22 20.08 6.01
N ASN B 175 0.98 20.62 5.04
CA ASN B 175 2.45 20.59 5.16
C ASN B 175 3.03 21.59 6.17
N VAL B 176 2.16 22.33 6.84
CA VAL B 176 2.57 23.29 7.84
C VAL B 176 1.85 23.05 9.18
N ALA B 177 0.81 22.22 9.16
CA ALA B 177 -0.05 22.01 10.34
C ALA B 177 0.59 21.22 11.51
N PHE B 178 1.64 20.43 11.23
CA PHE B 178 2.13 19.47 12.23
C PHE B 178 3.62 19.71 12.47
N GLU B 179 4.06 20.95 12.26
CA GLU B 179 5.49 21.31 12.32
C GLU B 179 5.96 21.78 13.69
N THR B 180 5.16 22.60 14.38
CA THR B 180 5.62 23.25 15.63
C THR B 180 4.65 23.04 16.77
N PRO B 181 4.99 22.24 17.80
CA PRO B 181 4.01 22.05 18.87
C PRO B 181 3.72 23.35 19.58
N ALA B 182 2.45 23.53 19.98
CA ALA B 182 2.03 24.66 20.80
C ALA B 182 2.53 24.46 22.23
N VAL B 183 2.68 23.20 22.67
CA VAL B 183 3.20 22.90 24.02
C VAL B 183 4.73 22.99 24.06
N LYS B 184 5.25 23.79 25.00
CA LYS B 184 6.72 24.00 25.14
C LYS B 184 7.29 23.32 26.38
N LYS B 185 6.44 23.07 27.36
CA LYS B 185 6.86 22.49 28.61
C LYS B 185 5.81 21.52 29.08
N VAL B 186 6.26 20.44 29.72
CA VAL B 186 5.34 19.53 30.42
C VAL B 186 5.89 19.29 31.83
N LYS B 187 5.03 18.75 32.70
CA LYS B 187 5.37 18.40 34.11
C LYS B 187 5.90 16.99 34.27
N LYS B 188 7.03 16.86 34.95
CA LYS B 188 7.57 15.54 35.31
C LYS B 188 8.29 15.72 36.65
N GLY B 189 8.03 14.83 37.59
CA GLY B 189 8.53 14.95 38.96
C GLY B 189 8.17 16.29 39.60
N GLY B 190 6.96 16.78 39.32
CA GLY B 190 6.46 18.03 39.90
C GLY B 190 6.97 19.37 39.34
N VAL B 191 7.90 19.34 38.39
CA VAL B 191 8.38 20.59 37.77
C VAL B 191 8.15 20.64 36.23
N ASP B 192 8.12 21.85 35.67
CA ASP B 192 8.03 22.05 34.21
C ASP B 192 9.35 21.69 33.58
N VAL B 193 9.33 20.90 32.51
CA VAL B 193 10.58 20.52 31.85
C VAL B 193 10.38 20.71 30.35
N ASP B 194 11.46 20.90 29.58
CA ASP B 194 11.33 21.19 28.15
C ASP B 194 10.67 20.02 27.42
N PHE B 195 9.76 20.36 26.51
CA PHE B 195 9.06 19.36 25.68
C PHE B 195 9.60 19.52 24.24
N PRO B 196 9.82 18.42 23.49
CA PRO B 196 10.58 18.61 22.23
C PRO B 196 9.84 19.44 21.16
N ALA B 197 10.56 20.23 20.38
CA ALA B 197 9.94 20.97 19.27
C ALA B 197 9.85 20.07 18.01
N PHE B 198 8.96 19.10 18.11
CA PHE B 198 8.94 17.96 17.18
C PHE B 198 8.06 18.25 15.97
N SER B 199 8.65 18.13 14.78
CA SER B 199 7.86 18.17 13.54
C SER B 199 7.51 16.75 13.12
N ALA B 200 6.21 16.45 13.18
CA ALA B 200 5.75 15.12 12.81
C ALA B 200 6.08 14.76 11.35
N THR B 201 5.97 15.71 10.44
CA THR B 201 6.25 15.46 9.03
C THR B 201 7.76 15.31 8.78
N LYS B 202 8.61 16.05 9.46
CA LYS B 202 10.06 15.83 9.28
C LYS B 202 10.43 14.43 9.76
N TRP B 203 9.78 13.99 10.83
CA TRP B 203 10.07 12.67 11.40
C TRP B 203 9.64 11.56 10.46
N SER B 204 8.37 11.59 10.02
CA SER B 204 7.93 10.53 9.09
C SER B 204 8.71 10.51 7.80
N ALA B 205 9.18 11.67 7.34
CA ALA B 205 10.03 11.72 6.12
C ALA B 205 11.35 10.96 6.23
N LYS B 206 11.80 10.61 7.46
CA LYS B 206 13.07 9.87 7.62
C LYS B 206 12.92 8.45 7.05
N GLY B 207 11.67 7.99 6.88
CA GLY B 207 11.40 6.65 6.40
C GLY B 207 11.69 6.35 4.93
N GLY B 208 11.85 7.40 4.12
CA GLY B 208 12.00 7.16 2.65
C GLY B 208 12.42 8.43 1.95
N SER B 209 12.07 8.55 0.68
CA SER B 209 12.48 9.65 -0.19
C SER B 209 11.24 10.35 -0.73
N GLY B 210 11.29 11.67 -0.84
CA GLY B 210 10.14 12.41 -1.46
C GLY B 210 8.85 12.30 -0.66
N TYR B 211 9.00 12.28 0.66
CA TYR B 211 7.82 12.26 1.55
C TYR B 211 6.74 13.33 1.34
N SER B 212 5.47 12.94 1.35
CA SER B 212 4.38 13.91 1.48
C SER B 212 3.39 13.48 2.57
N VAL B 213 2.92 14.43 3.39
CA VAL B 213 2.00 14.00 4.47
C VAL B 213 0.59 13.81 3.88
N ASP B 214 0.39 14.22 2.64
CA ASP B 214 -1.00 14.26 2.11
C ASP B 214 -1.81 12.97 2.18
N GLY B 215 -1.17 11.84 1.94
CA GLY B 215 -1.85 10.56 2.08
C GLY B 215 -1.47 9.78 3.32
N ASN B 216 -0.96 10.49 4.33
CA ASN B 216 -0.43 9.85 5.51
C ASN B 216 -1.02 10.37 6.81
N MET B 217 -2.21 10.98 6.72
CA MET B 217 -2.93 11.41 7.93
C MET B 217 -3.99 10.37 8.22
N TRP B 218 -3.72 9.50 9.20
CA TRP B 218 -4.53 8.29 9.33
C TRP B 218 -5.25 8.20 10.65
N ALA B 219 -6.46 7.67 10.56
CA ALA B 219 -7.15 7.03 11.69
C ALA B 219 -7.22 7.87 12.98
N PRO B 220 -7.77 9.08 12.90
CA PRO B 220 -7.87 9.93 14.10
C PRO B 220 -8.86 9.37 15.14
N ASP B 221 -8.66 9.73 16.40
CA ASP B 221 -9.73 9.54 17.39
C ASP B 221 -9.99 10.91 18.01
N VAL B 222 -11.27 11.23 18.25
CA VAL B 222 -11.61 12.52 18.76
C VAL B 222 -12.37 12.33 20.06
N ILE B 223 -12.01 13.10 21.09
CA ILE B 223 -12.57 12.95 22.43
C ILE B 223 -12.63 14.35 23.09
N TYR B 224 -13.60 14.56 23.96
CA TYR B 224 -13.68 15.81 24.68
C TYR B 224 -12.88 15.74 25.96
N ASN B 225 -11.89 16.62 26.12
CA ASN B 225 -11.09 16.58 27.33
C ASN B 225 -11.77 17.48 28.42
N LYS B 226 -12.19 16.85 29.50
CA LYS B 226 -13.04 17.52 30.54
C LYS B 226 -12.27 18.64 31.29
N VAL B 227 -10.94 18.50 31.42
CA VAL B 227 -10.14 19.50 32.13
C VAL B 227 -9.79 20.69 31.23
N LEU B 228 -9.36 20.40 30.00
CA LEU B 228 -9.05 21.43 29.01
C LEU B 228 -10.29 22.16 28.52
N LYS B 229 -11.45 21.50 28.58
CA LYS B 229 -12.68 21.96 27.91
C LYS B 229 -12.46 22.14 26.42
N LYS B 230 -11.81 21.18 25.76
CA LYS B 230 -11.52 21.27 24.34
C LYS B 230 -11.72 19.88 23.72
N TRP B 231 -12.06 19.87 22.43
CA TRP B 231 -12.13 18.67 21.66
C TRP B 231 -10.68 18.36 21.28
N CYS B 232 -10.31 17.09 21.45
CA CYS B 232 -8.93 16.65 21.23
C CYS B 232 -8.89 15.63 20.12
N MET B 233 -8.09 15.90 19.08
CA MET B 233 -7.96 14.95 18.01
C MET B 233 -6.60 14.27 18.15
N TYR B 234 -6.59 12.94 18.19
CA TYR B 234 -5.32 12.16 18.20
C TYR B 234 -5.18 11.59 16.81
N LEU B 235 -4.15 12.02 16.09
CA LEU B 235 -4.04 11.72 14.66
C LEU B 235 -2.73 10.95 14.45
N SER B 236 -2.74 9.93 13.57
CA SER B 236 -1.46 9.26 13.22
C SER B 236 -0.86 9.98 12.06
N ILE B 237 0.45 10.23 12.11
CA ILE B 237 1.19 10.75 10.97
C ILE B 237 2.08 9.57 10.59
N ASN B 238 1.82 8.98 9.42
CA ASN B 238 2.45 7.75 9.04
C ASN B 238 3.69 8.02 8.22
N GLY B 239 4.73 7.22 8.47
CA GLY B 239 5.89 7.19 7.56
C GLY B 239 6.29 5.74 7.29
N ASN B 240 7.17 5.51 6.34
CA ASN B 240 7.71 4.16 6.12
C ASN B 240 8.71 3.78 7.21
N ALA B 241 9.02 2.47 7.32
CA ALA B 241 10.10 1.98 8.21
C ALA B 241 9.83 2.39 9.65
N TRP B 242 8.55 2.44 10.02
CA TRP B 242 8.14 2.66 11.42
C TRP B 242 8.38 4.10 11.90
N TYR B 243 8.77 5.01 11.00
CA TYR B 243 8.85 6.43 11.37
C TYR B 243 7.46 7.09 11.40
N SER B 244 6.73 6.85 12.47
CA SER B 244 5.34 7.31 12.54
C SER B 244 5.13 7.85 13.94
N SER B 245 4.11 8.69 14.13
CA SER B 245 3.85 9.24 15.47
C SER B 245 2.36 9.46 15.61
N ILE B 246 1.91 9.48 16.85
CA ILE B 246 0.57 9.92 17.13
C ILE B 246 0.68 11.29 17.75
N ILE B 247 -0.09 12.25 17.24
CA ILE B 247 -0.01 13.65 17.73
C ILE B 247 -1.37 14.13 18.22
N LEU B 248 -1.35 15.10 19.13
CA LEU B 248 -2.55 15.67 19.69
C LEU B 248 -2.81 17.01 19.01
N LEU B 249 -4.04 17.27 18.56
CA LEU B 249 -4.43 18.65 18.15
C LEU B 249 -5.70 19.00 18.90
N THR B 250 -5.92 20.28 19.22
CA THR B 250 -7.12 20.58 19.98
C THR B 250 -7.95 21.72 19.32
N ALA B 251 -9.24 21.77 19.62
CA ALA B 251 -10.11 22.82 19.13
C ALA B 251 -11.16 23.18 20.19
N ASP B 252 -11.59 24.43 20.20
CA ASP B 252 -12.78 24.84 21.02
C ASP B 252 -14.09 24.25 20.53
N ASN B 253 -14.18 24.02 19.23
CA ASN B 253 -15.40 23.46 18.64
C ASN B 253 -15.06 22.18 17.90
N ILE B 254 -15.97 21.22 17.90
CA ILE B 254 -15.63 19.89 17.38
C ILE B 254 -15.35 19.96 15.90
N GLU B 255 -15.96 20.93 15.21
CA GLU B 255 -15.71 21.09 13.77
C GLU B 255 -14.41 21.85 13.44
N GLY B 256 -13.62 22.20 14.46
CA GLY B 256 -12.34 22.86 14.24
C GLY B 256 -12.39 24.38 14.46
N PRO B 257 -11.29 25.09 14.17
CA PRO B 257 -10.06 24.50 13.64
C PRO B 257 -9.17 23.87 14.73
N TYR B 258 -8.35 22.89 14.35
CA TYR B 258 -7.55 22.09 15.29
C TYR B 258 -6.12 22.59 15.23
N LEU B 259 -5.55 22.79 16.41
CA LEU B 259 -4.17 23.26 16.52
C LEU B 259 -3.26 22.22 17.15
N TYR B 260 -2.13 21.98 16.52
CA TYR B 260 -1.14 21.00 16.99
C TYR B 260 -0.55 21.33 18.35
N GLN B 261 -0.81 20.44 19.30
CA GLN B 261 -0.29 20.55 20.69
C GLN B 261 1.09 19.89 20.80
N GLY B 262 1.23 18.69 20.26
CA GLY B 262 2.50 17.97 20.37
C GLY B 262 2.30 16.47 20.13
N PRO B 263 3.43 15.76 20.02
CA PRO B 263 3.40 14.29 19.93
C PRO B 263 3.01 13.64 21.24
N VAL B 264 2.33 12.52 21.11
CA VAL B 264 1.95 11.71 22.25
C VAL B 264 2.87 10.47 22.39
N VAL B 265 3.14 9.80 21.27
CA VAL B 265 4.11 8.69 21.22
C VAL B 265 4.73 8.65 19.80
N ILE B 266 6.03 8.39 19.74
CA ILE B 266 6.80 8.51 18.50
C ILE B 266 7.52 7.16 18.27
N GLY B 267 7.59 6.72 17.00
CA GLY B 267 8.14 5.39 16.70
C GLY B 267 9.33 5.39 15.76
N GLY B 268 10.09 4.27 15.73
CA GLY B 268 11.00 3.94 14.64
C GLY B 268 12.43 4.38 14.82
N PHE B 269 12.71 4.96 15.99
CA PHE B 269 14.04 5.57 16.30
C PHE B 269 15.17 4.53 16.49
N LYS B 270 15.26 3.59 15.54
CA LYS B 270 16.19 2.49 15.59
C LYS B 270 17.65 2.85 15.25
N ASN B 271 17.88 4.02 14.68
CA ASN B 271 19.19 4.30 14.08
C ASN B 271 19.95 5.41 14.82
N GLY B 272 21.14 5.09 15.29
CA GLY B 272 22.02 6.17 15.75
C GLY B 272 21.44 6.92 16.94
N THR B 273 21.57 8.24 16.93
CA THR B 273 21.02 9.04 18.00
C THR B 273 19.76 9.82 17.63
N GLU B 274 18.99 9.33 16.66
CA GLU B 274 17.79 10.06 16.29
C GLU B 274 16.79 10.11 17.44
N TYR B 275 16.91 9.22 18.44
CA TYR B 275 16.06 9.32 19.62
C TYR B 275 16.11 10.67 20.30
N LYS B 276 17.22 11.36 20.14
CA LYS B 276 17.39 12.67 20.78
C LYS B 276 16.37 13.73 20.28
N GLU B 277 15.86 13.53 19.06
CA GLU B 277 14.79 14.39 18.50
C GLU B 277 13.39 14.12 19.01
N THR B 278 13.19 13.07 19.81
CA THR B 278 11.85 12.68 20.26
C THR B 278 11.67 13.06 21.74
N ASP B 279 10.63 12.57 22.40
CA ASP B 279 10.50 12.62 23.88
C ASP B 279 11.11 11.42 24.64
N PHE B 280 11.89 10.58 23.96
CA PHE B 280 12.48 9.38 24.54
C PHE B 280 13.25 9.70 25.82
N GLU B 281 14.06 10.74 25.80
CA GLU B 281 14.85 11.11 26.97
C GLU B 281 14.04 11.77 28.07
N LEU B 282 12.87 12.30 27.72
CA LEU B 282 11.95 12.80 28.72
C LEU B 282 11.44 11.60 29.51
N VAL B 283 11.21 10.49 28.82
CA VAL B 283 10.74 9.27 29.49
C VAL B 283 11.83 8.53 30.26
N LEU B 284 12.98 8.33 29.64
CA LEU B 284 14.05 7.50 30.23
C LEU B 284 15.16 8.30 30.91
N GLY B 285 15.18 9.62 30.77
CA GLY B 285 16.35 10.41 31.24
C GLY B 285 17.39 10.44 30.11
N PRO B 286 18.35 11.37 30.19
CA PRO B 286 19.32 11.57 29.07
C PRO B 286 20.19 10.34 28.80
N GLN B 287 20.22 9.87 27.56
CA GLN B 287 20.96 8.63 27.20
C GLN B 287 22.14 8.93 26.30
N SER B 288 23.31 8.33 26.59
CA SER B 288 24.53 8.52 25.81
C SER B 288 24.52 7.67 24.54
N SER B 289 23.67 6.66 24.50
CA SER B 289 23.53 5.82 23.30
C SER B 289 22.16 5.19 23.36
N LEU B 290 21.69 4.72 22.22
CA LEU B 290 20.38 4.09 22.17
C LEU B 290 20.43 2.72 22.89
N PRO B 291 19.52 2.44 23.87
CA PRO B 291 19.52 1.11 24.51
C PRO B 291 19.40 0.02 23.46
N GLU B 292 20.15 -1.08 23.64
CA GLU B 292 20.33 -2.03 22.54
C GLU B 292 19.02 -2.69 22.10
N ARG B 293 18.06 -2.83 23.01
CA ARG B 293 16.74 -3.44 22.61
C ARG B 293 16.04 -2.71 21.44
N TYR B 294 16.27 -1.41 21.31
CA TYR B 294 15.68 -0.61 20.18
C TYR B 294 16.49 -0.67 18.89
N ALA B 295 17.74 -1.16 18.93
CA ALA B 295 18.60 -1.10 17.75
C ALA B 295 18.30 -2.36 16.94
N THR B 296 17.15 -2.40 16.27
CA THR B 296 16.64 -3.67 15.75
C THR B 296 16.89 -3.80 14.29
N GLY B 297 17.31 -2.69 13.66
CA GLY B 297 17.34 -2.59 12.18
C GLY B 297 15.98 -3.01 11.61
N GLY B 298 15.98 -3.71 10.48
CA GLY B 298 14.73 -4.09 9.84
C GLY B 298 13.82 -5.07 10.58
N LYS B 299 14.25 -5.56 11.76
CA LYS B 299 13.45 -6.49 12.55
C LYS B 299 12.62 -5.78 13.63
N TRP B 300 12.53 -4.47 13.54
CA TRP B 300 11.76 -3.66 14.47
C TRP B 300 10.36 -4.27 14.67
N GLY B 301 9.73 -4.68 13.57
CA GLY B 301 8.32 -5.12 13.62
C GLY B 301 8.07 -6.45 14.35
N ASP B 302 9.13 -7.20 14.61
CA ASP B 302 8.98 -8.43 15.40
C ASP B 302 8.84 -8.11 16.88
N ARG B 303 9.07 -6.84 17.24
CA ARG B 303 9.25 -6.44 18.65
C ARG B 303 8.43 -5.20 19.08
N TYR B 304 8.44 -4.15 18.23
CA TYR B 304 7.86 -2.84 18.63
C TYR B 304 6.78 -2.35 17.67
N PRO B 305 5.93 -1.42 18.13
CA PRO B 305 4.72 -1.09 17.35
C PRO B 305 4.99 -0.16 16.15
N ASN B 306 4.06 -0.19 15.20
CA ASN B 306 3.97 0.85 14.22
C ASN B 306 3.02 1.87 14.82
N ASN B 307 3.47 3.11 15.01
CA ASN B 307 2.74 4.06 15.91
C ASN B 307 1.61 4.77 15.18
N ILE B 308 0.52 4.03 14.93
CA ILE B 308 -0.63 4.58 14.25
C ILE B 308 -1.91 4.03 14.93
N ASP B 309 -3.09 4.43 14.44
CA ASP B 309 -4.40 3.92 14.89
C ASP B 309 -4.63 4.12 16.41
N PRO B 310 -4.63 5.34 16.91
CA PRO B 310 -4.90 5.54 18.34
C PRO B 310 -6.40 5.33 18.72
N CYS B 311 -6.65 4.86 19.95
CA CYS B 311 -7.97 4.97 20.57
C CYS B 311 -7.68 5.61 21.92
N VAL B 312 -8.39 6.70 22.27
CA VAL B 312 -8.16 7.40 23.55
C VAL B 312 -9.50 7.37 24.27
N PHE B 313 -9.49 7.00 25.55
CA PHE B 313 -10.75 6.94 26.30
C PHE B 313 -10.48 7.19 27.77
N TYR B 314 -11.53 7.64 28.47
CA TYR B 314 -11.53 7.65 29.91
C TYR B 314 -12.09 6.34 30.44
N ASP B 315 -11.39 5.76 31.40
CA ASP B 315 -11.92 4.54 31.98
C ASP B 315 -13.04 4.90 32.99
N GLU B 316 -13.64 3.89 33.59
CA GLU B 316 -14.75 4.14 34.49
C GLU B 316 -14.34 4.84 35.81
N GLU B 317 -13.04 4.90 36.11
CA GLU B 317 -12.55 5.74 37.24
C GLU B 317 -12.18 7.17 36.82
N GLY B 318 -12.38 7.51 35.55
CA GLY B 318 -12.01 8.82 35.06
C GLY B 318 -10.57 9.01 34.61
N LYS B 319 -9.78 7.93 34.53
CA LYS B 319 -8.40 8.06 34.03
C LYS B 319 -8.33 7.89 32.52
N LEU B 320 -7.39 8.63 31.92
CA LEU B 320 -7.30 8.77 30.45
C LEU B 320 -6.18 7.85 29.93
N TRP B 321 -6.50 7.05 28.90
CA TRP B 321 -5.58 6.05 28.39
C TRP B 321 -5.54 6.17 26.87
N MET B 322 -4.46 5.69 26.28
CA MET B 322 -4.43 5.51 24.79
C MET B 322 -3.93 4.10 24.42
N THR B 323 -4.59 3.43 23.47
CA THR B 323 -4.04 2.25 22.82
C THR B 323 -3.64 2.63 21.41
N TYR B 324 -2.70 1.91 20.83
CA TYR B 324 -2.22 2.27 19.51
C TYR B 324 -1.51 1.06 18.94
N GLY B 325 -1.28 1.06 17.63
CA GLY B 325 -0.46 0.02 17.02
C GLY B 325 -1.15 -0.62 15.81
N SER B 326 -0.38 -1.26 14.96
CA SER B 326 -0.92 -1.91 13.76
C SER B 326 0.11 -2.93 13.30
N TRP B 327 -0.30 -4.21 13.28
CA TRP B 327 0.60 -5.34 13.00
C TRP B 327 1.90 -5.12 13.79
N SER B 328 3.04 -5.43 13.17
CA SER B 328 4.35 -5.26 13.85
C SER B 328 4.35 -5.79 15.28
N GLY B 329 4.84 -5.02 16.26
CA GLY B 329 4.98 -5.50 17.63
C GLY B 329 3.69 -5.52 18.42
N GLY B 330 2.57 -5.20 17.76
CA GLY B 330 1.25 -5.37 18.36
C GLY B 330 0.63 -4.05 18.84
N ILE B 331 -0.33 -4.19 19.74
CA ILE B 331 -1.14 -3.09 20.23
C ILE B 331 -0.62 -2.80 21.63
N TRP B 332 -0.27 -1.55 21.88
CA TRP B 332 0.30 -1.13 23.18
C TRP B 332 -0.55 -0.08 23.81
N MET B 333 -0.34 0.18 25.10
CA MET B 333 -1.20 1.11 25.80
C MET B 333 -0.34 1.95 26.75
N ILE B 334 -0.62 3.24 26.81
CA ILE B 334 0.05 4.16 27.75
C ILE B 334 -0.97 5.02 28.47
N GLU B 335 -0.61 5.45 29.67
CA GLU B 335 -1.44 6.39 30.41
C GLU B 335 -1.23 7.77 29.88
N LEU B 336 -2.33 8.51 29.70
CA LEU B 336 -2.27 9.93 29.32
C LEU B 336 -2.55 10.82 30.53
N ASP B 337 -2.12 12.06 30.43
CA ASP B 337 -2.32 13.06 31.48
C ASP B 337 -3.69 13.70 31.30
N GLU B 338 -4.58 13.52 32.29
CA GLU B 338 -5.94 14.06 32.20
C GLU B 338 -5.94 15.57 32.00
N ASN B 339 -4.90 16.25 32.49
CA ASN B 339 -4.89 17.71 32.49
C ASN B 339 -4.46 18.29 31.18
N THR B 340 -3.68 17.56 30.38
CA THR B 340 -3.21 18.13 29.10
C THR B 340 -3.56 17.28 27.85
N GLY B 341 -3.89 16.02 28.05
CA GLY B 341 -4.14 15.07 26.94
C GLY B 341 -2.85 14.51 26.36
N LEU B 342 -1.69 14.97 26.84
CA LEU B 342 -0.42 14.42 26.36
C LEU B 342 -0.06 13.19 27.19
N ARG B 343 1.09 12.55 26.92
CA ARG B 343 1.51 11.41 27.74
C ARG B 343 1.69 11.82 29.21
N ASP B 344 1.33 10.92 30.13
CA ASP B 344 1.57 11.17 31.54
C ASP B 344 3.00 10.75 31.87
N TYR B 345 3.92 11.72 31.88
CA TYR B 345 5.36 11.46 32.07
C TYR B 345 5.70 11.04 33.52
N ASP B 346 4.74 11.17 34.43
CA ASP B 346 4.97 10.64 35.78
C ASP B 346 4.67 9.15 35.94
N VAL B 347 4.18 8.45 34.90
CA VAL B 347 4.05 7.01 35.05
C VAL B 347 5.25 6.28 34.48
N THR B 348 5.73 5.27 35.18
CA THR B 348 6.91 4.50 34.78
C THR B 348 6.43 3.12 34.37
N TYR B 349 7.06 2.57 33.34
CA TYR B 349 6.81 1.22 32.93
C TYR B 349 8.12 0.46 33.11
N GLU B 350 8.04 -0.68 33.79
CA GLU B 350 9.23 -1.50 34.05
C GLU B 350 9.45 -2.50 32.93
N LEU B 351 10.66 -2.57 32.41
CA LEU B 351 10.94 -3.52 31.32
C LEU B 351 10.60 -4.95 31.74
N THR B 352 9.71 -5.61 31.00
CA THR B 352 9.28 -6.95 31.34
C THR B 352 9.38 -7.82 30.11
N GLY B 353 10.09 -8.94 30.23
CA GLY B 353 10.33 -9.85 29.11
C GLY B 353 11.62 -9.41 28.44
N SER B 354 12.07 -10.13 27.41
CA SER B 354 13.29 -9.71 26.70
C SER B 354 13.20 -9.96 25.20
N GLY B 355 13.98 -9.19 24.42
CA GLY B 355 13.94 -9.37 22.94
C GLY B 355 12.52 -9.21 22.39
N ASN B 356 12.10 -10.12 21.51
CA ASN B 356 10.78 -10.05 20.90
C ASN B 356 9.71 -10.50 21.88
N GLY B 357 10.15 -11.00 23.03
CA GLY B 357 9.22 -11.37 24.08
C GLY B 357 8.93 -10.24 25.07
N ILE B 358 9.36 -9.01 24.75
CA ILE B 358 9.06 -7.87 25.66
C ILE B 358 7.54 -7.61 25.72
N THR B 359 6.96 -7.56 26.91
CA THR B 359 5.55 -7.29 27.03
C THR B 359 5.26 -6.00 27.77
N VAL B 360 6.28 -5.43 28.40
CA VAL B 360 6.17 -4.07 28.97
C VAL B 360 7.49 -3.36 28.66
N ASP B 361 7.42 -2.21 28.02
CA ASP B 361 8.61 -1.45 27.63
C ASP B 361 8.61 -0.07 28.27
N PRO B 362 9.77 0.40 28.81
CA PRO B 362 9.79 1.72 29.42
C PRO B 362 9.22 2.85 28.54
N TYR B 363 9.43 2.80 27.21
CA TYR B 363 8.94 3.86 26.31
C TYR B 363 7.53 3.50 25.77
N PHE B 364 7.39 2.30 25.21
CA PHE B 364 6.12 1.97 24.47
C PHE B 364 4.96 1.61 25.38
N GLY B 365 5.24 1.33 26.65
CA GLY B 365 4.14 1.03 27.63
C GLY B 365 3.82 -0.48 27.68
N LYS B 366 2.53 -0.82 27.79
CA LYS B 366 2.12 -2.20 28.10
C LYS B 366 1.52 -2.82 26.84
N LYS B 367 1.98 -4.01 26.46
CA LYS B 367 1.41 -4.65 25.26
C LYS B 367 0.10 -5.33 25.67
N ILE B 368 -0.97 -5.05 24.93
CA ILE B 368 -2.30 -5.65 25.24
C ILE B 368 -2.83 -6.59 24.14
N ALA B 369 -2.23 -6.60 22.94
CA ALA B 369 -2.65 -7.53 21.87
C ALA B 369 -1.56 -7.67 20.82
N GLY B 370 -1.64 -8.76 20.06
CA GLY B 370 -0.73 -9.02 18.94
C GLY B 370 0.73 -9.31 19.40
N GLY B 371 1.68 -8.94 18.54
CA GLY B 371 3.09 -9.20 18.75
C GLY B 371 3.65 -10.06 17.63
N TYR B 372 4.98 -10.07 17.48
CA TYR B 372 5.60 -10.96 16.54
C TYR B 372 5.17 -10.75 15.08
N TYR B 373 4.71 -9.55 14.77
CA TYR B 373 4.27 -9.20 13.45
C TYR B 373 3.05 -10.03 13.02
N VAL B 374 2.23 -10.48 13.96
CA VAL B 374 0.91 -11.03 13.54
C VAL B 374 -0.03 -9.89 13.08
N SER B 375 -1.09 -10.20 12.32
CA SER B 375 -1.99 -9.13 11.88
C SER B 375 -2.81 -8.64 13.07
N GLY B 376 -3.27 -7.39 12.99
CA GLY B 376 -4.19 -6.89 13.98
C GLY B 376 -3.91 -5.40 14.14
N GLU B 377 -4.91 -4.55 13.92
CA GLU B 377 -4.71 -3.08 14.00
C GLU B 377 -6.02 -2.46 14.44
N ALA B 378 -6.04 -1.12 14.52
CA ALA B 378 -7.31 -0.41 14.79
C ALA B 378 -7.87 -0.83 16.14
N SER B 379 -7.00 -0.87 17.17
CA SER B 379 -7.49 -1.25 18.50
C SER B 379 -8.52 -0.26 18.98
N TYR B 380 -9.53 -0.75 19.71
CA TYR B 380 -10.54 0.15 20.23
C TYR B 380 -11.12 -0.41 21.51
N ILE B 381 -11.30 0.43 22.54
CA ILE B 381 -11.79 -0.06 23.86
C ILE B 381 -13.01 0.77 24.23
N GLU B 382 -14.08 0.08 24.66
CA GLU B 382 -15.28 0.74 25.20
C GLU B 382 -15.81 -0.10 26.35
N TYR B 383 -16.24 0.57 27.43
CA TYR B 383 -16.84 -0.09 28.58
C TYR B 383 -18.33 -0.26 28.33
N ILE B 384 -18.79 -1.51 28.30
CA ILE B 384 -20.20 -1.85 27.99
C ILE B 384 -20.65 -2.88 29.01
N GLY B 385 -21.71 -2.56 29.75
CA GLY B 385 -22.37 -3.55 30.60
C GLY B 385 -21.45 -4.33 31.48
N GLY B 386 -20.53 -3.64 32.14
CA GLY B 386 -19.69 -4.28 33.14
C GLY B 386 -18.32 -4.76 32.73
N TYR B 387 -17.97 -4.66 31.45
CA TYR B 387 -16.64 -5.09 30.98
C TYR B 387 -16.05 -4.03 30.04
N TYR B 388 -14.72 -3.99 29.99
CA TYR B 388 -14.04 -3.27 28.94
C TYR B 388 -13.93 -4.25 27.77
N PHE B 389 -14.39 -3.86 26.60
CA PHE B 389 -14.25 -4.67 25.42
C PHE B 389 -13.17 -4.08 24.53
N LEU B 390 -12.31 -4.94 24.00
CA LEU B 390 -11.28 -4.55 23.05
C LEU B 390 -11.63 -5.15 21.68
N PHE B 391 -11.75 -4.28 20.66
CA PHE B 391 -11.83 -4.68 19.25
C PHE B 391 -10.47 -4.56 18.61
N VAL B 392 -10.13 -5.55 17.79
CA VAL B 392 -8.92 -5.50 16.99
C VAL B 392 -9.36 -5.96 15.60
N THR B 393 -8.94 -5.26 14.54
CA THR B 393 -9.29 -5.71 13.19
C THR B 393 -8.08 -6.50 12.64
N TYR B 394 -8.32 -7.75 12.25
CA TYR B 394 -7.26 -8.61 11.68
C TYR B 394 -7.32 -8.49 10.16
N GLY B 395 -6.24 -8.90 9.48
CA GLY B 395 -6.24 -9.00 8.02
C GLY B 395 -5.97 -7.68 7.29
N GLY B 396 -6.17 -7.69 5.98
CA GLY B 396 -5.77 -6.56 5.09
C GLY B 396 -7.03 -5.74 4.71
N LEU B 397 -6.86 -4.44 4.49
CA LEU B 397 -8.05 -3.58 4.35
C LEU B 397 -8.74 -3.66 3.00
N ALA B 398 -8.04 -4.18 1.96
CA ALA B 398 -8.60 -4.10 0.58
C ALA B 398 -9.76 -5.06 0.38
N ALA B 399 -10.42 -4.95 -0.77
CA ALA B 399 -11.60 -5.80 -1.03
C ALA B 399 -11.24 -7.32 -1.11
N GLY B 400 -9.99 -7.64 -1.48
CA GLY B 400 -9.60 -9.07 -1.65
C GLY B 400 -9.79 -9.49 -3.11
N GLY B 401 -9.75 -10.78 -3.42
CA GLY B 401 -9.92 -11.21 -4.83
C GLY B 401 -8.63 -11.34 -5.63
N VAL B 402 -7.49 -11.23 -4.98
CA VAL B 402 -6.25 -11.53 -5.69
C VAL B 402 -5.68 -12.85 -5.17
N ALA B 403 -5.86 -13.88 -6.02
CA ALA B 403 -5.53 -15.25 -5.66
C ALA B 403 -4.13 -15.43 -5.12
N SER B 404 -3.16 -14.63 -5.60
CA SER B 404 -1.79 -14.75 -5.14
C SER B 404 -1.31 -13.74 -4.11
N ASP B 405 -2.21 -12.96 -3.52
CA ASP B 405 -1.78 -12.01 -2.51
C ASP B 405 -2.61 -12.15 -1.22
N TYR B 406 -2.01 -12.77 -0.21
CA TYR B 406 -2.80 -13.16 0.99
C TYR B 406 -3.14 -11.94 1.77
N ASN B 407 -2.28 -10.91 1.67
CA ASN B 407 -2.45 -9.70 2.45
C ASN B 407 -3.37 -8.67 1.79
N ASN B 408 -3.92 -9.03 0.63
CA ASN B 408 -4.87 -8.17 -0.06
C ASN B 408 -6.24 -8.61 0.44
N GLY B 409 -6.80 -7.85 1.36
CA GLY B 409 -8.15 -8.16 1.86
C GLY B 409 -8.08 -8.99 3.14
N GLY B 410 -9.25 -9.40 3.61
CA GLY B 410 -9.31 -10.28 4.77
C GLY B 410 -9.75 -9.53 6.04
N TYR B 411 -10.00 -8.23 5.94
CA TYR B 411 -10.29 -7.41 7.12
C TYR B 411 -11.44 -8.06 7.88
N GLN B 412 -11.27 -8.24 9.18
CA GLN B 412 -12.32 -8.88 9.99
C GLN B 412 -12.11 -8.54 11.44
N MET B 413 -13.22 -8.22 12.12
CA MET B 413 -13.12 -7.64 13.47
C MET B 413 -13.19 -8.75 14.53
N ARG B 414 -12.36 -8.66 15.57
CA ARG B 414 -12.31 -9.67 16.64
C ARG B 414 -12.52 -8.97 17.96
N VAL B 415 -13.24 -9.59 18.88
CA VAL B 415 -13.47 -8.92 20.17
C VAL B 415 -13.01 -9.71 21.39
N PHE B 416 -12.50 -8.99 22.40
CA PHE B 416 -11.91 -9.56 23.63
C PHE B 416 -12.48 -8.71 24.75
N ARG B 417 -12.27 -9.15 25.99
CA ARG B 417 -12.81 -8.38 27.10
C ARG B 417 -11.96 -8.54 28.36
N SER B 418 -12.10 -7.58 29.26
CA SER B 418 -11.35 -7.57 30.52
C SER B 418 -12.17 -6.80 31.56
N GLU B 419 -11.90 -7.09 32.83
CA GLU B 419 -12.49 -6.27 33.89
C GLU B 419 -11.70 -5.00 34.17
N LYS B 420 -10.45 -4.92 33.71
CA LYS B 420 -9.61 -3.72 33.84
C LYS B 420 -9.32 -3.04 32.48
N PRO B 421 -9.15 -1.70 32.45
CA PRO B 421 -8.98 -1.02 31.16
C PRO B 421 -7.69 -1.45 30.48
N ASP B 422 -6.69 -1.83 31.27
CA ASP B 422 -5.40 -2.23 30.67
C ASP B 422 -5.18 -3.75 30.64
N GLY B 423 -6.27 -4.51 30.68
CA GLY B 423 -6.14 -5.95 30.46
C GLY B 423 -5.87 -6.80 31.70
N PRO B 424 -5.53 -8.10 31.50
CA PRO B 424 -5.41 -8.69 30.15
C PRO B 424 -6.75 -8.93 29.40
N TYR B 425 -6.69 -8.79 28.08
CA TYR B 425 -7.89 -8.98 27.24
C TYR B 425 -7.98 -10.40 26.72
N LEU B 426 -9.11 -11.04 27.00
CA LEU B 426 -9.32 -12.45 26.73
C LEU B 426 -10.55 -12.69 25.83
N ASP B 427 -10.54 -13.77 25.04
CA ASP B 427 -11.75 -14.05 24.25
C ASP B 427 -12.69 -14.97 25.05
N ALA B 428 -13.70 -15.53 24.40
CA ALA B 428 -14.74 -16.22 25.13
C ALA B 428 -14.31 -17.62 25.57
N ARG B 429 -13.16 -18.08 25.12
CA ARG B 429 -12.63 -19.29 25.68
C ARG B 429 -11.31 -19.05 26.40
N GLY B 430 -11.08 -17.80 26.81
CA GLY B 430 -9.97 -17.50 27.70
C GLY B 430 -8.61 -17.25 27.05
N THR B 431 -8.55 -17.17 25.73
CA THR B 431 -7.27 -16.90 25.03
C THR B 431 -6.94 -15.40 25.08
N ASP B 432 -5.67 -15.07 25.37
CA ASP B 432 -5.24 -13.65 25.45
C ASP B 432 -5.13 -13.08 24.02
N ALA B 433 -5.43 -11.79 23.86
CA ALA B 433 -5.22 -11.10 22.59
C ALA B 433 -3.71 -10.98 22.28
N VAL B 434 -2.84 -11.06 23.30
CA VAL B 434 -1.37 -11.02 23.07
C VAL B 434 -0.86 -12.38 22.57
N PHE B 435 -0.02 -12.39 21.53
CA PHE B 435 0.50 -13.61 20.94
C PHE B 435 1.88 -13.88 21.54
N ALA B 436 2.21 -15.14 21.84
CA ALA B 436 3.53 -15.48 22.43
C ALA B 436 4.54 -15.91 21.36
N SER B 437 4.07 -16.07 20.12
CA SER B 437 4.97 -16.31 18.96
C SER B 437 4.18 -15.94 17.68
N TYR B 438 4.85 -15.93 16.54
CA TYR B 438 4.13 -15.65 15.27
C TYR B 438 3.12 -16.76 14.95
N LYS B 439 1.88 -16.39 14.63
CA LYS B 439 0.89 -17.28 14.02
C LYS B 439 0.27 -16.50 12.84
N LEU B 440 -0.21 -17.19 11.81
CA LEU B 440 -1.03 -16.57 10.77
C LEU B 440 -2.47 -16.56 11.35
N ASP B 441 -2.98 -15.36 11.65
CA ASP B 441 -4.13 -15.31 12.56
C ASP B 441 -5.45 -15.00 11.82
N PHE B 442 -5.42 -14.99 10.48
CA PHE B 442 -6.65 -14.69 9.70
C PHE B 442 -6.57 -15.44 8.37
N GLY B 443 -7.72 -15.66 7.77
CA GLY B 443 -7.78 -16.09 6.40
C GLY B 443 -7.72 -17.62 6.27
N PRO B 444 -7.71 -18.11 5.02
CA PRO B 444 -7.94 -19.52 4.72
C PRO B 444 -6.80 -20.43 5.19
N ASP B 445 -5.59 -19.92 5.41
CA ASP B 445 -4.49 -20.74 5.93
C ASP B 445 -4.17 -20.46 7.40
N ALA B 446 -5.10 -19.81 8.11
CA ALA B 446 -4.80 -19.38 9.49
C ALA B 446 -4.43 -20.59 10.35
N ASN B 447 -3.49 -20.42 11.26
CA ASN B 447 -3.18 -21.53 12.20
C ASN B 447 -3.52 -21.12 13.64
N ASP B 448 -4.35 -20.09 13.74
CA ASP B 448 -4.85 -19.57 15.03
C ASP B 448 -6.17 -18.84 14.80
N ASN B 449 -7.16 -19.17 15.62
CA ASN B 449 -8.43 -18.44 15.71
C ASN B 449 -8.55 -17.95 17.16
N ARG B 450 -8.51 -16.64 17.40
CA ARG B 450 -8.81 -16.12 18.77
C ARG B 450 -9.58 -14.84 18.62
N GLY B 451 -10.29 -14.46 19.67
CA GLY B 451 -11.19 -13.35 19.57
C GLY B 451 -12.56 -13.84 19.16
N VAL B 452 -13.59 -13.07 19.54
CA VAL B 452 -14.94 -13.35 19.05
C VAL B 452 -15.04 -12.77 17.64
N ASN B 453 -15.49 -13.60 16.68
CA ASN B 453 -15.65 -13.19 15.25
C ASN B 453 -17.03 -12.58 15.17
N ILE B 454 -17.10 -11.28 15.49
CA ILE B 454 -18.38 -10.59 15.68
C ILE B 454 -19.28 -10.74 14.44
N PHE B 455 -18.71 -10.61 13.23
CA PHE B 455 -19.31 -11.13 11.97
C PHE B 455 -18.22 -10.99 10.91
N GLY B 456 -18.40 -11.61 9.76
CA GLY B 456 -17.35 -11.47 8.69
C GLY B 456 -18.03 -11.08 7.39
N ALA B 457 -17.45 -11.45 6.27
CA ALA B 457 -18.01 -11.07 4.97
C ALA B 457 -19.26 -11.93 4.73
N TYR B 458 -20.32 -11.32 4.19
CA TYR B 458 -21.55 -12.10 3.93
C TYR B 458 -22.38 -11.48 2.83
N GLY B 459 -23.26 -12.29 2.24
CA GLY B 459 -24.18 -11.77 1.23
C GLY B 459 -25.46 -12.59 1.21
N ASP B 460 -26.26 -12.37 0.18
CA ASP B 460 -27.59 -12.99 0.02
C ASP B 460 -28.42 -12.85 1.30
N TRP B 461 -28.39 -11.65 1.92
CA TRP B 461 -28.91 -11.45 3.26
C TRP B 461 -29.80 -10.24 3.33
N GLY B 462 -31.11 -10.45 3.54
CA GLY B 462 -32.01 -9.31 3.60
C GLY B 462 -32.14 -8.57 2.26
N ASN B 463 -32.44 -7.28 2.34
CA ASN B 463 -32.71 -6.48 1.14
C ASN B 463 -31.53 -5.59 0.68
N GLN B 464 -30.51 -5.43 1.51
CA GLN B 464 -29.38 -4.53 1.20
C GLN B 464 -28.11 -5.30 0.83
N THR B 465 -27.66 -6.17 1.75
CA THR B 465 -26.40 -6.95 1.56
C THR B 465 -26.61 -8.15 0.70
N LYS B 466 -26.68 -7.91 -0.60
CA LYS B 466 -26.81 -9.00 -1.58
C LYS B 466 -26.25 -8.57 -2.90
N GLY B 467 -25.84 -9.54 -3.73
CA GLY B 467 -25.29 -9.21 -5.04
C GLY B 467 -24.00 -8.38 -4.86
N LYS B 468 -23.77 -7.41 -5.75
CA LYS B 468 -22.55 -6.59 -5.71
C LYS B 468 -22.43 -5.80 -4.40
N ASN B 469 -23.56 -5.57 -3.75
CA ASN B 469 -23.62 -4.88 -2.46
C ASN B 469 -23.42 -5.75 -1.21
N SER B 470 -23.04 -7.02 -1.41
CA SER B 470 -22.69 -7.91 -0.28
C SER B 470 -21.47 -7.29 0.36
N GLU B 471 -21.36 -7.42 1.69
CA GLU B 471 -20.32 -6.66 2.47
C GLU B 471 -19.12 -7.51 2.87
N ARG B 472 -17.92 -6.92 2.82
CA ARG B 472 -16.72 -7.68 3.10
C ARG B 472 -15.67 -6.65 3.54
N SER B 473 -14.56 -7.15 4.09
CA SER B 473 -13.48 -6.31 4.61
C SER B 473 -13.99 -5.27 5.58
N GLN B 474 -14.97 -5.67 6.40
CA GLN B 474 -15.55 -4.76 7.38
C GLN B 474 -14.53 -4.58 8.51
N GLY B 475 -14.28 -3.36 8.96
CA GLY B 475 -13.35 -3.20 10.08
C GLY B 475 -12.99 -1.77 10.41
N HIS B 476 -11.89 -1.67 11.15
CA HIS B 476 -11.45 -0.39 11.75
C HIS B 476 -12.60 0.33 12.44
N ASN B 477 -13.19 -0.33 13.43
CA ASN B 477 -14.41 0.16 13.98
C ASN B 477 -14.22 1.11 15.16
N SER B 478 -15.30 1.78 15.54
CA SER B 478 -15.37 2.31 16.84
C SER B 478 -16.69 1.85 17.42
N ILE B 479 -16.96 2.17 18.66
CA ILE B 479 -18.23 1.69 19.26
C ILE B 479 -18.56 2.64 20.38
N ILE B 480 -19.85 2.84 20.64
CA ILE B 480 -20.22 3.80 21.66
C ILE B 480 -21.43 3.25 22.42
N ALA B 481 -21.33 3.19 23.76
CA ALA B 481 -22.51 2.93 24.61
C ALA B 481 -23.07 4.31 24.87
N ALA B 482 -24.04 4.68 24.05
CA ALA B 482 -24.52 6.06 23.90
C ALA B 482 -25.45 6.49 25.02
N GLU B 483 -25.69 7.79 25.08
CA GLU B 483 -26.51 8.39 26.14
C GLU B 483 -27.99 8.01 25.99
N ASP B 484 -28.39 7.57 24.80
CA ASP B 484 -29.78 7.08 24.59
C ASP B 484 -30.02 5.67 25.12
N GLY B 485 -29.00 5.06 25.70
CA GLY B 485 -29.16 3.70 26.29
C GLY B 485 -28.99 2.57 25.27
N ARG B 486 -28.46 2.89 24.07
CA ARG B 486 -28.12 1.86 23.08
C ARG B 486 -26.62 1.88 22.79
N THR B 487 -26.11 0.77 22.29
CA THR B 487 -24.69 0.70 21.91
C THR B 487 -24.67 0.58 20.39
N TYR B 488 -23.78 1.37 19.75
CA TYR B 488 -23.69 1.40 18.32
C TYR B 488 -22.29 1.07 17.86
N LEU B 489 -22.18 0.08 16.98
CA LEU B 489 -20.90 -0.32 16.39
C LEU B 489 -20.80 0.43 15.08
N VAL B 490 -19.67 1.11 14.82
CA VAL B 490 -19.58 1.97 13.63
C VAL B 490 -18.30 1.57 12.91
N TYR B 491 -18.38 1.24 11.62
CA TYR B 491 -17.15 0.70 10.95
C TYR B 491 -17.26 1.11 9.45
N HIS B 492 -16.23 0.89 8.64
CA HIS B 492 -16.40 1.03 7.22
C HIS B 492 -16.47 -0.37 6.60
N THR B 493 -17.05 -0.49 5.40
CA THR B 493 -17.13 -1.79 4.76
C THR B 493 -16.76 -1.63 3.32
N ARG B 494 -16.20 -2.67 2.69
CA ARG B 494 -16.12 -2.76 1.23
C ARG B 494 -17.18 -3.72 0.75
N PHE B 495 -17.19 -3.99 -0.55
CA PHE B 495 -18.32 -4.70 -1.18
C PHE B 495 -17.79 -5.82 -2.06
N GLN B 496 -18.68 -6.73 -2.45
CA GLN B 496 -18.33 -7.86 -3.29
C GLN B 496 -17.93 -7.46 -4.72
N ASN B 497 -18.61 -6.51 -5.33
CA ASN B 497 -18.23 -6.12 -6.71
C ASN B 497 -18.36 -4.64 -6.99
N ARG B 498 -17.66 -3.83 -6.18
CA ARG B 498 -17.64 -2.41 -6.36
C ARG B 498 -16.20 -1.89 -6.25
N GLY B 499 -15.24 -2.58 -6.81
CA GLY B 499 -13.85 -2.05 -6.71
C GLY B 499 -13.41 -1.93 -5.27
N GLU B 500 -12.71 -0.84 -4.94
CA GLU B 500 -12.33 -0.54 -3.56
C GLU B 500 -13.28 0.52 -2.92
N GLU B 501 -14.53 0.65 -3.38
CA GLU B 501 -15.48 1.60 -2.78
C GLU B 501 -15.71 1.16 -1.35
N HIS B 502 -15.90 2.13 -0.47
CA HIS B 502 -16.17 1.84 0.93
C HIS B 502 -17.21 2.84 1.45
N GLU B 503 -17.98 2.45 2.45
CA GLU B 503 -18.97 3.32 3.11
C GLU B 503 -19.04 2.97 4.58
N VAL B 504 -19.63 3.87 5.34
CA VAL B 504 -19.85 3.70 6.76
C VAL B 504 -21.10 2.88 7.01
N ARG B 505 -21.06 2.09 8.09
CA ARG B 505 -22.24 1.31 8.57
C ARG B 505 -22.33 1.42 10.06
N VAL B 506 -23.55 1.31 10.57
CA VAL B 506 -23.82 1.33 11.99
C VAL B 506 -24.77 0.16 12.32
N HIS B 507 -24.39 -0.68 13.27
CA HIS B 507 -25.31 -1.73 13.80
C HIS B 507 -25.43 -1.56 15.29
N GLN B 508 -26.64 -1.76 15.82
CA GLN B 508 -26.80 -1.84 17.25
C GLN B 508 -26.10 -3.11 17.76
N VAL B 509 -25.70 -3.12 19.04
CA VAL B 509 -25.04 -4.22 19.66
C VAL B 509 -25.74 -4.53 20.98
N PHE B 510 -25.88 -5.81 21.30
CA PHE B 510 -26.49 -6.21 22.58
C PHE B 510 -25.52 -7.11 23.34
N GLN B 511 -25.81 -7.42 24.59
CA GLN B 511 -25.03 -8.46 25.29
C GLN B 511 -25.89 -9.68 25.48
N ASN B 512 -25.30 -10.85 25.24
CA ASN B 512 -25.99 -12.12 25.59
C ASN B 512 -25.97 -12.40 27.11
N GLU B 513 -26.55 -13.55 27.52
CA GLU B 513 -26.69 -13.91 28.93
C GLU B 513 -25.34 -13.98 29.63
N ASP B 514 -24.27 -14.27 28.89
CA ASP B 514 -22.92 -14.34 29.51
C ASP B 514 -22.12 -13.01 29.40
N GLY B 515 -22.82 -11.95 29.00
CA GLY B 515 -22.24 -10.59 28.89
C GLY B 515 -21.33 -10.38 27.68
N TRP B 516 -21.39 -11.26 26.67
CA TRP B 516 -20.61 -11.07 25.43
C TRP B 516 -21.42 -10.29 24.41
N LEU B 517 -20.73 -9.55 23.53
CA LEU B 517 -21.40 -8.72 22.55
C LEU B 517 -21.88 -9.57 21.38
N VAL B 518 -23.10 -9.27 20.93
CA VAL B 518 -23.67 -9.86 19.72
C VAL B 518 -24.21 -8.67 18.91
N ALA B 519 -23.93 -8.62 17.61
CA ALA B 519 -24.37 -7.52 16.77
C ALA B 519 -25.75 -7.81 16.19
N ALA B 520 -26.54 -6.75 16.05
CA ALA B 520 -27.76 -6.82 15.26
C ALA B 520 -27.39 -7.23 13.83
N PRO B 521 -28.19 -8.11 13.21
CA PRO B 521 -27.81 -8.55 11.86
C PRO B 521 -28.15 -7.58 10.76
N PHE B 522 -28.76 -6.45 11.11
CA PHE B 522 -29.16 -5.39 10.13
C PHE B 522 -28.73 -4.04 10.65
N GLU B 523 -28.54 -3.10 9.73
CA GLU B 523 -28.16 -1.71 10.07
C GLU B 523 -29.17 -1.07 10.98
N TYR B 524 -28.69 -0.14 11.80
CA TYR B 524 -29.59 0.57 12.71
C TYR B 524 -30.60 1.40 11.92
N THR B 525 -31.90 1.14 12.13
CA THR B 525 -32.88 1.88 11.38
C THR B 525 -33.90 2.50 12.34
N GLY B 526 -33.45 2.94 13.52
CA GLY B 526 -34.33 3.63 14.48
C GLY B 526 -35.07 2.73 15.46
N GLU B 527 -34.64 1.48 15.60
CA GLU B 527 -35.22 0.57 16.59
C GLU B 527 -35.23 1.20 18.00
N THR B 528 -36.34 1.04 18.72
CA THR B 528 -36.49 1.66 20.06
C THR B 528 -35.91 0.83 21.20
N VAL B 529 -35.70 -0.48 20.99
CA VAL B 529 -35.12 -1.32 22.03
C VAL B 529 -33.78 -0.77 22.59
N LYS B 530 -33.59 -0.88 23.90
CA LYS B 530 -32.41 -0.36 24.60
C LYS B 530 -31.60 -1.53 25.12
N SER B 531 -30.33 -1.29 25.42
CA SER B 531 -29.46 -2.39 25.86
C SER B 531 -30.00 -3.08 27.12
N ALA B 532 -30.51 -2.28 28.06
CA ALA B 532 -31.00 -2.81 29.33
C ALA B 532 -32.33 -3.56 29.18
N ASP B 533 -33.05 -3.37 28.08
CA ASP B 533 -34.32 -4.09 27.87
C ASP B 533 -34.10 -5.59 27.65
N ILE B 534 -32.89 -5.99 27.22
CA ILE B 534 -32.63 -7.41 26.90
C ILE B 534 -32.77 -8.33 28.13
N ALA B 535 -32.21 -7.89 29.27
CA ALA B 535 -32.21 -8.68 30.50
C ALA B 535 -33.57 -8.67 31.20
N THR B 536 -34.36 -7.64 30.94
CA THR B 536 -35.52 -7.29 31.81
C THR B 536 -36.85 -7.46 31.12
N SER B 537 -36.86 -7.68 29.81
CA SER B 537 -38.12 -7.83 29.09
C SER B 537 -37.94 -8.77 27.92
N GLN B 538 -39.06 -9.30 27.43
CA GLN B 538 -39.07 -10.16 26.25
C GLN B 538 -39.60 -9.37 25.06
N GLN B 539 -38.73 -9.09 24.09
CA GLN B 539 -39.10 -8.34 22.88
C GLN B 539 -40.05 -9.11 21.95
N VAL B 540 -39.82 -10.40 21.77
CA VAL B 540 -40.65 -11.16 20.86
C VAL B 540 -41.40 -12.27 21.59
N PRO B 541 -42.76 -12.24 21.52
CA PRO B 541 -43.60 -13.23 22.24
C PRO B 541 -43.27 -14.63 21.78
N THR B 542 -43.13 -15.55 22.73
CA THR B 542 -42.67 -16.88 22.34
C THR B 542 -43.53 -17.59 21.30
N ASN B 543 -44.84 -17.38 21.30
CA ASN B 543 -45.69 -17.93 20.23
C ASN B 543 -45.43 -17.31 18.85
N LYS B 544 -44.68 -16.21 18.76
CA LYS B 544 -44.36 -15.59 17.46
C LYS B 544 -43.03 -16.07 16.87
N ILE B 545 -42.26 -16.81 17.65
CA ILE B 545 -40.89 -17.23 17.22
C ILE B 545 -40.91 -18.30 16.12
N ALA B 546 -41.78 -19.32 16.24
CA ALA B 546 -41.70 -20.45 15.31
C ALA B 546 -41.94 -19.99 13.88
N GLY B 547 -41.18 -20.53 12.93
CA GLY B 547 -41.35 -20.13 11.53
C GLY B 547 -40.11 -20.39 10.72
N SER B 548 -40.08 -19.87 9.50
CA SER B 548 -39.01 -20.17 8.54
C SER B 548 -37.97 -19.07 8.68
N TYR B 549 -36.71 -19.45 8.90
CA TYR B 549 -35.64 -18.50 9.16
C TYR B 549 -34.55 -18.71 8.12
N LYS B 550 -33.79 -17.65 7.85
CA LYS B 550 -32.54 -17.76 7.08
C LYS B 550 -31.49 -17.71 8.17
N LEU B 551 -30.58 -18.67 8.11
CA LEU B 551 -29.56 -18.85 9.13
C LEU B 551 -28.21 -18.54 8.49
N LEU B 552 -27.46 -17.61 9.07
CA LEU B 552 -26.13 -17.26 8.53
C LEU B 552 -25.09 -17.54 9.62
N THR B 553 -24.00 -18.24 9.27
CA THR B 553 -22.94 -18.56 10.22
C THR B 553 -21.72 -17.74 9.79
N HIS B 554 -21.07 -17.08 10.73
CA HIS B 554 -19.86 -16.30 10.41
C HIS B 554 -18.64 -17.07 10.87
N PRO B 555 -18.01 -17.84 9.95
CA PRO B 555 -16.94 -18.74 10.31
C PRO B 555 -15.55 -18.05 10.26
N PHE B 556 -14.57 -18.63 10.94
CA PHE B 556 -13.15 -18.24 10.74
C PHE B 556 -12.67 -18.80 9.41
N LYS B 557 -11.57 -18.26 8.90
CA LYS B 557 -10.92 -18.81 7.71
C LYS B 557 -11.63 -18.66 6.36
N LEU B 558 -12.54 -17.69 6.20
CA LEU B 558 -13.07 -17.38 4.87
C LEU B 558 -11.90 -17.06 3.90
N ASP B 559 -12.04 -17.48 2.67
CA ASP B 559 -10.93 -17.27 1.71
C ASP B 559 -11.17 -15.93 0.94
N HIS B 560 -10.60 -14.85 1.48
CA HIS B 560 -10.79 -13.51 0.91
C HIS B 560 -10.05 -13.43 -0.42
N ARG B 561 -9.11 -14.32 -0.70
CA ARG B 561 -8.40 -14.26 -1.98
C ARG B 561 -9.30 -14.57 -3.19
N VAL B 562 -10.40 -15.27 -2.92
CA VAL B 562 -11.40 -15.51 -3.94
C VAL B 562 -12.72 -14.85 -3.55
N LYS B 563 -12.65 -13.81 -2.69
CA LYS B 563 -13.82 -13.06 -2.23
C LYS B 563 -14.97 -13.97 -1.74
N GLU B 564 -14.62 -14.91 -0.87
CA GLU B 564 -15.63 -15.82 -0.27
C GLU B 564 -16.57 -15.04 0.63
N LEU B 565 -17.85 -15.40 0.59
CA LEU B 565 -18.87 -14.78 1.43
C LEU B 565 -19.61 -15.84 2.20
N ALA B 566 -19.98 -15.60 3.46
CA ALA B 566 -20.92 -16.51 4.12
C ALA B 566 -22.28 -16.19 3.56
N LYS B 567 -23.10 -17.22 3.32
CA LYS B 567 -24.46 -17.00 2.82
C LYS B 567 -25.37 -17.93 3.61
N PRO B 568 -26.64 -17.55 3.75
CA PRO B 568 -27.53 -18.22 4.69
C PRO B 568 -28.14 -19.50 4.13
N VAL B 569 -28.64 -20.33 5.03
CA VAL B 569 -29.37 -21.55 4.61
C VAL B 569 -30.76 -21.49 5.21
N ASP B 570 -31.71 -22.24 4.64
CA ASP B 570 -33.10 -22.16 5.16
C ASP B 570 -33.28 -23.17 6.28
N ILE B 571 -33.78 -22.72 7.42
CA ILE B 571 -34.16 -23.65 8.49
C ILE B 571 -35.57 -23.30 8.98
N GLU B 572 -36.18 -24.24 9.69
CA GLU B 572 -37.47 -24.02 10.32
C GLU B 572 -37.31 -24.13 11.84
N LEU B 573 -37.73 -23.10 12.57
CA LEU B 573 -37.84 -23.24 14.02
C LEU B 573 -39.26 -23.70 14.31
N ASN B 574 -39.39 -24.91 14.82
CA ASN B 574 -40.71 -25.48 15.08
C ASN B 574 -41.24 -25.10 16.45
N ALA B 575 -42.57 -25.03 16.61
CA ALA B 575 -43.18 -24.66 17.87
C ALA B 575 -42.78 -25.59 19.03
N ASP B 576 -42.51 -26.85 18.74
CA ASP B 576 -42.06 -27.79 19.78
C ASP B 576 -40.61 -27.63 20.23
N GLY B 577 -39.91 -26.58 19.77
CA GLY B 577 -38.54 -26.37 20.21
C GLY B 577 -37.48 -27.05 19.35
N THR B 578 -37.92 -27.68 18.25
CA THR B 578 -36.94 -28.32 17.36
C THR B 578 -36.60 -27.43 16.16
N ILE B 579 -35.48 -27.72 15.50
CA ILE B 579 -35.10 -27.07 14.27
C ILE B 579 -34.99 -28.16 13.20
N THR B 580 -35.56 -27.92 12.02
CA THR B 580 -35.38 -28.81 10.87
C THR B 580 -34.97 -27.99 9.64
N GLY B 581 -34.75 -28.66 8.51
CA GLY B 581 -34.49 -27.96 7.23
C GLY B 581 -33.06 -28.26 6.80
N SER B 582 -32.26 -27.21 6.61
CA SER B 582 -30.85 -27.40 6.17
C SER B 582 -29.95 -28.01 7.21
N THR B 583 -30.26 -27.82 8.49
CA THR B 583 -29.73 -28.64 9.59
C THR B 583 -30.81 -28.85 10.62
N THR B 584 -30.42 -29.53 11.69
CA THR B 584 -31.37 -29.89 12.76
C THR B 584 -30.79 -29.44 14.08
N GLY B 585 -31.64 -29.34 15.09
CA GLY B 585 -31.16 -29.06 16.45
C GLY B 585 -32.36 -28.64 17.25
N THR B 586 -32.16 -27.74 18.21
CA THR B 586 -33.25 -27.31 19.07
C THR B 586 -33.06 -25.84 19.39
N TRP B 587 -34.11 -25.23 19.91
CA TRP B 587 -34.03 -23.85 20.36
C TRP B 587 -34.86 -23.70 21.62
N SER B 588 -34.45 -22.74 22.45
CA SER B 588 -35.22 -22.38 23.62
C SER B 588 -35.02 -20.91 23.98
N VAL B 589 -36.03 -20.35 24.64
CA VAL B 589 -35.93 -18.95 25.12
C VAL B 589 -36.13 -18.93 26.61
N LYS B 590 -35.63 -17.89 27.27
CA LYS B 590 -35.88 -17.70 28.71
C LYS B 590 -37.01 -16.67 28.83
N GLU B 591 -38.20 -17.10 29.26
CA GLU B 591 -39.34 -16.24 29.15
C GLU B 591 -39.17 -15.08 30.13
N GLY B 592 -39.66 -13.89 29.77
CA GLY B 592 -39.40 -12.67 30.56
C GLY B 592 -38.09 -11.93 30.23
N THR B 593 -37.25 -12.53 29.36
CA THR B 593 -36.05 -11.89 28.84
C THR B 593 -36.01 -12.02 27.32
N SER B 594 -35.04 -11.36 26.70
CA SER B 594 -34.90 -11.47 25.25
C SER B 594 -33.77 -12.45 24.85
N TYR B 595 -33.35 -13.32 25.77
CA TYR B 595 -32.32 -14.32 25.50
C TYR B 595 -32.86 -15.55 24.75
N ILE B 596 -32.02 -16.09 23.90
CA ILE B 596 -32.33 -17.30 23.18
C ILE B 596 -31.07 -18.18 23.08
N THR B 597 -31.31 -19.49 23.06
CA THR B 597 -30.25 -20.50 22.84
C THR B 597 -30.66 -21.33 21.64
N ILE B 598 -29.70 -21.49 20.72
CA ILE B 598 -29.89 -22.25 19.50
C ILE B 598 -28.84 -23.34 19.58
N ASN B 599 -29.28 -24.61 19.59
CA ASN B 599 -28.35 -25.75 19.60
C ASN B 599 -28.34 -26.39 18.23
N LEU B 600 -27.22 -26.26 17.54
CA LEU B 600 -27.06 -26.86 16.24
C LEU B 600 -26.06 -28.00 16.47
N ASP B 601 -24.92 -28.00 15.78
CA ASP B 601 -23.88 -28.93 16.17
C ASP B 601 -23.21 -28.50 17.48
N LYS B 602 -23.37 -27.23 17.85
CA LYS B 602 -22.99 -26.79 19.19
C LYS B 602 -23.94 -25.70 19.62
N GLU B 603 -23.76 -25.22 20.84
CA GLU B 603 -24.69 -24.31 21.48
C GLU B 603 -24.32 -22.83 21.23
N TYR B 604 -25.29 -22.06 20.76
CA TYR B 604 -25.08 -20.66 20.48
C TYR B 604 -26.01 -19.90 21.39
N LYS B 605 -25.46 -18.94 22.14
CA LYS B 605 -26.30 -18.14 23.06
C LYS B 605 -26.41 -16.69 22.61
N GLY B 606 -27.64 -16.17 22.59
CA GLY B 606 -27.83 -14.86 22.00
C GLY B 606 -29.08 -14.18 22.48
N VAL B 607 -29.58 -13.31 21.61
CA VAL B 607 -30.70 -12.39 21.88
C VAL B 607 -31.60 -12.52 20.68
N ILE B 608 -32.91 -12.31 20.85
CA ILE B 608 -33.85 -12.24 19.73
C ILE B 608 -34.67 -10.93 19.88
N VAL B 609 -34.74 -10.15 18.81
CA VAL B 609 -35.37 -8.82 18.78
C VAL B 609 -36.04 -8.56 17.46
N GLU B 610 -36.78 -7.45 17.35
CA GLU B 610 -37.30 -6.98 16.06
C GLU B 610 -36.26 -6.17 15.31
N GLN B 611 -36.24 -6.29 13.98
CA GLN B 611 -35.41 -5.38 13.16
C GLN B 611 -36.23 -4.93 12.00
N THR B 612 -35.75 -3.88 11.35
CA THR B 612 -36.28 -3.45 10.05
C THR B 612 -35.28 -3.79 8.96
N LEU B 613 -35.80 -4.29 7.86
CA LEU B 613 -34.98 -4.77 6.74
C LEU B 613 -34.66 -3.69 5.71
N GLU B 614 -33.61 -2.89 5.97
CA GLU B 614 -33.25 -1.81 5.08
C GLU B 614 -33.07 -2.30 3.64
N PRO B 615 -33.41 -1.46 2.64
CA PRO B 615 -33.94 -0.10 2.85
C PRO B 615 -35.49 -0.03 2.91
N THR B 616 -36.13 -1.15 3.19
CA THR B 616 -37.61 -1.18 3.27
C THR B 616 -38.13 -0.86 4.66
N SER B 617 -39.45 -0.84 4.83
CA SER B 617 -40.03 -0.79 6.16
C SER B 617 -40.51 -2.18 6.64
N ASP B 618 -40.14 -3.24 5.93
CA ASP B 618 -40.51 -4.61 6.35
C ASP B 618 -39.76 -5.01 7.64
N LYS B 619 -40.51 -5.69 8.51
CA LYS B 619 -40.02 -6.04 9.82
C LYS B 619 -39.64 -7.53 9.85
N ALA B 620 -38.69 -7.86 10.71
CA ALA B 620 -38.33 -9.25 10.90
C ALA B 620 -38.09 -9.53 12.37
N PHE B 621 -38.28 -10.80 12.76
CA PHE B 621 -37.76 -11.29 14.05
C PHE B 621 -36.39 -11.88 13.78
N VAL B 622 -35.40 -11.51 14.58
CA VAL B 622 -34.01 -11.85 14.24
C VAL B 622 -33.26 -12.30 15.46
N PHE B 623 -32.40 -13.32 15.32
CA PHE B 623 -31.61 -13.71 16.45
C PHE B 623 -30.15 -13.50 16.11
N THR B 624 -29.34 -13.30 17.12
CA THR B 624 -27.91 -13.16 16.91
C THR B 624 -27.28 -13.82 18.14
N ALA B 625 -26.30 -14.72 17.94
CA ALA B 625 -25.83 -15.57 19.02
C ALA B 625 -24.40 -16.01 18.80
N LEU B 626 -23.78 -16.57 19.83
CA LEU B 626 -22.33 -16.80 19.85
C LEU B 626 -21.99 -18.11 20.55
N ASN B 627 -20.98 -18.82 20.08
CA ASN B 627 -20.42 -19.97 20.81
C ASN B 627 -19.06 -19.55 21.35
N ARG B 628 -18.61 -20.19 22.42
CA ARG B 628 -17.32 -19.82 23.02
C ARG B 628 -16.17 -19.97 22.07
N ASN B 629 -16.36 -20.69 20.97
CA ASN B 629 -15.23 -20.80 20.03
C ASN B 629 -15.05 -19.53 19.19
N GLY B 630 -16.00 -18.59 19.31
CA GLY B 630 -15.86 -17.25 18.72
C GLY B 630 -16.74 -17.09 17.49
N VAL B 631 -17.40 -18.16 17.07
CA VAL B 631 -18.23 -18.14 15.87
C VAL B 631 -19.61 -17.61 16.22
N THR B 632 -20.16 -16.75 15.36
CA THR B 632 -21.47 -16.17 15.57
C THR B 632 -22.44 -16.68 14.52
N ILE B 633 -23.70 -16.71 14.91
CA ILE B 633 -24.78 -16.99 13.95
C ILE B 633 -25.82 -15.90 13.99
N TRP B 634 -26.49 -15.70 12.85
CA TRP B 634 -27.56 -14.72 12.76
C TRP B 634 -28.73 -15.44 12.09
N GLY B 635 -29.95 -15.02 12.38
CA GLY B 635 -31.10 -15.66 11.74
C GLY B 635 -32.19 -14.65 11.63
N TYR B 636 -32.97 -14.66 10.53
CA TYR B 636 -34.14 -13.77 10.50
C TYR B 636 -35.34 -14.43 9.89
N LYS B 637 -36.51 -13.99 10.34
CA LYS B 637 -37.80 -14.41 9.78
C LYS B 637 -38.64 -13.15 9.52
N PRO B 638 -38.99 -12.87 8.27
CA PRO B 638 -39.85 -11.74 7.92
C PRO B 638 -41.18 -11.87 8.66
N ILE B 639 -41.68 -10.80 9.27
CA ILE B 639 -42.98 -10.87 9.98
C ILE B 639 -44.06 -10.86 8.92
N GLU B 640 -45.09 -11.70 9.09
CA GLU B 640 -46.11 -11.92 8.06
C GLU B 640 -47.46 -11.38 8.51
N SER B 641 -48.39 -11.23 7.57
CA SER B 641 -49.77 -10.82 7.87
C SER B 641 -50.49 -11.82 8.78
I IOD C . -8.49 14.46 -8.59
I IOD D . -0.69 -8.77 -33.82
I IOD E . 19.93 -24.31 -19.41
I IOD F . 27.75 -1.70 -31.19
I IOD G . 1.69 -13.12 0.38
I IOD H . 5.54 -15.52 2.87
I IOD I . 15.85 14.66 -5.10
I IOD J . 25.18 -16.42 -23.62
I IOD K . 49.93 -14.05 -21.27
I IOD L . 50.33 -20.04 -13.82
I IOD M . 7.47 1.80 -0.39
I IOD N . -16.26 -12.29 -26.92
I IOD O . 22.41 20.01 -15.92
I IOD P . 38.87 9.62 -11.50
I IOD Q . 15.46 -0.46 7.77
I IOD R . -16.22 8.76 -16.64
I IOD S . 37.37 -21.21 -20.82
I IOD T . 28.21 -5.86 3.37
I IOD U . 35.79 5.46 -0.08
I IOD V . -13.14 -15.20 -25.82
I IOD W . -15.09 -11.77 -8.41
I IOD X . 49.46 1.21 -4.68
I IOD Y . 4.22 -21.21 -18.71
I IOD Z . 27.03 13.25 -28.05
I IOD AA . -9.56 5.27 -4.67
I IOD BA . -24.82 0.65 -31.20
I IOD CA . -8.61 18.50 -32.91
I IOD DA . 22.73 -11.50 3.32
I IOD EA . -23.74 -4.12 -21.53
I IOD FA . 1.74 21.78 -26.77
I IOD GA . 37.84 3.22 -20.01
I IOD HA . -14.88 -15.29 -22.79
I IOD IA . 38.81 3.96 -16.78
C1 GOL JA . 4.67 3.73 -9.31
O1 GOL JA . 5.58 3.83 -8.22
C2 GOL JA . 4.44 2.27 -9.74
O2 GOL JA . 5.15 1.30 -8.94
C3 GOL JA . 4.75 2.20 -11.25
O3 GOL JA . 4.69 0.84 -11.73
NA NA KA . 8.99 2.63 -17.84
I IOD LA . -13.90 -24.52 22.19
I IOD MA . -21.06 -17.49 25.05
I IOD NA . -18.63 11.15 1.21
I IOD OA . 2.21 -2.09 33.24
I IOD PA . -31.85 -25.51 23.29
I IOD QA . -32.10 -19.09 26.88
I IOD RA . -1.37 -16.72 -1.29
I IOD SA . 4.97 17.28 4.10
I IOD TA . -18.35 -23.15 11.81
I IOD UA . -14.43 -5.56 -8.84
I IOD VA . 8.32 8.01 1.86
I IOD WA . 13.64 15.06 12.91
I IOD XA . 23.87 5.20 19.49
I IOD YA . 16.05 -6.94 26.24
I IOD ZA . -44.87 -13.96 12.14
I IOD AB . -26.48 16.71 10.91
I IOD BB . 17.51 -6.26 8.56
I IOD CB . 0.67 -17.96 20.82
I IOD DB . -25.70 -12.80 -3.33
I IOD EB . -44.35 -28.49 16.01
I IOD FB . -50.58 5.92 15.32
I IOD GB . 17.86 -7.17 23.09
I IOD HB . -29.70 11.19 24.23
I IOD IB . -7.37 -0.06 -1.24
I IOD JB . -12.44 -12.99 -7.15
I IOD KB . -22.58 -12.56 -4.73
I IOD LB . -21.74 -9.93 -7.26
I IOD MB . -37.82 -2.15 18.05
I IOD NB . 15.24 -8.18 7.66
I IOD OB . -72.70 -3.14 10.94
C1 GOL PB . -5.18 3.90 6.82
O1 GOL PB . -6.32 3.86 5.97
C2 GOL PB . -5.41 2.77 7.83
O2 GOL PB . -5.03 1.54 7.21
C3 GOL PB . -4.69 2.97 9.18
O3 GOL PB . -4.77 1.75 9.93
NA NA QB . -9.56 3.47 15.71
#